data_6LWZ
# 
_entry.id   6LWZ 
# 
_audit_conform.dict_name       mmcif_pdbx.dic 
_audit_conform.dict_version    5.397 
_audit_conform.dict_location   http://mmcif.pdb.org/dictionaries/ascii/mmcif_pdbx.dic 
# 
loop_
_database_2.database_id 
_database_2.database_code 
_database_2.pdbx_database_accession 
_database_2.pdbx_DOI 
PDB   6LWZ         pdb_00006lwz 10.2210/pdb6lwz/pdb 
WWPDB D_1300015636 ?            ?                   
# 
loop_
_pdbx_audit_revision_history.ordinal 
_pdbx_audit_revision_history.data_content_type 
_pdbx_audit_revision_history.major_revision 
_pdbx_audit_revision_history.minor_revision 
_pdbx_audit_revision_history.revision_date 
1 'Structure model' 1 0 2021-02-10 
2 'Structure model' 1 1 2023-11-29 
3 'Structure model' 1 2 2024-10-16 
# 
_pdbx_audit_revision_details.ordinal             1 
_pdbx_audit_revision_details.revision_ordinal    1 
_pdbx_audit_revision_details.data_content_type   'Structure model' 
_pdbx_audit_revision_details.provider            repository 
_pdbx_audit_revision_details.type                'Initial release' 
_pdbx_audit_revision_details.description         ? 
_pdbx_audit_revision_details.details             ? 
# 
loop_
_pdbx_audit_revision_group.ordinal 
_pdbx_audit_revision_group.revision_ordinal 
_pdbx_audit_revision_group.data_content_type 
_pdbx_audit_revision_group.group 
1 2 'Structure model' 'Data collection'        
2 2 'Structure model' 'Database references'    
3 2 'Structure model' 'Refinement description' 
4 3 'Structure model' 'Structure summary'      
# 
loop_
_pdbx_audit_revision_category.ordinal 
_pdbx_audit_revision_category.revision_ordinal 
_pdbx_audit_revision_category.data_content_type 
_pdbx_audit_revision_category.category 
1 2 'Structure model' chem_comp_atom                
2 2 'Structure model' chem_comp_bond                
3 2 'Structure model' database_2                    
4 2 'Structure model' pdbx_initial_refinement_model 
5 3 'Structure model' pdbx_entry_details            
6 3 'Structure model' pdbx_modification_feature     
# 
loop_
_pdbx_audit_revision_item.ordinal 
_pdbx_audit_revision_item.revision_ordinal 
_pdbx_audit_revision_item.data_content_type 
_pdbx_audit_revision_item.item 
1 2 'Structure model' '_database_2.pdbx_DOI'                
2 2 'Structure model' '_database_2.pdbx_database_accession' 
# 
_pdbx_database_status.status_code                     REL 
_pdbx_database_status.status_code_sf                  REL 
_pdbx_database_status.status_code_mr                  ? 
_pdbx_database_status.entry_id                        6LWZ 
_pdbx_database_status.recvd_initial_deposition_date   2020-02-09 
_pdbx_database_status.SG_entry                        N 
_pdbx_database_status.deposit_site                    PDBJ 
_pdbx_database_status.process_site                    PDBJ 
_pdbx_database_status.status_code_cs                  ? 
_pdbx_database_status.status_code_nmr_data            ? 
_pdbx_database_status.methods_development_category    ? 
_pdbx_database_status.pdb_format_compatible           Y 
# 
loop_
_audit_author.name 
_audit_author.pdbx_ordinal 
_audit_author.identifier_ORCID 
'Thakur, K.G.' 1 0000-0003-4500-2133 
'Solanki, V.'  2 0000-0003-0354-9296 
# 
_citation.abstract                  ? 
_citation.abstract_id_CAS           ? 
_citation.book_id_ISBN              ? 
_citation.book_publisher            ? 
_citation.book_publisher_city       ? 
_citation.book_title                ? 
_citation.coordinate_linkage        ? 
_citation.country                   ? 
_citation.database_id_Medline       ? 
_citation.details                   ? 
_citation.id                        primary 
_citation.journal_abbrev            'To Be Published' 
_citation.journal_id_ASTM           ? 
_citation.journal_id_CSD            0353 
_citation.journal_id_ISSN           ? 
_citation.journal_full              ? 
_citation.journal_issue             ? 
_citation.journal_volume            ? 
_citation.language                  ? 
_citation.page_first                ? 
_citation.page_last                 ? 
_citation.title                     
'Crystal structure of Laterosporulin10, bacteriocin produced by Brevibacillus sp. strain SKDU10' 
_citation.year                      ? 
_citation.database_id_CSD           ? 
_citation.pdbx_database_id_DOI      ? 
_citation.pdbx_database_id_PubMed   ? 
_citation.unpublished_flag          ? 
# 
loop_
_citation_author.citation_id 
_citation_author.name 
_citation_author.ordinal 
_citation_author.identifier_ORCID 
primary 'Thakur, K.G.' 1 0000-0003-4500-2133 
primary 'Solanki, V.'  2 0000-0003-0354-9296 
# 
loop_
_entity.id 
_entity.type 
_entity.src_method 
_entity.pdbx_description 
_entity.formula_weight 
_entity.pdbx_number_of_molecules 
_entity.pdbx_ec 
_entity.pdbx_mutation 
_entity.pdbx_fragment 
_entity.details 
1 polymer nat Bacteriocin 6077.050 2  ? ? ? ? 
2 water   nat water       18.015   14 ? ? ? ? 
# 
_entity_poly.entity_id                      1 
_entity_poly.type                           'polypeptide(L)' 
_entity_poly.nstd_linkage                   no 
_entity_poly.nstd_monomer                   no 
_entity_poly.pdbx_seq_one_letter_code       ACVNQCPDAIDRFIVKDKGCHGVEKKYYKQVYVACMNGQHLYCRTEWGGPCQL 
_entity_poly.pdbx_seq_one_letter_code_can   ACVNQCPDAIDRFIVKDKGCHGVEKKYYKQVYVACMNGQHLYCRTEWGGPCQL 
_entity_poly.pdbx_strand_id                 A,B 
_entity_poly.pdbx_target_identifier         ? 
# 
_pdbx_entity_nonpoly.entity_id   2 
_pdbx_entity_nonpoly.name        water 
_pdbx_entity_nonpoly.comp_id     HOH 
# 
loop_
_entity_poly_seq.entity_id 
_entity_poly_seq.num 
_entity_poly_seq.mon_id 
_entity_poly_seq.hetero 
1 1  ALA n 
1 2  CYS n 
1 3  VAL n 
1 4  ASN n 
1 5  GLN n 
1 6  CYS n 
1 7  PRO n 
1 8  ASP n 
1 9  ALA n 
1 10 ILE n 
1 11 ASP n 
1 12 ARG n 
1 13 PHE n 
1 14 ILE n 
1 15 VAL n 
1 16 LYS n 
1 17 ASP n 
1 18 LYS n 
1 19 GLY n 
1 20 CYS n 
1 21 HIS n 
1 22 GLY n 
1 23 VAL n 
1 24 GLU n 
1 25 LYS n 
1 26 LYS n 
1 27 TYR n 
1 28 TYR n 
1 29 LYS n 
1 30 GLN n 
1 31 VAL n 
1 32 TYR n 
1 33 VAL n 
1 34 ALA n 
1 35 CYS n 
1 36 MET n 
1 37 ASN n 
1 38 GLY n 
1 39 GLN n 
1 40 HIS n 
1 41 LEU n 
1 42 TYR n 
1 43 CYS n 
1 44 ARG n 
1 45 THR n 
1 46 GLU n 
1 47 TRP n 
1 48 GLY n 
1 49 GLY n 
1 50 PRO n 
1 51 CYS n 
1 52 GLN n 
1 53 LEU n 
# 
_entity_src_nat.entity_id                  1 
_entity_src_nat.pdbx_src_id                1 
_entity_src_nat.pdbx_alt_source_flag       sample 
_entity_src_nat.pdbx_beg_seq_num           1 
_entity_src_nat.pdbx_end_seq_num           53 
_entity_src_nat.common_name                ? 
_entity_src_nat.pdbx_organism_scientific   'Brevibacillus sp. SKDU10' 
_entity_src_nat.pdbx_ncbi_taxonomy_id      1247872 
_entity_src_nat.genus                      ? 
_entity_src_nat.species                    ? 
_entity_src_nat.strain                     ? 
_entity_src_nat.tissue                     ? 
_entity_src_nat.tissue_fraction            ? 
_entity_src_nat.pdbx_secretion             ? 
_entity_src_nat.pdbx_fragment              ? 
_entity_src_nat.pdbx_variant               ? 
_entity_src_nat.pdbx_cell_line             ? 
_entity_src_nat.pdbx_atcc                  ? 
_entity_src_nat.pdbx_cellular_location     ? 
_entity_src_nat.pdbx_organ                 ? 
_entity_src_nat.pdbx_organelle             ? 
_entity_src_nat.pdbx_cell                  ? 
_entity_src_nat.pdbx_plasmid_name          ? 
_entity_src_nat.pdbx_plasmid_details       ? 
_entity_src_nat.details                    ? 
# 
loop_
_chem_comp.id 
_chem_comp.type 
_chem_comp.mon_nstd_flag 
_chem_comp.name 
_chem_comp.pdbx_synonyms 
_chem_comp.formula 
_chem_comp.formula_weight 
ALA 'L-peptide linking' y ALANINE         ? 'C3 H7 N O2'     89.093  
ARG 'L-peptide linking' y ARGININE        ? 'C6 H15 N4 O2 1' 175.209 
ASN 'L-peptide linking' y ASPARAGINE      ? 'C4 H8 N2 O3'    132.118 
ASP 'L-peptide linking' y 'ASPARTIC ACID' ? 'C4 H7 N O4'     133.103 
CYS 'L-peptide linking' y CYSTEINE        ? 'C3 H7 N O2 S'   121.158 
GLN 'L-peptide linking' y GLUTAMINE       ? 'C5 H10 N2 O3'   146.144 
GLU 'L-peptide linking' y 'GLUTAMIC ACID' ? 'C5 H9 N O4'     147.129 
GLY 'peptide linking'   y GLYCINE         ? 'C2 H5 N O2'     75.067  
HIS 'L-peptide linking' y HISTIDINE       ? 'C6 H10 N3 O2 1' 156.162 
HOH non-polymer         . WATER           ? 'H2 O'           18.015  
ILE 'L-peptide linking' y ISOLEUCINE      ? 'C6 H13 N O2'    131.173 
LEU 'L-peptide linking' y LEUCINE         ? 'C6 H13 N O2'    131.173 
LYS 'L-peptide linking' y LYSINE          ? 'C6 H15 N2 O2 1' 147.195 
MET 'L-peptide linking' y METHIONINE      ? 'C5 H11 N O2 S'  149.211 
PHE 'L-peptide linking' y PHENYLALANINE   ? 'C9 H11 N O2'    165.189 
PRO 'L-peptide linking' y PROLINE         ? 'C5 H9 N O2'     115.130 
THR 'L-peptide linking' y THREONINE       ? 'C4 H9 N O3'     119.119 
TRP 'L-peptide linking' y TRYPTOPHAN      ? 'C11 H12 N2 O2'  204.225 
TYR 'L-peptide linking' y TYROSINE        ? 'C9 H11 N O3'    181.189 
VAL 'L-peptide linking' y VALINE          ? 'C5 H11 N O2'    117.146 
# 
loop_
_pdbx_poly_seq_scheme.asym_id 
_pdbx_poly_seq_scheme.entity_id 
_pdbx_poly_seq_scheme.seq_id 
_pdbx_poly_seq_scheme.mon_id 
_pdbx_poly_seq_scheme.ndb_seq_num 
_pdbx_poly_seq_scheme.pdb_seq_num 
_pdbx_poly_seq_scheme.auth_seq_num 
_pdbx_poly_seq_scheme.pdb_mon_id 
_pdbx_poly_seq_scheme.auth_mon_id 
_pdbx_poly_seq_scheme.pdb_strand_id 
_pdbx_poly_seq_scheme.pdb_ins_code 
_pdbx_poly_seq_scheme.hetero 
A 1 1  ALA 1  2  2  ALA ALA A . n 
A 1 2  CYS 2  3  3  CYS CYS A . n 
A 1 3  VAL 3  4  4  VAL VAL A . n 
A 1 4  ASN 4  5  5  ASN ASN A . n 
A 1 5  GLN 5  6  6  GLN GLN A . n 
A 1 6  CYS 6  7  7  CYS CYS A . n 
A 1 7  PRO 7  8  8  PRO PRO A . n 
A 1 8  ASP 8  9  9  ASP ASP A . n 
A 1 9  ALA 9  10 10 ALA ALA A . n 
A 1 10 ILE 10 11 11 ILE ILE A . n 
A 1 11 ASP 11 12 12 ASP ASP A . n 
A 1 12 ARG 12 13 13 ARG ARG A . n 
A 1 13 PHE 13 14 14 PHE PHE A . n 
A 1 14 ILE 14 15 15 ILE ILE A . n 
A 1 15 VAL 15 16 16 VAL VAL A . n 
A 1 16 LYS 16 17 17 LYS LYS A . n 
A 1 17 ASP 17 18 18 ASP ASP A . n 
A 1 18 LYS 18 19 19 LYS LYS A . n 
A 1 19 GLY 19 20 20 GLY GLY A . n 
A 1 20 CYS 20 21 21 CYS CYS A . n 
A 1 21 HIS 21 22 22 HIS HIS A . n 
A 1 22 GLY 22 23 23 GLY GLY A . n 
A 1 23 VAL 23 24 24 VAL VAL A . n 
A 1 24 GLU 24 25 25 GLU GLU A . n 
A 1 25 LYS 25 26 26 LYS LYS A . n 
A 1 26 LYS 26 27 27 LYS LYS A . n 
A 1 27 TYR 27 28 28 TYR TYR A . n 
A 1 28 TYR 28 29 29 TYR TYR A . n 
A 1 29 LYS 29 30 30 LYS LYS A . n 
A 1 30 GLN 30 31 31 GLN GLN A . n 
A 1 31 VAL 31 32 32 VAL VAL A . n 
A 1 32 TYR 32 33 33 TYR TYR A . n 
A 1 33 VAL 33 34 34 VAL VAL A . n 
A 1 34 ALA 34 35 35 ALA ALA A . n 
A 1 35 CYS 35 36 36 CYS CYS A . n 
A 1 36 MET 36 37 37 MET MET A . n 
A 1 37 ASN 37 38 38 ASN ASN A . n 
A 1 38 GLY 38 39 39 GLY GLY A . n 
A 1 39 GLN 39 40 40 GLN GLN A . n 
A 1 40 HIS 40 41 41 HIS HIS A . n 
A 1 41 LEU 41 42 42 LEU LEU A . n 
A 1 42 TYR 42 43 43 TYR TYR A . n 
A 1 43 CYS 43 44 44 CYS CYS A . n 
A 1 44 ARG 44 45 45 ARG ARG A . n 
A 1 45 THR 45 46 46 THR THR A . n 
A 1 46 GLU 46 47 47 GLU GLU A . n 
A 1 47 TRP 47 48 48 TRP TRP A . n 
A 1 48 GLY 48 49 49 GLY GLY A . n 
A 1 49 GLY 49 50 50 GLY GLY A . n 
A 1 50 PRO 50 51 51 PRO PRO A . n 
A 1 51 CYS 51 52 52 CYS CYS A . n 
A 1 52 GLN 52 53 53 GLN GLN A . n 
A 1 53 LEU 53 54 54 LEU LEU A . n 
B 1 1  ALA 1  2  2  ALA ALA B . n 
B 1 2  CYS 2  3  3  CYS CYS B . n 
B 1 3  VAL 3  4  4  VAL VAL B . n 
B 1 4  ASN 4  5  5  ASN ASN B . n 
B 1 5  GLN 5  6  6  GLN GLN B . n 
B 1 6  CYS 6  7  7  CYS CYS B . n 
B 1 7  PRO 7  8  8  PRO PRO B . n 
B 1 8  ASP 8  9  9  ASP ASP B . n 
B 1 9  ALA 9  10 10 ALA ALA B . n 
B 1 10 ILE 10 11 11 ILE ILE B . n 
B 1 11 ASP 11 12 12 ASP ASP B . n 
B 1 12 ARG 12 13 13 ARG ARG B . n 
B 1 13 PHE 13 14 14 PHE PHE B . n 
B 1 14 ILE 14 15 15 ILE ILE B . n 
B 1 15 VAL 15 16 16 VAL VAL B . n 
B 1 16 LYS 16 17 17 LYS LYS B . n 
B 1 17 ASP 17 18 18 ASP ASP B . n 
B 1 18 LYS 18 19 19 LYS LYS B . n 
B 1 19 GLY 19 20 20 GLY GLY B . n 
B 1 20 CYS 20 21 21 CYS CYS B . n 
B 1 21 HIS 21 22 22 HIS HIS B . n 
B 1 22 GLY 22 23 23 GLY GLY B . n 
B 1 23 VAL 23 24 24 VAL VAL B . n 
B 1 24 GLU 24 25 25 GLU GLU B . n 
B 1 25 LYS 25 26 26 LYS LYS B . n 
B 1 26 LYS 26 27 27 LYS LYS B . n 
B 1 27 TYR 27 28 28 TYR TYR B . n 
B 1 28 TYR 28 29 29 TYR TYR B . n 
B 1 29 LYS 29 30 30 LYS LYS B . n 
B 1 30 GLN 30 31 31 GLN GLN B . n 
B 1 31 VAL 31 32 32 VAL VAL B . n 
B 1 32 TYR 32 33 33 TYR TYR B . n 
B 1 33 VAL 33 34 34 VAL VAL B . n 
B 1 34 ALA 34 35 35 ALA ALA B . n 
B 1 35 CYS 35 36 36 CYS CYS B . n 
B 1 36 MET 36 37 37 MET MET B . n 
B 1 37 ASN 37 38 38 ASN ASN B . n 
B 1 38 GLY 38 39 39 GLY GLY B . n 
B 1 39 GLN 39 40 40 GLN GLN B . n 
B 1 40 HIS 40 41 41 HIS HIS B . n 
B 1 41 LEU 41 42 42 LEU LEU B . n 
B 1 42 TYR 42 43 43 TYR TYR B . n 
B 1 43 CYS 43 44 44 CYS CYS B . n 
B 1 44 ARG 44 45 45 ARG ARG B . n 
B 1 45 THR 45 46 46 THR THR B . n 
B 1 46 GLU 46 47 47 GLU GLU B . n 
B 1 47 TRP 47 48 48 TRP TRP B . n 
B 1 48 GLY 48 49 49 GLY GLY B . n 
B 1 49 GLY 49 50 50 GLY GLY B . n 
B 1 50 PRO 50 51 51 PRO PRO B . n 
B 1 51 CYS 51 52 52 CYS CYS B . n 
B 1 52 GLN 52 53 53 GLN GLN B . n 
B 1 53 LEU 53 54 54 LEU LEU B . n 
# 
loop_
_pdbx_nonpoly_scheme.asym_id 
_pdbx_nonpoly_scheme.entity_id 
_pdbx_nonpoly_scheme.mon_id 
_pdbx_nonpoly_scheme.ndb_seq_num 
_pdbx_nonpoly_scheme.pdb_seq_num 
_pdbx_nonpoly_scheme.auth_seq_num 
_pdbx_nonpoly_scheme.pdb_mon_id 
_pdbx_nonpoly_scheme.auth_mon_id 
_pdbx_nonpoly_scheme.pdb_strand_id 
_pdbx_nonpoly_scheme.pdb_ins_code 
C 2 HOH 1  101 14 HOH HOH A . 
C 2 HOH 2  102 6  HOH HOH A . 
C 2 HOH 3  103 5  HOH HOH A . 
C 2 HOH 4  104 2  HOH HOH A . 
C 2 HOH 5  105 4  HOH HOH A . 
C 2 HOH 6  106 11 HOH HOH A . 
C 2 HOH 7  107 10 HOH HOH A . 
C 2 HOH 8  108 1  HOH HOH A . 
C 2 HOH 9  109 7  HOH HOH A . 
C 2 HOH 10 110 9  HOH HOH A . 
D 2 HOH 1  101 8  HOH HOH B . 
D 2 HOH 2  102 3  HOH HOH B . 
D 2 HOH 3  103 12 HOH HOH B . 
D 2 HOH 4  104 13 HOH HOH B . 
# 
loop_
_software.citation_id 
_software.classification 
_software.compiler_name 
_software.compiler_version 
_software.contact_author 
_software.contact_author_email 
_software.date 
_software.description 
_software.dependencies 
_software.hardware 
_software.language 
_software.location 
_software.mods 
_software.name 
_software.os 
_software.os_version 
_software.type 
_software.version 
_software.pdbx_ordinal 
? 'data scaling'    ? ? ? ? ? ? ? ? ? ? ? SCALA       ? ? ? 3.3.22   1 
? refinement        ? ? ? ? ? ? ? ? ? ? ? REFMAC      ? ? ? 5.8.0218 2 
? 'data extraction' ? ? ? ? ? ? ? ? ? ? ? PDB_EXTRACT ? ? ? 3.25     3 
? 'data reduction'  ? ? ? ? ? ? ? ? ? ? ? MOSFLM      ? ? ? .        4 
? phasing           ? ? ? ? ? ? ? ? ? ? ? PHASER      ? ? ? .        5 
# 
_cell.angle_alpha                  110.620 
_cell.angle_alpha_esd              ? 
_cell.angle_beta                   89.990 
_cell.angle_beta_esd               ? 
_cell.angle_gamma                  104.940 
_cell.angle_gamma_esd              ? 
_cell.entry_id                     6LWZ 
_cell.details                      ? 
_cell.formula_units_Z              ? 
_cell.length_a                     22.280 
_cell.length_a_esd                 ? 
_cell.length_b                     29.340 
_cell.length_b_esd                 ? 
_cell.length_c                     32.150 
_cell.length_c_esd                 ? 
_cell.volume                       ? 
_cell.volume_esd                   ? 
_cell.Z_PDB                        2 
_cell.reciprocal_angle_alpha       ? 
_cell.reciprocal_angle_beta        ? 
_cell.reciprocal_angle_gamma       ? 
_cell.reciprocal_angle_alpha_esd   ? 
_cell.reciprocal_angle_beta_esd    ? 
_cell.reciprocal_angle_gamma_esd   ? 
_cell.reciprocal_length_a          ? 
_cell.reciprocal_length_b          ? 
_cell.reciprocal_length_c          ? 
_cell.reciprocal_length_a_esd      ? 
_cell.reciprocal_length_b_esd      ? 
_cell.reciprocal_length_c_esd      ? 
_cell.pdbx_unique_axis             ? 
# 
_symmetry.entry_id                         6LWZ 
_symmetry.cell_setting                     ? 
_symmetry.Int_Tables_number                1 
_symmetry.space_group_name_Hall            ? 
_symmetry.space_group_name_H-M             'P 1' 
_symmetry.pdbx_full_space_group_name_H-M   ? 
# 
_exptl.absorpt_coefficient_mu     ? 
_exptl.absorpt_correction_T_max   ? 
_exptl.absorpt_correction_T_min   ? 
_exptl.absorpt_correction_type    ? 
_exptl.absorpt_process_details    ? 
_exptl.entry_id                   6LWZ 
_exptl.crystals_number            1 
_exptl.details                    ? 
_exptl.method                     'X-RAY DIFFRACTION' 
_exptl.method_details             ? 
# 
_exptl_crystal.colour                      ? 
_exptl_crystal.density_diffrn              ? 
_exptl_crystal.density_Matthews            1.57 
_exptl_crystal.density_method              ? 
_exptl_crystal.density_percent_sol         21.46 
_exptl_crystal.description                 ? 
_exptl_crystal.F_000                       ? 
_exptl_crystal.id                          1 
_exptl_crystal.preparation                 ? 
_exptl_crystal.size_max                    ? 
_exptl_crystal.size_mid                    ? 
_exptl_crystal.size_min                    ? 
_exptl_crystal.size_rad                    ? 
_exptl_crystal.colour_lustre               ? 
_exptl_crystal.colour_modifier             ? 
_exptl_crystal.colour_primary              ? 
_exptl_crystal.density_meas                ? 
_exptl_crystal.density_meas_esd            ? 
_exptl_crystal.density_meas_gt             ? 
_exptl_crystal.density_meas_lt             ? 
_exptl_crystal.density_meas_temp           ? 
_exptl_crystal.density_meas_temp_esd       ? 
_exptl_crystal.density_meas_temp_gt        ? 
_exptl_crystal.density_meas_temp_lt        ? 
_exptl_crystal.pdbx_crystal_image_url      ? 
_exptl_crystal.pdbx_crystal_image_format   ? 
_exptl_crystal.pdbx_mosaicity              ? 
_exptl_crystal.pdbx_mosaicity_esd          ? 
# 
_exptl_crystal_grow.apparatus       ? 
_exptl_crystal_grow.atmosphere      ? 
_exptl_crystal_grow.crystal_id      1 
_exptl_crystal_grow.details         ? 
_exptl_crystal_grow.method          'VAPOR DIFFUSION, SITTING DROP' 
_exptl_crystal_grow.method_ref      ? 
_exptl_crystal_grow.pH              5.5 
_exptl_crystal_grow.pressure        ? 
_exptl_crystal_grow.pressure_esd    ? 
_exptl_crystal_grow.seeding         ? 
_exptl_crystal_grow.seeding_ref     ? 
_exptl_crystal_grow.temp            293 
_exptl_crystal_grow.temp_details    ? 
_exptl_crystal_grow.temp_esd        ? 
_exptl_crystal_grow.time            ? 
_exptl_crystal_grow.pdbx_details    
'0.1 M calcium chloride, 0.1 M sodium cacodylate pH 5.5, 12 % PEG w/v 8000 and 3 % w/v Trimethylamine N-oxide dihydrate' 
_exptl_crystal_grow.pdbx_pH_range   ? 
# 
_diffrn.ambient_environment              ? 
_diffrn.ambient_temp                     100 
_diffrn.ambient_temp_details             ? 
_diffrn.ambient_temp_esd                 ? 
_diffrn.crystal_id                       1 
_diffrn.crystal_support                  ? 
_diffrn.crystal_treatment                ? 
_diffrn.details                          ? 
_diffrn.id                               1 
_diffrn.ambient_pressure                 ? 
_diffrn.ambient_pressure_esd             ? 
_diffrn.ambient_pressure_gt              ? 
_diffrn.ambient_pressure_lt              ? 
_diffrn.ambient_temp_gt                  ? 
_diffrn.ambient_temp_lt                  ? 
_diffrn.pdbx_serial_crystal_experiment   N 
# 
_diffrn_detector.details                      ? 
_diffrn_detector.detector                     'IMAGE PLATE' 
_diffrn_detector.diffrn_id                    1 
_diffrn_detector.type                         'MAR scanner 345 mm plate' 
_diffrn_detector.area_resol_mean              ? 
_diffrn_detector.dtime                        ? 
_diffrn_detector.pdbx_frames_total            ? 
_diffrn_detector.pdbx_collection_time_total   ? 
_diffrn_detector.pdbx_collection_date         2017-06-06 
_diffrn_detector.pdbx_frequency               ? 
# 
_diffrn_radiation.collimation                      ? 
_diffrn_radiation.diffrn_id                        1 
_diffrn_radiation.filter_edge                      ? 
_diffrn_radiation.inhomogeneity                    ? 
_diffrn_radiation.monochromator                    ? 
_diffrn_radiation.polarisn_norm                    ? 
_diffrn_radiation.polarisn_ratio                   ? 
_diffrn_radiation.probe                            ? 
_diffrn_radiation.type                             ? 
_diffrn_radiation.xray_symbol                      ? 
_diffrn_radiation.wavelength_id                    1 
_diffrn_radiation.pdbx_monochromatic_or_laue_m_l   M 
_diffrn_radiation.pdbx_wavelength_list             ? 
_diffrn_radiation.pdbx_wavelength                  ? 
_diffrn_radiation.pdbx_diffrn_protocol             'SINGLE WAVELENGTH' 
_diffrn_radiation.pdbx_analyzer                    ? 
_diffrn_radiation.pdbx_scattering_type             x-ray 
# 
_diffrn_radiation_wavelength.id           1 
_diffrn_radiation_wavelength.wavelength   1.5418 
_diffrn_radiation_wavelength.wt           1.0 
# 
_diffrn_source.current                     ? 
_diffrn_source.details                     ? 
_diffrn_source.diffrn_id                   1 
_diffrn_source.power                       ? 
_diffrn_source.size                        ? 
_diffrn_source.source                      'ROTATING ANODE' 
_diffrn_source.target                      ? 
_diffrn_source.type                        'RIGAKU MICROMAX-007 HF' 
_diffrn_source.voltage                     ? 
_diffrn_source.take-off_angle              ? 
_diffrn_source.pdbx_wavelength_list        1.5418 
_diffrn_source.pdbx_wavelength             ? 
_diffrn_source.pdbx_synchrotron_beamline   ? 
_diffrn_source.pdbx_synchrotron_site       ? 
# 
_reflns.B_iso_Wilson_estimate            ? 
_reflns.entry_id                         6LWZ 
_reflns.data_reduction_details           ? 
_reflns.data_reduction_method            ? 
_reflns.d_resolution_high                2.200 
_reflns.d_resolution_low                 29.94 
_reflns.details                          ? 
_reflns.limit_h_max                      ? 
_reflns.limit_h_min                      ? 
_reflns.limit_k_max                      ? 
_reflns.limit_k_min                      ? 
_reflns.limit_l_max                      ? 
_reflns.limit_l_min                      ? 
_reflns.number_all                       ? 
_reflns.number_obs                       3487 
_reflns.observed_criterion               ? 
_reflns.observed_criterion_F_max         ? 
_reflns.observed_criterion_F_min         ? 
_reflns.observed_criterion_I_max         ? 
_reflns.observed_criterion_I_min         ? 
_reflns.observed_criterion_sigma_F       ? 
_reflns.observed_criterion_sigma_I       ? 
_reflns.percent_possible_obs             94.100 
_reflns.R_free_details                   ? 
_reflns.Rmerge_F_all                     ? 
_reflns.Rmerge_F_obs                     ? 
_reflns.Friedel_coverage                 ? 
_reflns.number_gt                        ? 
_reflns.threshold_expression             ? 
_reflns.pdbx_redundancy                  2.500 
_reflns.pdbx_Rmerge_I_obs                ? 
_reflns.pdbx_Rmerge_I_all                ? 
_reflns.pdbx_Rsym_value                  0.111 
_reflns.pdbx_netI_over_av_sigmaI         5.800 
_reflns.pdbx_netI_over_sigmaI            6.500 
_reflns.pdbx_res_netI_over_av_sigmaI_2   ? 
_reflns.pdbx_res_netI_over_sigmaI_2      ? 
_reflns.pdbx_chi_squared                 ? 
_reflns.pdbx_scaling_rejects             ? 
_reflns.pdbx_d_res_high_opt              ? 
_reflns.pdbx_d_res_low_opt               ? 
_reflns.pdbx_d_res_opt_method            ? 
_reflns.phase_calculation_details        ? 
_reflns.pdbx_Rrim_I_all                  0.141 
_reflns.pdbx_Rpim_I_all                  0.087 
_reflns.pdbx_d_opt                       ? 
_reflns.pdbx_number_measured_all         ? 
_reflns.pdbx_diffrn_id                   1 
_reflns.pdbx_ordinal                     1 
_reflns.pdbx_CC_half                     ? 
_reflns.pdbx_CC_star                     ? 
_reflns.pdbx_R_split                     ? 
# 
loop_
_reflns_shell.d_res_high 
_reflns_shell.d_res_low 
_reflns_shell.meanI_over_sigI_all 
_reflns_shell.meanI_over_sigI_obs 
_reflns_shell.number_measured_all 
_reflns_shell.number_measured_obs 
_reflns_shell.number_possible 
_reflns_shell.number_unique_all 
_reflns_shell.number_unique_obs 
_reflns_shell.percent_possible_all 
_reflns_shell.percent_possible_obs 
_reflns_shell.Rmerge_F_all 
_reflns_shell.Rmerge_F_obs 
_reflns_shell.Rmerge_I_all 
_reflns_shell.Rmerge_I_obs 
_reflns_shell.meanI_over_sigI_gt 
_reflns_shell.meanI_over_uI_all 
_reflns_shell.meanI_over_uI_gt 
_reflns_shell.number_measured_gt 
_reflns_shell.number_unique_gt 
_reflns_shell.percent_possible_gt 
_reflns_shell.Rmerge_F_gt 
_reflns_shell.Rmerge_I_gt 
_reflns_shell.pdbx_redundancy 
_reflns_shell.pdbx_Rsym_value 
_reflns_shell.pdbx_chi_squared 
_reflns_shell.pdbx_netI_over_sigmaI_all 
_reflns_shell.pdbx_netI_over_sigmaI_obs 
_reflns_shell.pdbx_Rrim_I_all 
_reflns_shell.pdbx_Rpim_I_all 
_reflns_shell.pdbx_rejects 
_reflns_shell.pdbx_ordinal 
_reflns_shell.pdbx_diffrn_id 
_reflns_shell.pdbx_CC_half 
_reflns_shell.pdbx_CC_star 
_reflns_shell.pdbx_R_split 
2.200 2.320  ? 1.500  1191 ? ? ? 473 90.300 ? ? ? ? 0.493 ? ? ? ? ? ? ? ? 2.500 0.493 ? ? 2.100  0.628 0.384 ? 1  1 ? ? ? 
2.320 2.460  ? 1.900  1250 ? ? ? 496 93.600 ? ? ? ? 0.395 ? ? ? ? ? ? ? ? 2.500 0.395 ? ? 2.500  0.504 0.309 ? 2  1 ? ? ? 
2.460 2.630  ? 2.300  1105 ? ? ? 440 93.600 ? ? ? ? 0.338 ? ? ? ? ? ? ? ? 2.500 0.338 ? ? 3.000  0.432 0.265 ? 3  1 ? ? ? 
2.630 2.840  ? 3.000  1093 ? ? ? 433 93.900 ? ? ? ? 0.250 ? ? ? ? ? ? ? ? 2.500 0.250 ? ? 3.800  0.319 0.196 ? 4  1 ? ? ? 
2.840 3.110  ? 5.200  966  ? ? ? 379 93.600 ? ? ? ? 0.144 ? ? ? ? ? ? ? ? 2.500 0.144 ? ? 6.000  0.184 0.113 ? 5  1 ? ? ? 
3.110 3.480  ? 7.800  887  ? ? ? 352 94.600 ? ? ? ? 0.092 ? ? ? ? ? ? ? ? 2.500 0.092 ? ? 8.700  0.118 0.072 ? 6  1 ? ? ? 
3.480 4.020  ? 10.600 795  ? ? ? 319 96.400 ? ? ? ? 0.067 ? ? ? ? ? ? ? ? 2.500 0.067 ? ? 11.800 0.086 0.053 ? 7  1 ? ? ? 
4.020 4.920  ? 10.900 657  ? ? ? 266 96.000 ? ? ? ? 0.059 ? ? ? ? ? ? ? ? 2.500 0.059 ? ? 13.900 0.075 0.045 ? 8  1 ? ? ? 
4.920 6.960  ? 10.100 536  ? ? ? 213 98.200 ? ? ? ? 0.061 ? ? ? ? ? ? ? ? 2.500 0.061 ? ? 13.600 0.078 0.048 ? 9  1 ? ? ? 
6.960 26.399 ? 7.500  278  ? ? ? 116 97.100 ? ? ? ? 0.062 ? ? ? ? ? ? ? ? 2.400 0.062 ? ? 14.600 0.082 0.053 ? 10 1 ? ? ? 
# 
_refine.aniso_B[1][1]                            -2.8200 
_refine.aniso_B[1][2]                            1.2100 
_refine.aniso_B[1][3]                            0.5700 
_refine.aniso_B[2][2]                            1.4700 
_refine.aniso_B[2][3]                            1.2800 
_refine.aniso_B[3][3]                            -0.5800 
_refine.B_iso_max                                86.760 
_refine.B_iso_mean                               40.0910 
_refine.B_iso_min                                6.810 
_refine.correlation_coeff_Fo_to_Fc               0.9370 
_refine.correlation_coeff_Fo_to_Fc_free          ? 
_refine.details                                  'U VALUES      : REFINED INDIVIDUALLY' 
_refine.diff_density_max                         ? 
_refine.diff_density_max_esd                     ? 
_refine.diff_density_min                         ? 
_refine.diff_density_min_esd                     ? 
_refine.diff_density_rms                         ? 
_refine.diff_density_rms_esd                     ? 
_refine.entry_id                                 6LWZ 
_refine.pdbx_refine_id                           'X-RAY DIFFRACTION' 
_refine.ls_abs_structure_details                 ? 
_refine.ls_abs_structure_Flack                   ? 
_refine.ls_abs_structure_Flack_esd               ? 
_refine.ls_abs_structure_Rogers                  ? 
_refine.ls_abs_structure_Rogers_esd              ? 
_refine.ls_d_res_high                            2.2000 
_refine.ls_d_res_low                             29.9400 
_refine.ls_extinction_coef                       ? 
_refine.ls_extinction_coef_esd                   ? 
_refine.ls_extinction_expression                 ? 
_refine.ls_extinction_method                     ? 
_refine.ls_goodness_of_fit_all                   ? 
_refine.ls_goodness_of_fit_all_esd               ? 
_refine.ls_goodness_of_fit_obs                   ? 
_refine.ls_goodness_of_fit_obs_esd               ? 
_refine.ls_hydrogen_treatment                    ? 
_refine.ls_matrix_type                           ? 
_refine.ls_number_constraints                    ? 
_refine.ls_number_parameters                     ? 
_refine.ls_number_reflns_all                     ? 
_refine.ls_number_reflns_obs                     3486 
_refine.ls_number_reflns_R_free                  363 
_refine.ls_number_reflns_R_work                  ? 
_refine.ls_number_restraints                     ? 
_refine.ls_percent_reflns_obs                    94.0900 
_refine.ls_percent_reflns_R_free                 ? 
_refine.ls_R_factor_all                          ? 
_refine.ls_R_factor_obs                          0.2237 
_refine.ls_R_factor_R_free                       0.2579 
_refine.ls_R_factor_R_free_error                 ? 
_refine.ls_R_factor_R_free_error_details         ? 
_refine.ls_R_factor_R_work                       0.2237 
_refine.ls_R_Fsqd_factor_obs                     ? 
_refine.ls_R_I_factor_obs                        ? 
_refine.ls_redundancy_reflns_all                 ? 
_refine.ls_redundancy_reflns_obs                 ? 
_refine.ls_restrained_S_all                      ? 
_refine.ls_restrained_S_obs                      ? 
_refine.ls_shift_over_esd_max                    ? 
_refine.ls_shift_over_esd_mean                   ? 
_refine.ls_structure_factor_coef                 ? 
_refine.ls_weighting_details                     ? 
_refine.ls_weighting_scheme                      ? 
_refine.ls_wR_factor_all                         ? 
_refine.ls_wR_factor_obs                         ? 
_refine.ls_wR_factor_R_free                      ? 
_refine.ls_wR_factor_R_work                      ? 
_refine.occupancy_max                            ? 
_refine.occupancy_min                            ? 
_refine.solvent_model_details                    ? 
_refine.solvent_model_param_bsol                 ? 
_refine.solvent_model_param_ksol                 ? 
_refine.pdbx_R_complete                          ? 
_refine.ls_R_factor_gt                           ? 
_refine.ls_goodness_of_fit_gt                    ? 
_refine.ls_goodness_of_fit_ref                   ? 
_refine.ls_shift_over_su_max                     ? 
_refine.ls_shift_over_su_max_lt                  ? 
_refine.ls_shift_over_su_mean                    ? 
_refine.ls_shift_over_su_mean_lt                 ? 
_refine.pdbx_ls_sigma_I                          ? 
_refine.pdbx_ls_sigma_F                          0.000 
_refine.pdbx_ls_sigma_Fsqd                       ? 
_refine.pdbx_data_cutoff_high_absF               ? 
_refine.pdbx_data_cutoff_high_rms_absF           ? 
_refine.pdbx_data_cutoff_low_absF                ? 
_refine.pdbx_isotropic_thermal_model             ? 
_refine.pdbx_ls_cross_valid_method               THROUGHOUT 
_refine.pdbx_method_to_determine_struct          'MOLECULAR REPLACEMENT' 
_refine.pdbx_starting_model                      4OZK 
_refine.pdbx_stereochemistry_target_values       ? 
_refine.pdbx_R_Free_selection_details            ? 
_refine.pdbx_stereochem_target_val_spec_case     ? 
_refine.pdbx_overall_ESU_R                       ? 
_refine.pdbx_overall_ESU_R_Free                  ? 
_refine.pdbx_solvent_vdw_probe_radii             1.2000 
_refine.pdbx_solvent_ion_probe_radii             0.8000 
_refine.pdbx_solvent_shrinkage_radii             0.8000 
_refine.pdbx_real_space_R                        ? 
_refine.pdbx_density_correlation                 ? 
_refine.pdbx_pd_number_of_powder_patterns        ? 
_refine.pdbx_pd_number_of_points                 ? 
_refine.pdbx_pd_meas_number_of_points            ? 
_refine.pdbx_pd_proc_ls_prof_R_factor            ? 
_refine.pdbx_pd_proc_ls_prof_wR_factor           ? 
_refine.pdbx_pd_Marquardt_correlation_coeff      ? 
_refine.pdbx_pd_Fsqrd_R_factor                   ? 
_refine.pdbx_pd_ls_matrix_band_width             ? 
_refine.pdbx_overall_phase_error                 ? 
_refine.pdbx_overall_SU_R_free_Cruickshank_DPI   ? 
_refine.pdbx_overall_SU_R_free_Blow_DPI          ? 
_refine.pdbx_overall_SU_R_Blow_DPI               ? 
_refine.pdbx_TLS_residual_ADP_flag               ? 
_refine.pdbx_diffrn_id                           1 
_refine.overall_SU_B                             ? 
_refine.overall_SU_ML                            ? 
_refine.overall_SU_R_Cruickshank_DPI             ? 
_refine.overall_SU_R_free                        ? 
_refine.overall_FOM_free_R_set                   ? 
_refine.overall_FOM_work_R_set                   ? 
_refine.pdbx_average_fsc_overall                 ? 
_refine.pdbx_average_fsc_work                    ? 
_refine.pdbx_average_fsc_free                    ? 
# 
_refine_hist.pdbx_refine_id                   'X-RAY DIFFRACTION' 
_refine_hist.cycle_id                         final 
_refine_hist.details                          ? 
_refine_hist.d_res_high                       2.2000 
_refine_hist.d_res_low                        29.9400 
_refine_hist.number_atoms_solvent             14 
_refine_hist.number_atoms_total               856 
_refine_hist.number_reflns_all                ? 
_refine_hist.number_reflns_obs                ? 
_refine_hist.number_reflns_R_free             ? 
_refine_hist.number_reflns_R_work             ? 
_refine_hist.R_factor_all                     ? 
_refine_hist.R_factor_obs                     ? 
_refine_hist.R_factor_R_free                  ? 
_refine_hist.R_factor_R_work                  ? 
_refine_hist.pdbx_number_residues_total       106 
_refine_hist.pdbx_B_iso_mean_ligand           ? 
_refine_hist.pdbx_B_iso_mean_solvent          35.61 
_refine_hist.pdbx_number_atoms_protein        842 
_refine_hist.pdbx_number_atoms_nucleic_acid   0 
_refine_hist.pdbx_number_atoms_ligand         0 
_refine_hist.pdbx_number_atoms_lipid          ? 
_refine_hist.pdbx_number_atoms_carb           ? 
_refine_hist.pdbx_pseudo_atom_details         ? 
# 
loop_
_refine_ls_restr.pdbx_refine_id 
_refine_ls_restr.criterion 
_refine_ls_restr.dev_ideal 
_refine_ls_restr.dev_ideal_target 
_refine_ls_restr.number 
_refine_ls_restr.rejects 
_refine_ls_restr.type 
_refine_ls_restr.weight 
_refine_ls_restr.pdbx_restraint_function 
'X-RAY DIFFRACTION' ? 0.021  0.019  868  ? r_bond_refined_d       ? ? 
'X-RAY DIFFRACTION' ? 2.184  1.930  1172 ? r_angle_refined_deg    ? ? 
'X-RAY DIFFRACTION' ? 5.725  5.000  104  ? r_dihedral_angle_1_deg ? ? 
'X-RAY DIFFRACTION' ? 35.486 24.286 42   ? r_dihedral_angle_2_deg ? ? 
'X-RAY DIFFRACTION' ? 16.790 15.000 148  ? r_dihedral_angle_3_deg ? ? 
'X-RAY DIFFRACTION' ? 13.720 15.000 4    ? r_dihedral_angle_4_deg ? ? 
'X-RAY DIFFRACTION' ? 0.090  0.200  116  ? r_chiral_restr         ? ? 
'X-RAY DIFFRACTION' ? 0.005  0.021  662  ? r_gen_planes_refined   ? ? 
# 
_refine_ls_shell.pdbx_refine_id                   'X-RAY DIFFRACTION' 
_refine_ls_shell.d_res_high                       2.2000 
_refine_ls_shell.d_res_low                        2.2570 
_refine_ls_shell.number_reflns_all                ? 
_refine_ls_shell.number_reflns_obs                ? 
_refine_ls_shell.number_reflns_R_free             ? 
_refine_ls_shell.number_reflns_R_work             237 
_refine_ls_shell.percent_reflns_obs               89.7700 
_refine_ls_shell.percent_reflns_R_free            ? 
_refine_ls_shell.R_factor_all                     ? 
_refine_ls_shell.R_factor_obs                     ? 
_refine_ls_shell.R_factor_R_free                  ? 
_refine_ls_shell.R_factor_R_free_error            0.0000 
_refine_ls_shell.R_factor_R_work                  0.3270 
_refine_ls_shell.redundancy_reflns_all            ? 
_refine_ls_shell.redundancy_reflns_obs            ? 
_refine_ls_shell.wR_factor_all                    ? 
_refine_ls_shell.wR_factor_obs                    ? 
_refine_ls_shell.wR_factor_R_free                 ? 
_refine_ls_shell.wR_factor_R_work                 ? 
_refine_ls_shell.pdbx_R_complete                  ? 
_refine_ls_shell.pdbx_total_number_of_bins_used   20 
_refine_ls_shell.pdbx_phase_error                 ? 
_refine_ls_shell.pdbx_fsc_work                    ? 
_refine_ls_shell.pdbx_fsc_free                    ? 
# 
_struct.entry_id                     6LWZ 
_struct.title                        
'Crystal structure of Laterosporulin10, bacteriocin produced by Brevibacillus sp. strain SKDU10' 
_struct.pdbx_model_details           ? 
_struct.pdbx_formula_weight          ? 
_struct.pdbx_formula_weight_method   ? 
_struct.pdbx_model_type_details      ? 
_struct.pdbx_CASP_flag               N 
# 
_struct_keywords.entry_id        6LWZ 
_struct_keywords.text            'Bacteriocin, antimicrobial peptide, Brevibacillus, Laterosporulin, TOXIN' 
_struct_keywords.pdbx_keywords   TOXIN 
# 
loop_
_struct_asym.id 
_struct_asym.pdbx_blank_PDB_chainid_flag 
_struct_asym.pdbx_modified 
_struct_asym.entity_id 
_struct_asym.details 
A N N 1 ? 
B N N 1 ? 
C N N 2 ? 
D N N 2 ? 
# 
_struct_ref.id                         1 
_struct_ref.db_name                    PDB 
_struct_ref.db_code                    6LWZ 
_struct_ref.pdbx_db_accession          6LWZ 
_struct_ref.pdbx_db_isoform            ? 
_struct_ref.entity_id                  1 
_struct_ref.pdbx_seq_one_letter_code   ? 
_struct_ref.pdbx_align_begin           1 
# 
loop_
_struct_ref_seq.align_id 
_struct_ref_seq.ref_id 
_struct_ref_seq.pdbx_PDB_id_code 
_struct_ref_seq.pdbx_strand_id 
_struct_ref_seq.seq_align_beg 
_struct_ref_seq.pdbx_seq_align_beg_ins_code 
_struct_ref_seq.seq_align_end 
_struct_ref_seq.pdbx_seq_align_end_ins_code 
_struct_ref_seq.pdbx_db_accession 
_struct_ref_seq.db_align_beg 
_struct_ref_seq.pdbx_db_align_beg_ins_code 
_struct_ref_seq.db_align_end 
_struct_ref_seq.pdbx_db_align_end_ins_code 
_struct_ref_seq.pdbx_auth_seq_align_beg 
_struct_ref_seq.pdbx_auth_seq_align_end 
1 1 6LWZ A 1 ? 53 ? 6LWZ 2 ? 54 ? 2 54 
2 1 6LWZ B 1 ? 53 ? 6LWZ 2 ? 54 ? 2 54 
# 
loop_
_pdbx_struct_assembly.id 
_pdbx_struct_assembly.details 
_pdbx_struct_assembly.method_details 
_pdbx_struct_assembly.oligomeric_details 
_pdbx_struct_assembly.oligomeric_count 
1 author_defined_assembly ? monomeric 1 
2 author_defined_assembly ? monomeric 1 
# 
loop_
_pdbx_struct_assembly_gen.assembly_id 
_pdbx_struct_assembly_gen.oper_expression 
_pdbx_struct_assembly_gen.asym_id_list 
1 1 A,C 
2 1 B,D 
# 
_pdbx_struct_assembly_auth_evidence.id                     1 
_pdbx_struct_assembly_auth_evidence.assembly_id            1 
_pdbx_struct_assembly_auth_evidence.experimental_support   none 
_pdbx_struct_assembly_auth_evidence.details                ? 
# 
_pdbx_struct_oper_list.id                   1 
_pdbx_struct_oper_list.type                 'identity operation' 
_pdbx_struct_oper_list.name                 1_555 
_pdbx_struct_oper_list.symmetry_operation   x,y,z 
_pdbx_struct_oper_list.matrix[1][1]         1.0000000000 
_pdbx_struct_oper_list.matrix[1][2]         0.0000000000 
_pdbx_struct_oper_list.matrix[1][3]         0.0000000000 
_pdbx_struct_oper_list.vector[1]            0.0000000000 
_pdbx_struct_oper_list.matrix[2][1]         0.0000000000 
_pdbx_struct_oper_list.matrix[2][2]         1.0000000000 
_pdbx_struct_oper_list.matrix[2][3]         0.0000000000 
_pdbx_struct_oper_list.vector[2]            0.0000000000 
_pdbx_struct_oper_list.matrix[3][1]         0.0000000000 
_pdbx_struct_oper_list.matrix[3][2]         0.0000000000 
_pdbx_struct_oper_list.matrix[3][3]         1.0000000000 
_pdbx_struct_oper_list.vector[3]            0.0000000000 
# 
loop_
_struct_conn.id 
_struct_conn.conn_type_id 
_struct_conn.pdbx_leaving_atom_flag 
_struct_conn.pdbx_PDB_id 
_struct_conn.ptnr1_label_asym_id 
_struct_conn.ptnr1_label_comp_id 
_struct_conn.ptnr1_label_seq_id 
_struct_conn.ptnr1_label_atom_id 
_struct_conn.pdbx_ptnr1_label_alt_id 
_struct_conn.pdbx_ptnr1_PDB_ins_code 
_struct_conn.pdbx_ptnr1_standard_comp_id 
_struct_conn.ptnr1_symmetry 
_struct_conn.ptnr2_label_asym_id 
_struct_conn.ptnr2_label_comp_id 
_struct_conn.ptnr2_label_seq_id 
_struct_conn.ptnr2_label_atom_id 
_struct_conn.pdbx_ptnr2_label_alt_id 
_struct_conn.pdbx_ptnr2_PDB_ins_code 
_struct_conn.ptnr1_auth_asym_id 
_struct_conn.ptnr1_auth_comp_id 
_struct_conn.ptnr1_auth_seq_id 
_struct_conn.ptnr2_auth_asym_id 
_struct_conn.ptnr2_auth_comp_id 
_struct_conn.ptnr2_auth_seq_id 
_struct_conn.ptnr2_symmetry 
_struct_conn.pdbx_ptnr3_label_atom_id 
_struct_conn.pdbx_ptnr3_label_seq_id 
_struct_conn.pdbx_ptnr3_label_comp_id 
_struct_conn.pdbx_ptnr3_label_asym_id 
_struct_conn.pdbx_ptnr3_label_alt_id 
_struct_conn.pdbx_ptnr3_PDB_ins_code 
_struct_conn.details 
_struct_conn.pdbx_dist_value 
_struct_conn.pdbx_value_order 
_struct_conn.pdbx_role 
disulf1 disulf ? ? A CYS 2  SG ? ? ? 1_555 A CYS 43 SG ? ? A CYS 3  A CYS 44 1_555 ? ? ? ? ? ? ? 1.858 ? ? 
disulf2 disulf ? ? A CYS 6  SG ? ? ? 1_555 A CYS 35 SG ? ? A CYS 7  A CYS 36 1_555 ? ? ? ? ? ? ? 2.034 ? ? 
disulf3 disulf ? ? A CYS 20 SG ? ? ? 1_555 A CYS 51 SG ? ? A CYS 21 A CYS 52 1_555 ? ? ? ? ? ? ? 2.015 ? ? 
disulf4 disulf ? ? B CYS 2  SG ? ? ? 1_555 B CYS 43 SG ? ? B CYS 3  B CYS 44 1_555 ? ? ? ? ? ? ? 2.029 ? ? 
disulf5 disulf ? ? B CYS 6  SG ? ? ? 1_555 B CYS 35 SG ? ? B CYS 7  B CYS 36 1_555 ? ? ? ? ? ? ? 2.032 ? ? 
disulf6 disulf ? ? B CYS 20 SG ? ? ? 1_555 B CYS 51 SG ? ? B CYS 21 B CYS 52 1_555 ? ? ? ? ? ? ? 2.178 ? ? 
# 
_struct_conn_type.id          disulf 
_struct_conn_type.criteria    ? 
_struct_conn_type.reference   ? 
# 
loop_
_pdbx_modification_feature.ordinal 
_pdbx_modification_feature.label_comp_id 
_pdbx_modification_feature.label_asym_id 
_pdbx_modification_feature.label_seq_id 
_pdbx_modification_feature.label_alt_id 
_pdbx_modification_feature.modified_residue_label_comp_id 
_pdbx_modification_feature.modified_residue_label_asym_id 
_pdbx_modification_feature.modified_residue_label_seq_id 
_pdbx_modification_feature.modified_residue_label_alt_id 
_pdbx_modification_feature.auth_comp_id 
_pdbx_modification_feature.auth_asym_id 
_pdbx_modification_feature.auth_seq_id 
_pdbx_modification_feature.PDB_ins_code 
_pdbx_modification_feature.symmetry 
_pdbx_modification_feature.modified_residue_auth_comp_id 
_pdbx_modification_feature.modified_residue_auth_asym_id 
_pdbx_modification_feature.modified_residue_auth_seq_id 
_pdbx_modification_feature.modified_residue_PDB_ins_code 
_pdbx_modification_feature.modified_residue_symmetry 
_pdbx_modification_feature.comp_id_linking_atom 
_pdbx_modification_feature.modified_residue_id_linking_atom 
_pdbx_modification_feature.modified_residue_id 
_pdbx_modification_feature.ref_pcm_id 
_pdbx_modification_feature.ref_comp_id 
_pdbx_modification_feature.type 
_pdbx_modification_feature.category 
1 CYS A 2  ? CYS A 43 ? CYS A 3  ? 1_555 CYS A 44 ? 1_555 SG SG . . . None 'Disulfide bridge' 
2 CYS A 6  ? CYS A 35 ? CYS A 7  ? 1_555 CYS A 36 ? 1_555 SG SG . . . None 'Disulfide bridge' 
3 CYS A 20 ? CYS A 51 ? CYS A 21 ? 1_555 CYS A 52 ? 1_555 SG SG . . . None 'Disulfide bridge' 
4 CYS B 2  ? CYS B 43 ? CYS B 3  ? 1_555 CYS B 44 ? 1_555 SG SG . . . None 'Disulfide bridge' 
5 CYS B 6  ? CYS B 35 ? CYS B 7  ? 1_555 CYS B 36 ? 1_555 SG SG . . . None 'Disulfide bridge' 
6 CYS B 20 ? CYS B 51 ? CYS B 21 ? 1_555 CYS B 52 ? 1_555 SG SG . . . None 'Disulfide bridge' 
# 
_struct_sheet.id               AA1 
_struct_sheet.type             ? 
_struct_sheet.number_strands   6 
_struct_sheet.details          ? 
# 
loop_
_struct_sheet_order.sheet_id 
_struct_sheet_order.range_id_1 
_struct_sheet_order.range_id_2 
_struct_sheet_order.offset 
_struct_sheet_order.sense 
AA1 1 2 ? anti-parallel 
AA1 2 3 ? anti-parallel 
AA1 3 4 ? parallel      
AA1 4 5 ? anti-parallel 
AA1 5 6 ? anti-parallel 
# 
loop_
_struct_sheet_range.sheet_id 
_struct_sheet_range.id 
_struct_sheet_range.beg_label_comp_id 
_struct_sheet_range.beg_label_asym_id 
_struct_sheet_range.beg_label_seq_id 
_struct_sheet_range.pdbx_beg_PDB_ins_code 
_struct_sheet_range.end_label_comp_id 
_struct_sheet_range.end_label_asym_id 
_struct_sheet_range.end_label_seq_id 
_struct_sheet_range.pdbx_end_PDB_ins_code 
_struct_sheet_range.beg_auth_comp_id 
_struct_sheet_range.beg_auth_asym_id 
_struct_sheet_range.beg_auth_seq_id 
_struct_sheet_range.end_auth_comp_id 
_struct_sheet_range.end_auth_asym_id 
_struct_sheet_range.end_auth_seq_id 
AA1 1 HIS A 40 ? PRO A 50 ? HIS A 41 PRO A 51 
AA1 2 LYS A 26 ? CYS A 35 ? LYS A 27 CYS A 36 
AA1 3 ILE A 10 ? CYS A 20 ? ILE A 11 CYS A 21 
AA1 4 ILE B 10 ? CYS B 20 ? ILE B 11 CYS B 21 
AA1 5 LYS B 26 ? CYS B 35 ? LYS B 27 CYS B 36 
AA1 6 HIS B 40 ? PRO B 50 ? HIS B 41 PRO B 51 
# 
loop_
_pdbx_struct_sheet_hbond.sheet_id 
_pdbx_struct_sheet_hbond.range_id_1 
_pdbx_struct_sheet_hbond.range_id_2 
_pdbx_struct_sheet_hbond.range_1_label_atom_id 
_pdbx_struct_sheet_hbond.range_1_label_comp_id 
_pdbx_struct_sheet_hbond.range_1_label_asym_id 
_pdbx_struct_sheet_hbond.range_1_label_seq_id 
_pdbx_struct_sheet_hbond.range_1_PDB_ins_code 
_pdbx_struct_sheet_hbond.range_1_auth_atom_id 
_pdbx_struct_sheet_hbond.range_1_auth_comp_id 
_pdbx_struct_sheet_hbond.range_1_auth_asym_id 
_pdbx_struct_sheet_hbond.range_1_auth_seq_id 
_pdbx_struct_sheet_hbond.range_2_label_atom_id 
_pdbx_struct_sheet_hbond.range_2_label_comp_id 
_pdbx_struct_sheet_hbond.range_2_label_asym_id 
_pdbx_struct_sheet_hbond.range_2_label_seq_id 
_pdbx_struct_sheet_hbond.range_2_PDB_ins_code 
_pdbx_struct_sheet_hbond.range_2_auth_atom_id 
_pdbx_struct_sheet_hbond.range_2_auth_comp_id 
_pdbx_struct_sheet_hbond.range_2_auth_asym_id 
_pdbx_struct_sheet_hbond.range_2_auth_seq_id 
AA1 1 2 O GLY A 48 ? O GLY A 49 N TYR A 27 ? N TYR A 28 
AA1 2 3 O ALA A 34 ? O ALA A 35 N ARG A 12 ? N ARG A 13 
AA1 3 4 N ASP A 17 ? N ASP A 18 O ASP B 17 ? O ASP B 18 
AA1 4 5 N ASP B 11 ? N ASP B 12 O ALA B 34 ? O ALA B 35 
AA1 5 6 N TYR B 27 ? N TYR B 28 O GLY B 48 ? O GLY B 49 
# 
_pdbx_entry_details.entry_id                   6LWZ 
_pdbx_entry_details.compound_details           ? 
_pdbx_entry_details.source_details             ? 
_pdbx_entry_details.nonpolymer_details         ? 
_pdbx_entry_details.sequence_details           ? 
_pdbx_entry_details.has_ligand_of_interest     ? 
_pdbx_entry_details.has_protein_modification   Y 
# 
loop_
_pdbx_validate_torsion.id 
_pdbx_validate_torsion.PDB_model_num 
_pdbx_validate_torsion.auth_comp_id 
_pdbx_validate_torsion.auth_asym_id 
_pdbx_validate_torsion.auth_seq_id 
_pdbx_validate_torsion.PDB_ins_code 
_pdbx_validate_torsion.label_alt_id 
_pdbx_validate_torsion.phi 
_pdbx_validate_torsion.psi 
1 1 ASN A 38 ? ? -61.70  -74.79  
2 1 GLN A 40 ? ? -129.62 -119.92 
3 1 CYS A 44 ? ? -102.23 -63.26  
# 
loop_
_chem_comp_atom.comp_id 
_chem_comp_atom.atom_id 
_chem_comp_atom.type_symbol 
_chem_comp_atom.pdbx_aromatic_flag 
_chem_comp_atom.pdbx_stereo_config 
_chem_comp_atom.pdbx_ordinal 
ALA N    N N N 1   
ALA CA   C N S 2   
ALA C    C N N 3   
ALA O    O N N 4   
ALA CB   C N N 5   
ALA OXT  O N N 6   
ALA H    H N N 7   
ALA H2   H N N 8   
ALA HA   H N N 9   
ALA HB1  H N N 10  
ALA HB2  H N N 11  
ALA HB3  H N N 12  
ALA HXT  H N N 13  
ARG N    N N N 14  
ARG CA   C N S 15  
ARG C    C N N 16  
ARG O    O N N 17  
ARG CB   C N N 18  
ARG CG   C N N 19  
ARG CD   C N N 20  
ARG NE   N N N 21  
ARG CZ   C N N 22  
ARG NH1  N N N 23  
ARG NH2  N N N 24  
ARG OXT  O N N 25  
ARG H    H N N 26  
ARG H2   H N N 27  
ARG HA   H N N 28  
ARG HB2  H N N 29  
ARG HB3  H N N 30  
ARG HG2  H N N 31  
ARG HG3  H N N 32  
ARG HD2  H N N 33  
ARG HD3  H N N 34  
ARG HE   H N N 35  
ARG HH11 H N N 36  
ARG HH12 H N N 37  
ARG HH21 H N N 38  
ARG HH22 H N N 39  
ARG HXT  H N N 40  
ASN N    N N N 41  
ASN CA   C N S 42  
ASN C    C N N 43  
ASN O    O N N 44  
ASN CB   C N N 45  
ASN CG   C N N 46  
ASN OD1  O N N 47  
ASN ND2  N N N 48  
ASN OXT  O N N 49  
ASN H    H N N 50  
ASN H2   H N N 51  
ASN HA   H N N 52  
ASN HB2  H N N 53  
ASN HB3  H N N 54  
ASN HD21 H N N 55  
ASN HD22 H N N 56  
ASN HXT  H N N 57  
ASP N    N N N 58  
ASP CA   C N S 59  
ASP C    C N N 60  
ASP O    O N N 61  
ASP CB   C N N 62  
ASP CG   C N N 63  
ASP OD1  O N N 64  
ASP OD2  O N N 65  
ASP OXT  O N N 66  
ASP H    H N N 67  
ASP H2   H N N 68  
ASP HA   H N N 69  
ASP HB2  H N N 70  
ASP HB3  H N N 71  
ASP HD2  H N N 72  
ASP HXT  H N N 73  
CYS N    N N N 74  
CYS CA   C N R 75  
CYS C    C N N 76  
CYS O    O N N 77  
CYS CB   C N N 78  
CYS SG   S N N 79  
CYS OXT  O N N 80  
CYS H    H N N 81  
CYS H2   H N N 82  
CYS HA   H N N 83  
CYS HB2  H N N 84  
CYS HB3  H N N 85  
CYS HG   H N N 86  
CYS HXT  H N N 87  
GLN N    N N N 88  
GLN CA   C N S 89  
GLN C    C N N 90  
GLN O    O N N 91  
GLN CB   C N N 92  
GLN CG   C N N 93  
GLN CD   C N N 94  
GLN OE1  O N N 95  
GLN NE2  N N N 96  
GLN OXT  O N N 97  
GLN H    H N N 98  
GLN H2   H N N 99  
GLN HA   H N N 100 
GLN HB2  H N N 101 
GLN HB3  H N N 102 
GLN HG2  H N N 103 
GLN HG3  H N N 104 
GLN HE21 H N N 105 
GLN HE22 H N N 106 
GLN HXT  H N N 107 
GLU N    N N N 108 
GLU CA   C N S 109 
GLU C    C N N 110 
GLU O    O N N 111 
GLU CB   C N N 112 
GLU CG   C N N 113 
GLU CD   C N N 114 
GLU OE1  O N N 115 
GLU OE2  O N N 116 
GLU OXT  O N N 117 
GLU H    H N N 118 
GLU H2   H N N 119 
GLU HA   H N N 120 
GLU HB2  H N N 121 
GLU HB3  H N N 122 
GLU HG2  H N N 123 
GLU HG3  H N N 124 
GLU HE2  H N N 125 
GLU HXT  H N N 126 
GLY N    N N N 127 
GLY CA   C N N 128 
GLY C    C N N 129 
GLY O    O N N 130 
GLY OXT  O N N 131 
GLY H    H N N 132 
GLY H2   H N N 133 
GLY HA2  H N N 134 
GLY HA3  H N N 135 
GLY HXT  H N N 136 
HIS N    N N N 137 
HIS CA   C N S 138 
HIS C    C N N 139 
HIS O    O N N 140 
HIS CB   C N N 141 
HIS CG   C Y N 142 
HIS ND1  N Y N 143 
HIS CD2  C Y N 144 
HIS CE1  C Y N 145 
HIS NE2  N Y N 146 
HIS OXT  O N N 147 
HIS H    H N N 148 
HIS H2   H N N 149 
HIS HA   H N N 150 
HIS HB2  H N N 151 
HIS HB3  H N N 152 
HIS HD1  H N N 153 
HIS HD2  H N N 154 
HIS HE1  H N N 155 
HIS HE2  H N N 156 
HIS HXT  H N N 157 
HOH O    O N N 158 
HOH H1   H N N 159 
HOH H2   H N N 160 
ILE N    N N N 161 
ILE CA   C N S 162 
ILE C    C N N 163 
ILE O    O N N 164 
ILE CB   C N S 165 
ILE CG1  C N N 166 
ILE CG2  C N N 167 
ILE CD1  C N N 168 
ILE OXT  O N N 169 
ILE H    H N N 170 
ILE H2   H N N 171 
ILE HA   H N N 172 
ILE HB   H N N 173 
ILE HG12 H N N 174 
ILE HG13 H N N 175 
ILE HG21 H N N 176 
ILE HG22 H N N 177 
ILE HG23 H N N 178 
ILE HD11 H N N 179 
ILE HD12 H N N 180 
ILE HD13 H N N 181 
ILE HXT  H N N 182 
LEU N    N N N 183 
LEU CA   C N S 184 
LEU C    C N N 185 
LEU O    O N N 186 
LEU CB   C N N 187 
LEU CG   C N N 188 
LEU CD1  C N N 189 
LEU CD2  C N N 190 
LEU OXT  O N N 191 
LEU H    H N N 192 
LEU H2   H N N 193 
LEU HA   H N N 194 
LEU HB2  H N N 195 
LEU HB3  H N N 196 
LEU HG   H N N 197 
LEU HD11 H N N 198 
LEU HD12 H N N 199 
LEU HD13 H N N 200 
LEU HD21 H N N 201 
LEU HD22 H N N 202 
LEU HD23 H N N 203 
LEU HXT  H N N 204 
LYS N    N N N 205 
LYS CA   C N S 206 
LYS C    C N N 207 
LYS O    O N N 208 
LYS CB   C N N 209 
LYS CG   C N N 210 
LYS CD   C N N 211 
LYS CE   C N N 212 
LYS NZ   N N N 213 
LYS OXT  O N N 214 
LYS H    H N N 215 
LYS H2   H N N 216 
LYS HA   H N N 217 
LYS HB2  H N N 218 
LYS HB3  H N N 219 
LYS HG2  H N N 220 
LYS HG3  H N N 221 
LYS HD2  H N N 222 
LYS HD3  H N N 223 
LYS HE2  H N N 224 
LYS HE3  H N N 225 
LYS HZ1  H N N 226 
LYS HZ2  H N N 227 
LYS HZ3  H N N 228 
LYS HXT  H N N 229 
MET N    N N N 230 
MET CA   C N S 231 
MET C    C N N 232 
MET O    O N N 233 
MET CB   C N N 234 
MET CG   C N N 235 
MET SD   S N N 236 
MET CE   C N N 237 
MET OXT  O N N 238 
MET H    H N N 239 
MET H2   H N N 240 
MET HA   H N N 241 
MET HB2  H N N 242 
MET HB3  H N N 243 
MET HG2  H N N 244 
MET HG3  H N N 245 
MET HE1  H N N 246 
MET HE2  H N N 247 
MET HE3  H N N 248 
MET HXT  H N N 249 
PHE N    N N N 250 
PHE CA   C N S 251 
PHE C    C N N 252 
PHE O    O N N 253 
PHE CB   C N N 254 
PHE CG   C Y N 255 
PHE CD1  C Y N 256 
PHE CD2  C Y N 257 
PHE CE1  C Y N 258 
PHE CE2  C Y N 259 
PHE CZ   C Y N 260 
PHE OXT  O N N 261 
PHE H    H N N 262 
PHE H2   H N N 263 
PHE HA   H N N 264 
PHE HB2  H N N 265 
PHE HB3  H N N 266 
PHE HD1  H N N 267 
PHE HD2  H N N 268 
PHE HE1  H N N 269 
PHE HE2  H N N 270 
PHE HZ   H N N 271 
PHE HXT  H N N 272 
PRO N    N N N 273 
PRO CA   C N S 274 
PRO C    C N N 275 
PRO O    O N N 276 
PRO CB   C N N 277 
PRO CG   C N N 278 
PRO CD   C N N 279 
PRO OXT  O N N 280 
PRO H    H N N 281 
PRO HA   H N N 282 
PRO HB2  H N N 283 
PRO HB3  H N N 284 
PRO HG2  H N N 285 
PRO HG3  H N N 286 
PRO HD2  H N N 287 
PRO HD3  H N N 288 
PRO HXT  H N N 289 
THR N    N N N 290 
THR CA   C N S 291 
THR C    C N N 292 
THR O    O N N 293 
THR CB   C N R 294 
THR OG1  O N N 295 
THR CG2  C N N 296 
THR OXT  O N N 297 
THR H    H N N 298 
THR H2   H N N 299 
THR HA   H N N 300 
THR HB   H N N 301 
THR HG1  H N N 302 
THR HG21 H N N 303 
THR HG22 H N N 304 
THR HG23 H N N 305 
THR HXT  H N N 306 
TRP N    N N N 307 
TRP CA   C N S 308 
TRP C    C N N 309 
TRP O    O N N 310 
TRP CB   C N N 311 
TRP CG   C Y N 312 
TRP CD1  C Y N 313 
TRP CD2  C Y N 314 
TRP NE1  N Y N 315 
TRP CE2  C Y N 316 
TRP CE3  C Y N 317 
TRP CZ2  C Y N 318 
TRP CZ3  C Y N 319 
TRP CH2  C Y N 320 
TRP OXT  O N N 321 
TRP H    H N N 322 
TRP H2   H N N 323 
TRP HA   H N N 324 
TRP HB2  H N N 325 
TRP HB3  H N N 326 
TRP HD1  H N N 327 
TRP HE1  H N N 328 
TRP HE3  H N N 329 
TRP HZ2  H N N 330 
TRP HZ3  H N N 331 
TRP HH2  H N N 332 
TRP HXT  H N N 333 
TYR N    N N N 334 
TYR CA   C N S 335 
TYR C    C N N 336 
TYR O    O N N 337 
TYR CB   C N N 338 
TYR CG   C Y N 339 
TYR CD1  C Y N 340 
TYR CD2  C Y N 341 
TYR CE1  C Y N 342 
TYR CE2  C Y N 343 
TYR CZ   C Y N 344 
TYR OH   O N N 345 
TYR OXT  O N N 346 
TYR H    H N N 347 
TYR H2   H N N 348 
TYR HA   H N N 349 
TYR HB2  H N N 350 
TYR HB3  H N N 351 
TYR HD1  H N N 352 
TYR HD2  H N N 353 
TYR HE1  H N N 354 
TYR HE2  H N N 355 
TYR HH   H N N 356 
TYR HXT  H N N 357 
VAL N    N N N 358 
VAL CA   C N S 359 
VAL C    C N N 360 
VAL O    O N N 361 
VAL CB   C N N 362 
VAL CG1  C N N 363 
VAL CG2  C N N 364 
VAL OXT  O N N 365 
VAL H    H N N 366 
VAL H2   H N N 367 
VAL HA   H N N 368 
VAL HB   H N N 369 
VAL HG11 H N N 370 
VAL HG12 H N N 371 
VAL HG13 H N N 372 
VAL HG21 H N N 373 
VAL HG22 H N N 374 
VAL HG23 H N N 375 
VAL HXT  H N N 376 
# 
loop_
_chem_comp_bond.comp_id 
_chem_comp_bond.atom_id_1 
_chem_comp_bond.atom_id_2 
_chem_comp_bond.value_order 
_chem_comp_bond.pdbx_aromatic_flag 
_chem_comp_bond.pdbx_stereo_config 
_chem_comp_bond.pdbx_ordinal 
ALA N   CA   sing N N 1   
ALA N   H    sing N N 2   
ALA N   H2   sing N N 3   
ALA CA  C    sing N N 4   
ALA CA  CB   sing N N 5   
ALA CA  HA   sing N N 6   
ALA C   O    doub N N 7   
ALA C   OXT  sing N N 8   
ALA CB  HB1  sing N N 9   
ALA CB  HB2  sing N N 10  
ALA CB  HB3  sing N N 11  
ALA OXT HXT  sing N N 12  
ARG N   CA   sing N N 13  
ARG N   H    sing N N 14  
ARG N   H2   sing N N 15  
ARG CA  C    sing N N 16  
ARG CA  CB   sing N N 17  
ARG CA  HA   sing N N 18  
ARG C   O    doub N N 19  
ARG C   OXT  sing N N 20  
ARG CB  CG   sing N N 21  
ARG CB  HB2  sing N N 22  
ARG CB  HB3  sing N N 23  
ARG CG  CD   sing N N 24  
ARG CG  HG2  sing N N 25  
ARG CG  HG3  sing N N 26  
ARG CD  NE   sing N N 27  
ARG CD  HD2  sing N N 28  
ARG CD  HD3  sing N N 29  
ARG NE  CZ   sing N N 30  
ARG NE  HE   sing N N 31  
ARG CZ  NH1  sing N N 32  
ARG CZ  NH2  doub N N 33  
ARG NH1 HH11 sing N N 34  
ARG NH1 HH12 sing N N 35  
ARG NH2 HH21 sing N N 36  
ARG NH2 HH22 sing N N 37  
ARG OXT HXT  sing N N 38  
ASN N   CA   sing N N 39  
ASN N   H    sing N N 40  
ASN N   H2   sing N N 41  
ASN CA  C    sing N N 42  
ASN CA  CB   sing N N 43  
ASN CA  HA   sing N N 44  
ASN C   O    doub N N 45  
ASN C   OXT  sing N N 46  
ASN CB  CG   sing N N 47  
ASN CB  HB2  sing N N 48  
ASN CB  HB3  sing N N 49  
ASN CG  OD1  doub N N 50  
ASN CG  ND2  sing N N 51  
ASN ND2 HD21 sing N N 52  
ASN ND2 HD22 sing N N 53  
ASN OXT HXT  sing N N 54  
ASP N   CA   sing N N 55  
ASP N   H    sing N N 56  
ASP N   H2   sing N N 57  
ASP CA  C    sing N N 58  
ASP CA  CB   sing N N 59  
ASP CA  HA   sing N N 60  
ASP C   O    doub N N 61  
ASP C   OXT  sing N N 62  
ASP CB  CG   sing N N 63  
ASP CB  HB2  sing N N 64  
ASP CB  HB3  sing N N 65  
ASP CG  OD1  doub N N 66  
ASP CG  OD2  sing N N 67  
ASP OD2 HD2  sing N N 68  
ASP OXT HXT  sing N N 69  
CYS N   CA   sing N N 70  
CYS N   H    sing N N 71  
CYS N   H2   sing N N 72  
CYS CA  C    sing N N 73  
CYS CA  CB   sing N N 74  
CYS CA  HA   sing N N 75  
CYS C   O    doub N N 76  
CYS C   OXT  sing N N 77  
CYS CB  SG   sing N N 78  
CYS CB  HB2  sing N N 79  
CYS CB  HB3  sing N N 80  
CYS SG  HG   sing N N 81  
CYS OXT HXT  sing N N 82  
GLN N   CA   sing N N 83  
GLN N   H    sing N N 84  
GLN N   H2   sing N N 85  
GLN CA  C    sing N N 86  
GLN CA  CB   sing N N 87  
GLN CA  HA   sing N N 88  
GLN C   O    doub N N 89  
GLN C   OXT  sing N N 90  
GLN CB  CG   sing N N 91  
GLN CB  HB2  sing N N 92  
GLN CB  HB3  sing N N 93  
GLN CG  CD   sing N N 94  
GLN CG  HG2  sing N N 95  
GLN CG  HG3  sing N N 96  
GLN CD  OE1  doub N N 97  
GLN CD  NE2  sing N N 98  
GLN NE2 HE21 sing N N 99  
GLN NE2 HE22 sing N N 100 
GLN OXT HXT  sing N N 101 
GLU N   CA   sing N N 102 
GLU N   H    sing N N 103 
GLU N   H2   sing N N 104 
GLU CA  C    sing N N 105 
GLU CA  CB   sing N N 106 
GLU CA  HA   sing N N 107 
GLU C   O    doub N N 108 
GLU C   OXT  sing N N 109 
GLU CB  CG   sing N N 110 
GLU CB  HB2  sing N N 111 
GLU CB  HB3  sing N N 112 
GLU CG  CD   sing N N 113 
GLU CG  HG2  sing N N 114 
GLU CG  HG3  sing N N 115 
GLU CD  OE1  doub N N 116 
GLU CD  OE2  sing N N 117 
GLU OE2 HE2  sing N N 118 
GLU OXT HXT  sing N N 119 
GLY N   CA   sing N N 120 
GLY N   H    sing N N 121 
GLY N   H2   sing N N 122 
GLY CA  C    sing N N 123 
GLY CA  HA2  sing N N 124 
GLY CA  HA3  sing N N 125 
GLY C   O    doub N N 126 
GLY C   OXT  sing N N 127 
GLY OXT HXT  sing N N 128 
HIS N   CA   sing N N 129 
HIS N   H    sing N N 130 
HIS N   H2   sing N N 131 
HIS CA  C    sing N N 132 
HIS CA  CB   sing N N 133 
HIS CA  HA   sing N N 134 
HIS C   O    doub N N 135 
HIS C   OXT  sing N N 136 
HIS CB  CG   sing N N 137 
HIS CB  HB2  sing N N 138 
HIS CB  HB3  sing N N 139 
HIS CG  ND1  sing Y N 140 
HIS CG  CD2  doub Y N 141 
HIS ND1 CE1  doub Y N 142 
HIS ND1 HD1  sing N N 143 
HIS CD2 NE2  sing Y N 144 
HIS CD2 HD2  sing N N 145 
HIS CE1 NE2  sing Y N 146 
HIS CE1 HE1  sing N N 147 
HIS NE2 HE2  sing N N 148 
HIS OXT HXT  sing N N 149 
HOH O   H1   sing N N 150 
HOH O   H2   sing N N 151 
ILE N   CA   sing N N 152 
ILE N   H    sing N N 153 
ILE N   H2   sing N N 154 
ILE CA  C    sing N N 155 
ILE CA  CB   sing N N 156 
ILE CA  HA   sing N N 157 
ILE C   O    doub N N 158 
ILE C   OXT  sing N N 159 
ILE CB  CG1  sing N N 160 
ILE CB  CG2  sing N N 161 
ILE CB  HB   sing N N 162 
ILE CG1 CD1  sing N N 163 
ILE CG1 HG12 sing N N 164 
ILE CG1 HG13 sing N N 165 
ILE CG2 HG21 sing N N 166 
ILE CG2 HG22 sing N N 167 
ILE CG2 HG23 sing N N 168 
ILE CD1 HD11 sing N N 169 
ILE CD1 HD12 sing N N 170 
ILE CD1 HD13 sing N N 171 
ILE OXT HXT  sing N N 172 
LEU N   CA   sing N N 173 
LEU N   H    sing N N 174 
LEU N   H2   sing N N 175 
LEU CA  C    sing N N 176 
LEU CA  CB   sing N N 177 
LEU CA  HA   sing N N 178 
LEU C   O    doub N N 179 
LEU C   OXT  sing N N 180 
LEU CB  CG   sing N N 181 
LEU CB  HB2  sing N N 182 
LEU CB  HB3  sing N N 183 
LEU CG  CD1  sing N N 184 
LEU CG  CD2  sing N N 185 
LEU CG  HG   sing N N 186 
LEU CD1 HD11 sing N N 187 
LEU CD1 HD12 sing N N 188 
LEU CD1 HD13 sing N N 189 
LEU CD2 HD21 sing N N 190 
LEU CD2 HD22 sing N N 191 
LEU CD2 HD23 sing N N 192 
LEU OXT HXT  sing N N 193 
LYS N   CA   sing N N 194 
LYS N   H    sing N N 195 
LYS N   H2   sing N N 196 
LYS CA  C    sing N N 197 
LYS CA  CB   sing N N 198 
LYS CA  HA   sing N N 199 
LYS C   O    doub N N 200 
LYS C   OXT  sing N N 201 
LYS CB  CG   sing N N 202 
LYS CB  HB2  sing N N 203 
LYS CB  HB3  sing N N 204 
LYS CG  CD   sing N N 205 
LYS CG  HG2  sing N N 206 
LYS CG  HG3  sing N N 207 
LYS CD  CE   sing N N 208 
LYS CD  HD2  sing N N 209 
LYS CD  HD3  sing N N 210 
LYS CE  NZ   sing N N 211 
LYS CE  HE2  sing N N 212 
LYS CE  HE3  sing N N 213 
LYS NZ  HZ1  sing N N 214 
LYS NZ  HZ2  sing N N 215 
LYS NZ  HZ3  sing N N 216 
LYS OXT HXT  sing N N 217 
MET N   CA   sing N N 218 
MET N   H    sing N N 219 
MET N   H2   sing N N 220 
MET CA  C    sing N N 221 
MET CA  CB   sing N N 222 
MET CA  HA   sing N N 223 
MET C   O    doub N N 224 
MET C   OXT  sing N N 225 
MET CB  CG   sing N N 226 
MET CB  HB2  sing N N 227 
MET CB  HB3  sing N N 228 
MET CG  SD   sing N N 229 
MET CG  HG2  sing N N 230 
MET CG  HG3  sing N N 231 
MET SD  CE   sing N N 232 
MET CE  HE1  sing N N 233 
MET CE  HE2  sing N N 234 
MET CE  HE3  sing N N 235 
MET OXT HXT  sing N N 236 
PHE N   CA   sing N N 237 
PHE N   H    sing N N 238 
PHE N   H2   sing N N 239 
PHE CA  C    sing N N 240 
PHE CA  CB   sing N N 241 
PHE CA  HA   sing N N 242 
PHE C   O    doub N N 243 
PHE C   OXT  sing N N 244 
PHE CB  CG   sing N N 245 
PHE CB  HB2  sing N N 246 
PHE CB  HB3  sing N N 247 
PHE CG  CD1  doub Y N 248 
PHE CG  CD2  sing Y N 249 
PHE CD1 CE1  sing Y N 250 
PHE CD1 HD1  sing N N 251 
PHE CD2 CE2  doub Y N 252 
PHE CD2 HD2  sing N N 253 
PHE CE1 CZ   doub Y N 254 
PHE CE1 HE1  sing N N 255 
PHE CE2 CZ   sing Y N 256 
PHE CE2 HE2  sing N N 257 
PHE CZ  HZ   sing N N 258 
PHE OXT HXT  sing N N 259 
PRO N   CA   sing N N 260 
PRO N   CD   sing N N 261 
PRO N   H    sing N N 262 
PRO CA  C    sing N N 263 
PRO CA  CB   sing N N 264 
PRO CA  HA   sing N N 265 
PRO C   O    doub N N 266 
PRO C   OXT  sing N N 267 
PRO CB  CG   sing N N 268 
PRO CB  HB2  sing N N 269 
PRO CB  HB3  sing N N 270 
PRO CG  CD   sing N N 271 
PRO CG  HG2  sing N N 272 
PRO CG  HG3  sing N N 273 
PRO CD  HD2  sing N N 274 
PRO CD  HD3  sing N N 275 
PRO OXT HXT  sing N N 276 
THR N   CA   sing N N 277 
THR N   H    sing N N 278 
THR N   H2   sing N N 279 
THR CA  C    sing N N 280 
THR CA  CB   sing N N 281 
THR CA  HA   sing N N 282 
THR C   O    doub N N 283 
THR C   OXT  sing N N 284 
THR CB  OG1  sing N N 285 
THR CB  CG2  sing N N 286 
THR CB  HB   sing N N 287 
THR OG1 HG1  sing N N 288 
THR CG2 HG21 sing N N 289 
THR CG2 HG22 sing N N 290 
THR CG2 HG23 sing N N 291 
THR OXT HXT  sing N N 292 
TRP N   CA   sing N N 293 
TRP N   H    sing N N 294 
TRP N   H2   sing N N 295 
TRP CA  C    sing N N 296 
TRP CA  CB   sing N N 297 
TRP CA  HA   sing N N 298 
TRP C   O    doub N N 299 
TRP C   OXT  sing N N 300 
TRP CB  CG   sing N N 301 
TRP CB  HB2  sing N N 302 
TRP CB  HB3  sing N N 303 
TRP CG  CD1  doub Y N 304 
TRP CG  CD2  sing Y N 305 
TRP CD1 NE1  sing Y N 306 
TRP CD1 HD1  sing N N 307 
TRP CD2 CE2  doub Y N 308 
TRP CD2 CE3  sing Y N 309 
TRP NE1 CE2  sing Y N 310 
TRP NE1 HE1  sing N N 311 
TRP CE2 CZ2  sing Y N 312 
TRP CE3 CZ3  doub Y N 313 
TRP CE3 HE3  sing N N 314 
TRP CZ2 CH2  doub Y N 315 
TRP CZ2 HZ2  sing N N 316 
TRP CZ3 CH2  sing Y N 317 
TRP CZ3 HZ3  sing N N 318 
TRP CH2 HH2  sing N N 319 
TRP OXT HXT  sing N N 320 
TYR N   CA   sing N N 321 
TYR N   H    sing N N 322 
TYR N   H2   sing N N 323 
TYR CA  C    sing N N 324 
TYR CA  CB   sing N N 325 
TYR CA  HA   sing N N 326 
TYR C   O    doub N N 327 
TYR C   OXT  sing N N 328 
TYR CB  CG   sing N N 329 
TYR CB  HB2  sing N N 330 
TYR CB  HB3  sing N N 331 
TYR CG  CD1  doub Y N 332 
TYR CG  CD2  sing Y N 333 
TYR CD1 CE1  sing Y N 334 
TYR CD1 HD1  sing N N 335 
TYR CD2 CE2  doub Y N 336 
TYR CD2 HD2  sing N N 337 
TYR CE1 CZ   doub Y N 338 
TYR CE1 HE1  sing N N 339 
TYR CE2 CZ   sing Y N 340 
TYR CE2 HE2  sing N N 341 
TYR CZ  OH   sing N N 342 
TYR OH  HH   sing N N 343 
TYR OXT HXT  sing N N 344 
VAL N   CA   sing N N 345 
VAL N   H    sing N N 346 
VAL N   H2   sing N N 347 
VAL CA  C    sing N N 348 
VAL CA  CB   sing N N 349 
VAL CA  HA   sing N N 350 
VAL C   O    doub N N 351 
VAL C   OXT  sing N N 352 
VAL CB  CG1  sing N N 353 
VAL CB  CG2  sing N N 354 
VAL CB  HB   sing N N 355 
VAL CG1 HG11 sing N N 356 
VAL CG1 HG12 sing N N 357 
VAL CG1 HG13 sing N N 358 
VAL CG2 HG21 sing N N 359 
VAL CG2 HG22 sing N N 360 
VAL CG2 HG23 sing N N 361 
VAL OXT HXT  sing N N 362 
# 
_pdbx_audit_support.funding_organization   'Council of Scientific & Industrial Research (CSIR)' 
_pdbx_audit_support.country                India 
_pdbx_audit_support.grant_number           ? 
_pdbx_audit_support.ordinal                1 
# 
_pdbx_initial_refinement_model.id               1 
_pdbx_initial_refinement_model.entity_id_list   ? 
_pdbx_initial_refinement_model.type             'experimental model' 
_pdbx_initial_refinement_model.source_name      PDB 
_pdbx_initial_refinement_model.accession_code   4OZK 
_pdbx_initial_refinement_model.details          ? 
# 
_atom_sites.entry_id                    6LWZ 
_atom_sites.Cartn_transf_matrix[1][1]   ? 
_atom_sites.Cartn_transf_matrix[1][2]   ? 
_atom_sites.Cartn_transf_matrix[1][3]   ? 
_atom_sites.Cartn_transf_matrix[2][1]   ? 
_atom_sites.Cartn_transf_matrix[2][2]   ? 
_atom_sites.Cartn_transf_matrix[2][3]   ? 
_atom_sites.Cartn_transf_matrix[3][1]   ? 
_atom_sites.Cartn_transf_matrix[3][2]   ? 
_atom_sites.Cartn_transf_matrix[3][3]   ? 
_atom_sites.Cartn_transf_vector[1]      ? 
_atom_sites.Cartn_transf_vector[2]      ? 
_atom_sites.Cartn_transf_vector[3]      ? 
_atom_sites.fract_transf_matrix[1][1]   0.01881045 
_atom_sites.fract_transf_matrix[1][2]   0.02367870 
_atom_sites.fract_transf_matrix[1][3]   0.03557088 
_atom_sites.fract_transf_matrix[2][1]   0.03472122 
_atom_sites.fract_transf_matrix[2][2]   0.01003271 
_atom_sites.fract_transf_matrix[2][3]   -0.01134705 
_atom_sites.fract_transf_matrix[3][1]   -0.00028782 
_atom_sites.fract_transf_matrix[3][2]   0.02972081 
_atom_sites.fract_transf_matrix[3][3]   -0.01523867 
_atom_sites.fract_transf_vector[1]      0.740715 
_atom_sites.fract_transf_vector[2]      0.601430 
_atom_sites.fract_transf_vector[3]      0.295211 
_atom_sites.solution_primary            ? 
_atom_sites.solution_secondary          ? 
_atom_sites.solution_hydrogens          ? 
_atom_sites.special_details             ? 
# 
loop_
_atom_type.symbol 
C 
N 
O 
S 
# 
loop_
_atom_site.group_PDB 
_atom_site.id 
_atom_site.type_symbol 
_atom_site.label_atom_id 
_atom_site.label_alt_id 
_atom_site.label_comp_id 
_atom_site.label_asym_id 
_atom_site.label_entity_id 
_atom_site.label_seq_id 
_atom_site.pdbx_PDB_ins_code 
_atom_site.Cartn_x 
_atom_site.Cartn_y 
_atom_site.Cartn_z 
_atom_site.occupancy 
_atom_site.B_iso_or_equiv 
_atom_site.pdbx_formal_charge 
_atom_site.auth_seq_id 
_atom_site.auth_comp_id 
_atom_site.auth_asym_id 
_atom_site.auth_atom_id 
_atom_site.pdbx_PDB_model_num 
ATOM   1   N N   . ALA A 1 1  ? -7.708  -18.864 2.538   1.00 32.40 ? 2   ALA A N   1 
ATOM   2   C CA  . ALA A 1 1  ? -6.911  -17.827 3.266   1.00 34.77 ? 2   ALA A CA  1 
ATOM   3   C C   . ALA A 1 1  ? -7.379  -16.389 3.035   1.00 36.80 ? 2   ALA A C   1 
ATOM   4   O O   . ALA A 1 1  ? -6.983  -15.493 3.772   1.00 41.81 ? 2   ALA A O   1 
ATOM   5   C CB  . ALA A 1 1  ? -5.440  -17.955 2.925   1.00 33.59 ? 2   ALA A CB  1 
ATOM   6   N N   . CYS A 1 2  ? -8.200  -16.173 2.013   1.00 40.26 ? 3   CYS A N   1 
ATOM   7   C CA  . CYS A 1 2  ? -8.846  -14.885 1.780   1.00 46.25 ? 3   CYS A CA  1 
ATOM   8   C C   . CYS A 1 2  ? -10.195 -14.828 2.507   1.00 48.73 ? 3   CYS A C   1 
ATOM   9   O O   . CYS A 1 2  ? -10.964 -15.789 2.467   1.00 45.92 ? 3   CYS A O   1 
ATOM   10  C CB  . CYS A 1 2  ? -9.046  -14.681 0.279   1.00 47.63 ? 3   CYS A CB  1 
ATOM   11  S SG  . CYS A 1 2  ? -9.139  -12.955 -0.227  1.00 44.78 ? 3   CYS A SG  1 
ATOM   12  N N   . VAL A 1 3  ? -10.484 -13.702 3.157   1.00 49.67 ? 4   VAL A N   1 
ATOM   13  C CA  . VAL A 1 3  ? -11.670 -13.582 4.015   1.00 45.17 ? 4   VAL A CA  1 
ATOM   14  C C   . VAL A 1 3  ? -12.956 -13.395 3.217   1.00 45.72 ? 4   VAL A C   1 
ATOM   15  O O   . VAL A 1 3  ? -13.883 -14.202 3.321   1.00 50.28 ? 4   VAL A O   1 
ATOM   16  C CB  . VAL A 1 3  ? -11.518 -12.424 5.018   1.00 44.66 ? 4   VAL A CB  1 
ATOM   17  C CG1 . VAL A 1 3  ? -12.804 -12.216 5.810   1.00 45.49 ? 4   VAL A CG1 1 
ATOM   18  C CG2 . VAL A 1 3  ? -10.369 -12.710 5.965   1.00 42.57 ? 4   VAL A CG2 1 
ATOM   19  N N   . ASN A 1 4  ? -13.019 -12.308 2.456   1.00 48.09 ? 5   ASN A N   1 
ATOM   20  C CA  . ASN A 1 4  ? -14.111 -12.068 1.527   1.00 50.06 ? 5   ASN A CA  1 
ATOM   21  C C   . ASN A 1 4  ? -13.607 -12.570 0.188   1.00 53.31 ? 5   ASN A C   1 
ATOM   22  O O   . ASN A 1 4  ? -12.395 -12.603 -0.040  1.00 61.83 ? 5   ASN A O   1 
ATOM   23  C CB  . ASN A 1 4  ? -14.434 -10.572 1.437   1.00 46.94 ? 5   ASN A CB  1 
ATOM   24  C CG  . ASN A 1 4  ? -14.876 -9.975  2.766   1.00 38.84 ? 5   ASN A CG  1 
ATOM   25  O OD1 . ASN A 1 4  ? -14.078 -9.382  3.488   1.00 38.64 ? 5   ASN A OD1 1 
ATOM   26  N ND2 . ASN A 1 4  ? -16.150 -10.117 3.085   1.00 39.31 ? 5   ASN A ND2 1 
ATOM   27  N N   . GLN A 1 5  ? -14.515 -12.978 -0.692  1.00 60.55 ? 6   GLN A N   1 
ATOM   28  C CA  . GLN A 1 5  ? -14.132 -13.353 -2.054  1.00 65.59 ? 6   GLN A CA  1 
ATOM   29  C C   . GLN A 1 5  ? -15.174 -12.911 -3.074  1.00 60.27 ? 6   GLN A C   1 
ATOM   30  O O   . GLN A 1 5  ? -16.259 -12.448 -2.722  1.00 57.64 ? 6   GLN A O   1 
ATOM   31  C CB  . GLN A 1 5  ? -13.829 -14.860 -2.157  1.00 71.26 ? 6   GLN A CB  1 
ATOM   32  C CG  . GLN A 1 5  ? -12.390 -15.214 -1.784  1.00 74.03 ? 6   GLN A CG  1 
ATOM   33  C CD  . GLN A 1 5  ? -11.976 -16.626 -2.175  1.00 73.49 ? 6   GLN A CD  1 
ATOM   34  O OE1 . GLN A 1 5  ? -12.750 -17.381 -2.772  1.00 73.62 ? 6   GLN A OE1 1 
ATOM   35  N NE2 . GLN A 1 5  ? -10.745 -16.995 -1.827  1.00 68.76 ? 6   GLN A NE2 1 
ATOM   36  N N   . CYS A 1 6  ? -14.804 -13.033 -4.344  1.00 59.15 ? 7   CYS A N   1 
ATOM   37  C CA  . CYS A 1 6  ? -15.615 -12.541 -5.448  1.00 55.94 ? 7   CYS A CA  1 
ATOM   38  C C   . CYS A 1 6  ? -16.666 -13.557 -5.873  1.00 57.42 ? 7   CYS A C   1 
ATOM   39  O O   . CYS A 1 6  ? -16.419 -14.763 -5.812  1.00 62.15 ? 7   CYS A O   1 
ATOM   40  C CB  . CYS A 1 6  ? -14.708 -12.192 -6.621  1.00 54.51 ? 7   CYS A CB  1 
ATOM   41  S SG  . CYS A 1 6  ? -13.435 -11.012 -6.132  1.00 54.78 ? 7   CYS A SG  1 
ATOM   42  N N   . PRO A 1 7  ? -17.844 -13.073 -6.307  1.00 54.43 ? 8   PRO A N   1 
ATOM   43  C CA  . PRO A 1 7  ? -18.941 -13.971 -6.691  1.00 54.84 ? 8   PRO A CA  1 
ATOM   44  C C   . PRO A 1 7  ? -18.575 -14.976 -7.792  1.00 59.65 ? 8   PRO A C   1 
ATOM   45  O O   . PRO A 1 7  ? -18.922 -16.157 -7.693  1.00 63.56 ? 8   PRO A O   1 
ATOM   46  C CB  . PRO A 1 7  ? -20.030 -13.010 -7.188  1.00 54.60 ? 8   PRO A CB  1 
ATOM   47  C CG  . PRO A 1 7  ? -19.715 -11.698 -6.560  1.00 47.70 ? 8   PRO A CG  1 
ATOM   48  C CD  . PRO A 1 7  ? -18.226 -11.652 -6.428  1.00 51.06 ? 8   PRO A CD  1 
ATOM   49  N N   . ASP A 1 8  ? -17.878 -14.506 -8.821  1.00 57.02 ? 9   ASP A N   1 
ATOM   50  C CA  . ASP A 1 8  ? -17.522 -15.343 -9.970  1.00 58.75 ? 9   ASP A CA  1 
ATOM   51  C C   . ASP A 1 8  ? -16.010 -15.368 -10.241 1.00 55.91 ? 9   ASP A C   1 
ATOM   52  O O   . ASP A 1 8  ? -15.431 -16.439 -10.447 1.00 59.28 ? 9   ASP A O   1 
ATOM   53  C CB  . ASP A 1 8  ? -18.293 -14.901 -11.226 1.00 65.32 ? 9   ASP A CB  1 
ATOM   54  C CG  . ASP A 1 8  ? -18.259 -13.396 -11.449 1.00 68.21 ? 9   ASP A CG  1 
ATOM   55  O OD1 . ASP A 1 8  ? -17.592 -12.686 -10.668 1.00 68.72 ? 9   ASP A OD1 1 
ATOM   56  O OD2 . ASP A 1 8  ? -18.900 -12.923 -12.411 1.00 72.77 ? 9   ASP A OD2 1 
ATOM   57  N N   . ALA A 1 9  ? -15.375 -14.197 -10.243 1.00 48.74 ? 10  ALA A N   1 
ATOM   58  C CA  . ALA A 1 9  ? -13.932 -14.114 -10.460 1.00 46.02 ? 10  ALA A CA  1 
ATOM   59  C C   . ALA A 1 9  ? -13.337 -12.807 -9.942  1.00 45.32 ? 10  ALA A C   1 
ATOM   60  O O   . ALA A 1 9  ? -13.994 -11.766 -9.926  1.00 44.03 ? 10  ALA A O   1 
ATOM   61  C CB  . ALA A 1 9  ? -13.617 -14.283 -11.939 1.00 47.90 ? 10  ALA A CB  1 
ATOM   62  N N   . ILE A 1 10 ? -12.077 -12.873 -9.531  1.00 43.69 ? 11  ILE A N   1 
ATOM   63  C CA  . ILE A 1 10 ? -11.374 -11.696 -9.036  1.00 44.89 ? 11  ILE A CA  1 
ATOM   64  C C   . ILE A 1 10 ? -10.724 -10.992 -10.225 1.00 45.78 ? 11  ILE A C   1 
ATOM   65  O O   . ILE A 1 10 ? -10.277 -11.642 -11.173 1.00 48.57 ? 11  ILE A O   1 
ATOM   66  C CB  . ILE A 1 10 ? -10.330 -12.044 -7.940  1.00 48.35 ? 11  ILE A CB  1 
ATOM   67  C CG1 . ILE A 1 10 ? -9.022  -12.589 -8.529  1.00 49.20 ? 11  ILE A CG1 1 
ATOM   68  C CG2 . ILE A 1 10 ? -10.886 -13.061 -6.951  1.00 50.16 ? 11  ILE A CG2 1 
ATOM   69  C CD1 . ILE A 1 10 ? -7.962  -11.537 -8.761  1.00 47.69 ? 11  ILE A CD1 1 
ATOM   70  N N   . ASP A 1 11 ? -10.682 -9.664  -10.171 1.00 42.89 ? 12  ASP A N   1 
ATOM   71  C CA  . ASP A 1 11 ? -10.101 -8.866  -11.236 1.00 43.33 ? 12  ASP A CA  1 
ATOM   72  C C   . ASP A 1 11 ? -8.622  -8.641  -10.957 1.00 38.30 ? 12  ASP A C   1 
ATOM   73  O O   . ASP A 1 11 ? -7.780  -8.951  -11.791 1.00 40.15 ? 12  ASP A O   1 
ATOM   74  C CB  . ASP A 1 11 ? -10.841 -7.533  -11.370 1.00 46.74 ? 12  ASP A CB  1 
ATOM   75  C CG  . ASP A 1 11 ? -10.445 -6.759  -12.621 1.00 47.69 ? 12  ASP A CG  1 
ATOM   76  O OD1 . ASP A 1 11 ? -9.890  -7.362  -13.566 1.00 43.65 ? 12  ASP A OD1 1 
ATOM   77  O OD2 . ASP A 1 11 ? -10.690 -5.535  -12.657 1.00 49.08 ? 12  ASP A OD2 1 
ATOM   78  N N   . ARG A 1 12 ? -8.311  -8.103  -9.782  1.00 33.57 ? 13  ARG A N   1 
ATOM   79  C CA  . ARG A 1 12 ? -6.921  -7.956  -9.343  1.00 32.51 ? 13  ARG A CA  1 
ATOM   80  C C   . ARG A 1 12 ? -6.821  -7.891  -7.820  1.00 30.28 ? 13  ARG A C   1 
ATOM   81  O O   . ARG A 1 12 ? -7.830  -7.866  -7.118  1.00 29.24 ? 13  ARG A O   1 
ATOM   82  C CB  . ARG A 1 12 ? -6.256  -6.727  -9.988  1.00 35.20 ? 13  ARG A CB  1 
ATOM   83  C CG  . ARG A 1 12 ? -6.936  -5.397  -9.690  1.00 37.42 ? 13  ARG A CG  1 
ATOM   84  C CD  . ARG A 1 12 ? -6.808  -4.427  -10.856 1.00 38.62 ? 13  ARG A CD  1 
ATOM   85  N NE  . ARG A 1 12 ? -7.467  -4.936  -12.061 1.00 41.66 ? 13  ARG A NE  1 
ATOM   86  C CZ  . ARG A 1 12 ? -7.409  -4.378  -13.271 1.00 46.01 ? 13  ARG A CZ  1 
ATOM   87  N NH1 . ARG A 1 12 ? -6.716  -3.265  -13.485 1.00 49.76 ? 13  ARG A NH1 1 
ATOM   88  N NH2 . ARG A 1 12 ? -8.055  -4.947  -14.281 1.00 51.17 ? 13  ARG A NH2 1 
ATOM   89  N N   . PHE A 1 13 ? -5.590  -7.905  -7.328  1.00 29.34 ? 14  PHE A N   1 
ATOM   90  C CA  . PHE A 1 13 ? -5.304  -7.690  -5.922  1.00 28.66 ? 14  PHE A CA  1 
ATOM   91  C C   . PHE A 1 13 ? -4.696  -6.307  -5.742  1.00 28.74 ? 14  PHE A C   1 
ATOM   92  O O   . PHE A 1 13 ? -3.879  -5.881  -6.554  1.00 27.63 ? 14  PHE A O   1 
ATOM   93  C CB  . PHE A 1 13 ? -4.330  -8.749  -5.414  1.00 29.44 ? 14  PHE A CB  1 
ATOM   94  C CG  . PHE A 1 13 ? -4.948  -10.101 -5.248  1.00 29.73 ? 14  PHE A CG  1 
ATOM   95  C CD1 . PHE A 1 13 ? -5.071  -10.959 -6.333  1.00 30.39 ? 14  PHE A CD1 1 
ATOM   96  C CD2 . PHE A 1 13 ? -5.413  -10.520 -4.005  1.00 29.26 ? 14  PHE A CD2 1 
ATOM   97  C CE1 . PHE A 1 13 ? -5.641  -12.214 -6.180  1.00 31.78 ? 14  PHE A CE1 1 
ATOM   98  C CE2 . PHE A 1 13 ? -5.983  -11.774 -3.841  1.00 28.54 ? 14  PHE A CE2 1 
ATOM   99  C CZ  . PHE A 1 13 ? -6.102  -12.622 -4.931  1.00 30.66 ? 14  PHE A CZ  1 
ATOM   100 N N   . ILE A 1 14 ? -5.117  -5.606  -4.693  1.00 29.87 ? 15  ILE A N   1 
ATOM   101 C CA  . ILE A 1 14 ? -4.500  -4.339  -4.302  1.00 30.90 ? 15  ILE A CA  1 
ATOM   102 C C   . ILE A 1 14 ? -3.786  -4.469  -2.949  1.00 30.82 ? 15  ILE A C   1 
ATOM   103 O O   . ILE A 1 14 ? -4.393  -4.824  -1.938  1.00 31.22 ? 15  ILE A O   1 
ATOM   104 C CB  . ILE A 1 14 ? -5.525  -3.190  -4.245  1.00 32.56 ? 15  ILE A CB  1 
ATOM   105 C CG1 . ILE A 1 14 ? -6.175  -2.993  -5.611  1.00 33.13 ? 15  ILE A CG1 1 
ATOM   106 C CG2 . ILE A 1 14 ? -4.850  -1.893  -3.830  1.00 33.72 ? 15  ILE A CG2 1 
ATOM   107 C CD1 . ILE A 1 14 ? -7.466  -3.747  -5.771  1.00 35.06 ? 15  ILE A CD1 1 
ATOM   108 N N   . VAL A 1 15 ? -2.496  -4.144  -2.953  1.00 31.93 ? 16  VAL A N   1 
ATOM   109 C CA  . VAL A 1 15 ? -1.617  -4.301  -1.798  1.00 29.25 ? 16  VAL A CA  1 
ATOM   110 C C   . VAL A 1 15 ? -1.327  -2.939  -1.190  1.00 28.33 ? 16  VAL A C   1 
ATOM   111 O O   . VAL A 1 15 ? -0.782  -2.069  -1.857  1.00 24.26 ? 16  VAL A O   1 
ATOM   112 C CB  . VAL A 1 15 ? -0.281  -4.941  -2.216  1.00 28.54 ? 16  VAL A CB  1 
ATOM   113 C CG1 . VAL A 1 15 ? 0.700   -4.976  -1.055  1.00 28.17 ? 16  VAL A CG1 1 
ATOM   114 C CG2 . VAL A 1 15 ? -0.510  -6.340  -2.757  1.00 28.63 ? 16  VAL A CG2 1 
ATOM   115 N N   . LYS A 1 16 ? -1.699  -2.768  0.076   1.00 30.30 ? 17  LYS A N   1 
ATOM   116 C CA  . LYS A 1 16 ? -1.494  -1.519  0.801   1.00 31.88 ? 17  LYS A CA  1 
ATOM   117 C C   . LYS A 1 16 ? -0.554  -1.757  1.974   1.00 29.62 ? 17  LYS A C   1 
ATOM   118 O O   . LYS A 1 16 ? -0.885  -2.488  2.904   1.00 26.01 ? 17  LYS A O   1 
ATOM   119 C CB  . LYS A 1 16 ? -2.832  -0.972  1.297   1.00 35.83 ? 17  LYS A CB  1 
ATOM   120 C CG  . LYS A 1 16 ? -3.701  -0.391  0.192   1.00 39.65 ? 17  LYS A CG  1 
ATOM   121 C CD  . LYS A 1 16 ? -5.184  -0.579  0.469   1.00 42.06 ? 17  LYS A CD  1 
ATOM   122 C CE  . LYS A 1 16 ? -6.040  0.035   -0.630  1.00 43.45 ? 17  LYS A CE  1 
ATOM   123 N NZ  . LYS A 1 16 ? -7.495  -0.254  -0.466  1.00 44.21 ? 17  LYS A NZ  1 
ATOM   124 N N   . ASP A 1 17 ? 0.621   -1.138  1.908   1.00 31.24 ? 18  ASP A N   1 
ATOM   125 C CA  . ASP A 1 17 ? 1.635   -1.241  2.950   1.00 34.96 ? 18  ASP A CA  1 
ATOM   126 C C   . ASP A 1 17 ? 1.319   -0.271  4.080   1.00 34.41 ? 18  ASP A C   1 
ATOM   127 O O   . ASP A 1 17 ? 1.047   0.904   3.836   1.00 32.64 ? 18  ASP A O   1 
ATOM   128 C CB  . ASP A 1 17 ? 3.013   -0.936  2.366   1.00 40.90 ? 18  ASP A CB  1 
ATOM   129 C CG  . ASP A 1 17 ? 4.124   -1.103  3.376   1.00 44.62 ? 18  ASP A CG  1 
ATOM   130 O OD1 . ASP A 1 17 ? 4.136   -0.368  4.387   1.00 53.82 ? 18  ASP A OD1 1 
ATOM   131 O OD2 . ASP A 1 17 ? 4.999   -1.965  3.152   1.00 49.61 ? 18  ASP A OD2 1 
ATOM   132 N N   . LYS A 1 18 ? 1.370   -0.773  5.313   1.00 35.18 ? 19  LYS A N   1 
ATOM   133 C CA  . LYS A 1 18 ? 0.942   -0.015  6.491   1.00 35.58 ? 19  LYS A CA  1 
ATOM   134 C C   . LYS A 1 18 ? 2.055   0.293   7.478   1.00 38.90 ? 19  LYS A C   1 
ATOM   135 O O   . LYS A 1 18 ? 1.848   1.052   8.422   1.00 45.73 ? 19  LYS A O   1 
ATOM   136 C CB  . LYS A 1 18 ? -0.125  -0.795  7.239   1.00 34.08 ? 19  LYS A CB  1 
ATOM   137 C CG  . LYS A 1 18 ? -1.330  -1.175  6.413   1.00 32.85 ? 19  LYS A CG  1 
ATOM   138 C CD  . LYS A 1 18 ? -2.026  0.036   5.824   1.00 31.80 ? 19  LYS A CD  1 
ATOM   139 C CE  . LYS A 1 18 ? -3.340  -0.388  5.199   1.00 31.76 ? 19  LYS A CE  1 
ATOM   140 N NZ  . LYS A 1 18 ? -4.240  0.751   4.922   1.00 32.08 ? 19  LYS A NZ  1 
ATOM   141 N N   . GLY A 1 19 ? 3.224   -0.299  7.286   1.00 38.49 ? 20  GLY A N   1 
ATOM   142 C CA  . GLY A 1 19 ? 4.320   -0.085  8.215   1.00 40.35 ? 20  GLY A CA  1 
ATOM   143 C C   . GLY A 1 19 ? 4.184   -0.969  9.441   1.00 40.12 ? 20  GLY A C   1 
ATOM   144 O O   . GLY A 1 19 ? 3.747   -2.116  9.342   1.00 40.67 ? 20  GLY A O   1 
ATOM   145 N N   . CYS A 1 20 ? 4.535   -0.425  10.602  1.00 36.29 ? 21  CYS A N   1 
ATOM   146 C CA  . CYS A 1 20 ? 4.710   -1.239  11.800  1.00 33.70 ? 21  CYS A CA  1 
ATOM   147 C C   . CYS A 1 20 ? 3.393   -1.619  12.444  1.00 31.31 ? 21  CYS A C   1 
ATOM   148 O O   . CYS A 1 20 ? 2.595   -0.751  12.785  1.00 29.25 ? 21  CYS A O   1 
ATOM   149 C CB  . CYS A 1 20 ? 5.562   -0.497  12.819  1.00 35.19 ? 21  CYS A CB  1 
ATOM   150 S SG  . CYS A 1 20 ? 6.492   -1.611  13.878  1.00 35.23 ? 21  CYS A SG  1 
ATOM   151 N N   . HIS A 1 21 ? 3.169   -2.915  12.625  1.00 28.25 ? 22  HIS A N   1 
ATOM   152 C CA  . HIS A 1 21 ? 1.967   -3.362  13.315  1.00 29.36 ? 22  HIS A CA  1 
ATOM   153 C C   . HIS A 1 21 ? 2.104   -3.026  14.799  1.00 29.75 ? 22  HIS A C   1 
ATOM   154 O O   . HIS A 1 21 ? 3.157   -3.252  15.399  1.00 30.59 ? 22  HIS A O   1 
ATOM   155 C CB  . HIS A 1 21 ? 1.738   -4.856  13.123  1.00 28.94 ? 22  HIS A CB  1 
ATOM   156 C CG  . HIS A 1 21 ? 0.311   -5.271  13.296  1.00 28.61 ? 22  HIS A CG  1 
ATOM   157 N ND1 . HIS A 1 21 ? -0.223  -5.616  14.517  1.00 28.69 ? 22  HIS A ND1 1 
ATOM   158 C CD2 . HIS A 1 21 ? -0.694  -5.400  12.398  1.00 29.87 ? 22  HIS A CD2 1 
ATOM   159 C CE1 . HIS A 1 21 ? -1.492  -5.946  14.366  1.00 30.36 ? 22  HIS A CE1 1 
ATOM   160 N NE2 . HIS A 1 21 ? -1.805  -5.823  13.090  1.00 31.34 ? 22  HIS A NE2 1 
ATOM   161 N N   . GLY A 1 22 ? 1.046   -2.472  15.381  1.00 28.87 ? 23  GLY A N   1 
ATOM   162 C CA  . GLY A 1 22 ? 1.063   -2.061  16.781  1.00 29.73 ? 23  GLY A CA  1 
ATOM   163 C C   . GLY A 1 22 ? 1.063   -3.213  17.771  1.00 30.53 ? 23  GLY A C   1 
ATOM   164 O O   . GLY A 1 22 ? 1.604   -3.085  18.862  1.00 32.24 ? 23  GLY A O   1 
ATOM   165 N N   . VAL A 1 23 ? 0.423   -4.318  17.391  1.00 30.58 ? 24  VAL A N   1 
ATOM   166 C CA  . VAL A 1 23 ? 0.356   -5.543  18.202  1.00 30.79 ? 24  VAL A CA  1 
ATOM   167 C C   . VAL A 1 23 ? 1.503   -6.514  17.904  1.00 31.97 ? 24  VAL A C   1 
ATOM   168 O O   . VAL A 1 23 ? 2.272   -6.874  18.790  1.00 31.35 ? 24  VAL A O   1 
ATOM   169 C CB  . VAL A 1 23 ? -0.970  -6.291  17.946  1.00 30.31 ? 24  VAL A CB  1 
ATOM   170 C CG1 . VAL A 1 23 ? -0.997  -7.625  18.678  1.00 33.07 ? 24  VAL A CG1 1 
ATOM   171 C CG2 . VAL A 1 23 ? -2.154  -5.425  18.338  1.00 26.78 ? 24  VAL A CG2 1 
ATOM   172 N N   . GLU A 1 24 ? 1.587   -6.953  16.652  1.00 31.75 ? 25  GLU A N   1 
ATOM   173 C CA  . GLU A 1 24 ? 2.583   -7.938  16.218  1.00 29.47 ? 25  GLU A CA  1 
ATOM   174 C C   . GLU A 1 24 ? 3.986   -7.339  16.032  1.00 27.90 ? 25  GLU A C   1 
ATOM   175 O O   . GLU A 1 24 ? 4.963   -8.080  15.970  1.00 25.89 ? 25  GLU A O   1 
ATOM   176 C CB  . GLU A 1 24 ? 2.122   -8.609  14.924  1.00 31.06 ? 25  GLU A CB  1 
ATOM   177 C CG  . GLU A 1 24 ? 0.826   -9.393  15.070  1.00 33.26 ? 25  GLU A CG  1 
ATOM   178 C CD  . GLU A 1 24 ? 1.023   -10.764 15.695  1.00 34.11 ? 25  GLU A CD  1 
ATOM   179 O OE1 . GLU A 1 24 ? 0.180   -11.174 16.515  1.00 37.69 ? 25  GLU A OE1 1 
ATOM   180 O OE2 . GLU A 1 24 ? 2.012   -11.441 15.369  1.00 35.24 ? 25  GLU A OE2 1 
ATOM   181 N N   . LYS A 1 25 ? 4.083   -6.010  15.946  1.00 30.20 ? 26  LYS A N   1 
ATOM   182 C CA  . LYS A 1 25 ? 5.381   -5.319  15.836  1.00 32.33 ? 26  LYS A CA  1 
ATOM   183 C C   . LYS A 1 25 ? 6.250   -5.913  14.720  1.00 30.52 ? 26  LYS A C   1 
ATOM   184 O O   . LYS A 1 25 ? 7.428   -6.238  14.909  1.00 26.86 ? 26  LYS A O   1 
ATOM   185 C CB  . LYS A 1 25 ? 6.100   -5.313  17.185  1.00 35.51 ? 26  LYS A CB  1 
ATOM   186 C CG  . LYS A 1 25 ? 5.236   -4.737  18.299  1.00 39.01 ? 26  LYS A CG  1 
ATOM   187 C CD  . LYS A 1 25 ? 6.061   -4.118  19.418  1.00 42.33 ? 26  LYS A CD  1 
ATOM   188 C CE  . LYS A 1 25 ? 6.799   -5.167  20.237  1.00 42.53 ? 26  LYS A CE  1 
ATOM   189 N NZ  . LYS A 1 25 ? 6.922   -4.763  21.670  1.00 41.53 ? 26  LYS A NZ  1 
ATOM   190 N N   . LYS A 1 26 ? 5.613   -6.062  13.562  1.00 30.24 ? 27  LYS A N   1 
ATOM   191 C CA  . LYS A 1 26 ? 6.244   -6.493  12.323  1.00 29.07 ? 27  LYS A CA  1 
ATOM   192 C C   . LYS A 1 26 ? 5.673   -5.595  11.247  1.00 25.28 ? 27  LYS A C   1 
ATOM   193 O O   . LYS A 1 26 ? 4.526   -5.136  11.343  1.00 22.73 ? 27  LYS A O   1 
ATOM   194 C CB  . LYS A 1 26 ? 5.898   -7.948  11.985  1.00 29.78 ? 27  LYS A CB  1 
ATOM   195 C CG  . LYS A 1 26 ? 6.715   -9.005  12.718  1.00 30.76 ? 27  LYS A CG  1 
ATOM   196 C CD  . LYS A 1 26 ? 6.300   -10.424 12.328  1.00 30.13 ? 27  LYS A CD  1 
ATOM   197 C CE  . LYS A 1 26 ? 4.964   -10.813 12.939  1.00 31.41 ? 27  LYS A CE  1 
ATOM   198 N NZ  . LYS A 1 26 ? 4.535   -12.174 12.532  1.00 34.61 ? 27  LYS A NZ  1 
ATOM   199 N N   . TYR A 1 27 ? 6.465   -5.342  10.216  1.00 23.46 ? 28  TYR A N   1 
ATOM   200 C CA  . TYR A 1 27 ? 5.945   -4.672  9.037   1.00 23.66 ? 28  TYR A CA  1 
ATOM   201 C C   . TYR A 1 27 ? 4.808   -5.506  8.478   1.00 23.53 ? 28  TYR A C   1 
ATOM   202 O O   . TYR A 1 27 ? 4.851   -6.734  8.547   1.00 24.41 ? 28  TYR A O   1 
ATOM   203 C CB  . TYR A 1 27 ? 7.045   -4.500  7.998   1.00 22.94 ? 28  TYR A CB  1 
ATOM   204 C CG  . TYR A 1 27 ? 8.078   -3.488  8.413   1.00 25.66 ? 28  TYR A CG  1 
ATOM   205 C CD1 . TYR A 1 27 ? 7.716   -2.168  8.642   1.00 25.38 ? 28  TYR A CD1 1 
ATOM   206 C CD2 . TYR A 1 27 ? 9.415   -3.843  8.582   1.00 27.11 ? 28  TYR A CD2 1 
ATOM   207 C CE1 . TYR A 1 27 ? 8.649   -1.224  9.027   1.00 27.19 ? 28  TYR A CE1 1 
ATOM   208 C CE2 . TYR A 1 27 ? 10.361  -2.902  8.973   1.00 28.20 ? 28  TYR A CE2 1 
ATOM   209 C CZ  . TYR A 1 27 ? 9.971   -1.591  9.192   1.00 28.99 ? 28  TYR A CZ  1 
ATOM   210 O OH  . TYR A 1 27 ? 10.889  -0.630  9.580   1.00 32.05 ? 28  TYR A OH  1 
ATOM   211 N N   . TYR A 1 28 ? 3.774   -4.853  7.961   1.00 22.92 ? 29  TYR A N   1 
ATOM   212 C CA  . TYR A 1 28 ? 2.657   -5.580  7.367   1.00 19.39 ? 29  TYR A CA  1 
ATOM   213 C C   . TYR A 1 28 ? 2.010   -4.831  6.202   1.00 22.69 ? 29  TYR A C   1 
ATOM   214 O O   . TYR A 1 28 ? 2.131   -3.608  6.071   1.00 22.79 ? 29  TYR A O   1 
ATOM   215 C CB  . TYR A 1 28 ? 1.601   -5.944  8.434   1.00 9.79  ? 29  TYR A CB  1 
ATOM   216 C CG  . TYR A 1 28 ? 0.751   -4.777  8.882   1.00 17.21 ? 29  TYR A CG  1 
ATOM   217 C CD1 . TYR A 1 28 ? 1.288   -3.775  9.677   1.00 20.73 ? 29  TYR A CD1 1 
ATOM   218 C CD2 . TYR A 1 28 ? -0.584  -4.669  8.505   1.00 22.11 ? 29  TYR A CD2 1 
ATOM   219 C CE1 . TYR A 1 28 ? 0.527   -2.702  10.093  1.00 24.44 ? 29  TYR A CE1 1 
ATOM   220 C CE2 . TYR A 1 28 ? -1.360  -3.595  8.919   1.00 23.96 ? 29  TYR A CE2 1 
ATOM   221 C CZ  . TYR A 1 28 ? -0.795  -2.617  9.714   1.00 24.86 ? 29  TYR A CZ  1 
ATOM   222 O OH  . TYR A 1 28 ? -1.533  -1.536  10.120  1.00 26.02 ? 29  TYR A OH  1 
ATOM   223 N N   . LYS A 1 29 ? 1.339   -5.602  5.351   1.00 27.33 ? 30  LYS A N   1 
ATOM   224 C CA  . LYS A 1 29 ? 0.577   -5.072  4.226   1.00 30.81 ? 30  LYS A CA  1 
ATOM   225 C C   . LYS A 1 29 ? -0.836  -5.603  4.318   1.00 29.03 ? 30  LYS A C   1 
ATOM   226 O O   . LYS A 1 29 ? -1.031  -6.792  4.565   1.00 27.85 ? 30  LYS A O   1 
ATOM   227 C CB  . LYS A 1 29 ? 1.188   -5.513  2.896   1.00 33.43 ? 30  LYS A CB  1 
ATOM   228 C CG  . LYS A 1 29 ? 2.646   -5.127  2.728   1.00 37.11 ? 30  LYS A CG  1 
ATOM   229 C CD  . LYS A 1 29 ? 3.224   -5.672  1.433   1.00 39.86 ? 30  LYS A CD  1 
ATOM   230 C CE  . LYS A 1 29 ? 4.735   -5.546  1.422   1.00 41.19 ? 30  LYS A CE  1 
ATOM   231 N NZ  . LYS A 1 29 ? 5.304   -5.938  0.111   1.00 41.79 ? 30  LYS A NZ  1 
ATOM   232 N N   . GLN A 1 30 ? -1.814  -4.723  4.144   1.00 31.16 ? 31  GLN A N   1 
ATOM   233 C CA  . GLN A 1 30 ? -3.200  -5.144  4.026   1.00 33.32 ? 31  GLN A CA  1 
ATOM   234 C C   . GLN A 1 30 ? -3.467  -5.469  2.566   1.00 29.04 ? 31  GLN A C   1 
ATOM   235 O O   . GLN A 1 30 ? -3.181  -4.654  1.695   1.00 28.72 ? 31  GLN A O   1 
ATOM   236 C CB  . GLN A 1 30 ? -4.155  -4.048  4.502   1.00 38.92 ? 31  GLN A CB  1 
ATOM   237 C CG  . GLN A 1 30 ? -4.081  -3.746  5.991   1.00 42.61 ? 31  GLN A CG  1 
ATOM   238 C CD  . GLN A 1 30 ? -4.681  -4.839  6.854   1.00 45.37 ? 31  GLN A CD  1 
ATOM   239 O OE1 . GLN A 1 30 ? -4.246  -5.993  6.814   1.00 46.94 ? 31  GLN A OE1 1 
ATOM   240 N NE2 . GLN A 1 30 ? -5.677  -4.475  7.655   1.00 45.26 ? 31  GLN A NE2 1 
ATOM   241 N N   . VAL A 1 31 ? -4.006  -6.660  2.316   1.00 25.67 ? 32  VAL A N   1 
ATOM   242 C CA  . VAL A 1 31 ? -4.273  -7.141  0.969   1.00 24.55 ? 32  VAL A CA  1 
ATOM   243 C C   . VAL A 1 31 ? -5.776  -7.149  0.723   1.00 24.06 ? 32  VAL A C   1 
ATOM   244 O O   . VAL A 1 31 ? -6.544  -7.712  1.506   1.00 23.88 ? 32  VAL A O   1 
ATOM   245 C CB  . VAL A 1 31 ? -3.708  -8.564  0.752   1.00 24.30 ? 32  VAL A CB  1 
ATOM   246 C CG1 . VAL A 1 31 ? -3.955  -9.051  -0.676  1.00 23.86 ? 32  VAL A CG1 1 
ATOM   247 C CG2 . VAL A 1 31 ? -2.224  -8.599  1.059   1.00 25.72 ? 32  VAL A CG2 1 
ATOM   248 N N   . TYR A 1 32 ? -6.181  -6.525  -0.376  1.00 25.16 ? 33  TYR A N   1 
ATOM   249 C CA  . TYR A 1 32 ? -7.574  -6.495  -0.805  1.00 25.60 ? 33  TYR A CA  1 
ATOM   250 C C   . TYR A 1 32 ? -7.692  -7.154  -2.168  1.00 26.45 ? 33  TYR A C   1 
ATOM   251 O O   . TYR A 1 32 ? -6.723  -7.201  -2.933  1.00 24.56 ? 33  TYR A O   1 
ATOM   252 C CB  . TYR A 1 32 ? -8.069  -5.049  -0.894  1.00 26.14 ? 33  TYR A CB  1 
ATOM   253 C CG  . TYR A 1 32 ? -8.435  -4.432  0.437   1.00 28.06 ? 33  TYR A CG  1 
ATOM   254 C CD1 . TYR A 1 32 ? -7.453  -4.099  1.361   1.00 29.25 ? 33  TYR A CD1 1 
ATOM   255 C CD2 . TYR A 1 32 ? -9.766  -4.171  0.765   1.00 29.59 ? 33  TYR A CD2 1 
ATOM   256 C CE1 . TYR A 1 32 ? -7.781  -3.531  2.585   1.00 31.44 ? 33  TYR A CE1 1 
ATOM   257 C CE2 . TYR A 1 32 ? -10.110 -3.604  1.985   1.00 32.39 ? 33  TYR A CE2 1 
ATOM   258 C CZ  . TYR A 1 32 ? -9.114  -3.286  2.896   1.00 33.42 ? 33  TYR A CZ  1 
ATOM   259 O OH  . TYR A 1 32 ? -9.441  -2.725  4.111   1.00 37.33 ? 33  TYR A OH  1 
ATOM   260 N N   . VAL A 1 33 ? -8.884  -7.666  -2.457  1.00 27.66 ? 34  VAL A N   1 
ATOM   261 C CA  . VAL A 1 33 ? -9.226  -8.167  -3.789  1.00 30.01 ? 34  VAL A CA  1 
ATOM   262 C C   . VAL A 1 33 ? -10.176 -7.177  -4.438  1.00 32.62 ? 34  VAL A C   1 
ATOM   263 O O   . VAL A 1 33 ? -11.136 -6.722  -3.807  1.00 32.75 ? 34  VAL A O   1 
ATOM   264 C CB  . VAL A 1 33 ? -9.894  -9.574  -3.776  1.00 31.94 ? 34  VAL A CB  1 
ATOM   265 C CG1 . VAL A 1 33 ? -9.087  -10.551 -2.947  1.00 31.51 ? 34  VAL A CG1 1 
ATOM   266 C CG2 . VAL A 1 33 ? -11.322 -9.523  -3.254  1.00 33.46 ? 34  VAL A CG2 1 
ATOM   267 N N   . ALA A 1 34 ? -9.890  -6.818  -5.684  1.00 32.70 ? 35  ALA A N   1 
ATOM   268 C CA  . ALA A 1 34 ? -10.832 -6.075  -6.500  1.00 32.09 ? 35  ALA A CA  1 
ATOM   269 C C   . ALA A 1 34 ? -11.539 -7.098  -7.359  1.00 34.19 ? 35  ALA A C   1 
ATOM   270 O O   . ALA A 1 34 ? -10.907 -7.802  -8.138  1.00 30.40 ? 35  ALA A O   1 
ATOM   271 C CB  . ALA A 1 34 ? -10.121 -5.053  -7.357  1.00 33.26 ? 35  ALA A CB  1 
ATOM   272 N N   . CYS A 1 35 ? -12.846 -7.208  -7.173  1.00 38.72 ? 36  CYS A N   1 
ATOM   273 C CA  . CYS A 1 35 ? -13.655 -8.175  -7.904  1.00 41.10 ? 36  CYS A CA  1 
ATOM   274 C C   . CYS A 1 35 ? -14.104 -7.617  -9.250  1.00 45.85 ? 36  CYS A C   1 
ATOM   275 O O   . CYS A 1 35 ? -14.184 -6.400  -9.435  1.00 41.52 ? 36  CYS A O   1 
ATOM   276 C CB  . CYS A 1 35 ? -14.887 -8.560  -7.077  1.00 42.17 ? 36  CYS A CB  1 
ATOM   277 S SG  . CYS A 1 35 ? -14.515 -9.401  -5.521  1.00 45.49 ? 36  CYS A SG  1 
ATOM   278 N N   . MET A 1 36 ? -14.524 -8.514  -10.119 1.00 48.58 ? 37  MET A N   1 
ATOM   279 C CA  . MET A 1 36 ? -15.137 -8.120  -11.355 1.00 48.53 ? 37  MET A CA  1 
ATOM   280 C C   . MET A 1 36 ? -16.506 -7.560  -10.960 1.00 55.45 ? 37  MET A C   1 
ATOM   281 O O   . MET A 1 36 ? -16.821 -6.485  -11.325 1.00 59.42 ? 37  MET A O   1 
ATOM   282 C CB  . MET A 1 36 ? -15.296 -9.293  -12.316 1.00 43.67 ? 37  MET A CB  1 
ATOM   283 C CG  . MET A 1 36 ? -14.031 -9.965  -12.786 1.00 51.34 ? 37  MET A CG  1 
ATOM   284 S SD  . MET A 1 36 ? -12.908 -9.066  -13.831 1.00 56.12 ? 37  MET A SD  1 
ATOM   285 C CE  . MET A 1 36 ? -13.776 -9.031  -15.366 1.00 46.39 ? 37  MET A CE  1 
ATOM   286 N N   . ASN A 1 37 ? -17.262 -8.293  -10.174 1.00 65.04 ? 38  ASN A N   1 
ATOM   287 C CA  . ASN A 1 37 ? -18.602 -7.909  -9.750  1.00 72.19 ? 38  ASN A CA  1 
ATOM   288 C C   . ASN A 1 37 ? -18.675 -6.630  -8.939  1.00 70.37 ? 38  ASN A C   1 
ATOM   289 O O   . ASN A 1 37 ? -19.033 -5.599  -9.450  1.00 66.88 ? 38  ASN A O   1 
ATOM   290 C CB  . ASN A 1 37 ? -19.296 -9.085  -9.046  1.00 71.09 ? 38  ASN A CB  1 
ATOM   291 C CG  . ASN A 1 37 ? -20.225 -9.876  -9.993  1.00 74.59 ? 38  ASN A CG  1 
ATOM   292 O OD1 . ASN A 1 37 ? -19.782 -10.714 -10.791 1.00 79.65 ? 38  ASN A OD1 1 
ATOM   293 N ND2 . ASN A 1 37 ? -21.528 -9.617  -9.893  1.00 72.87 ? 38  ASN A ND2 1 
ATOM   294 N N   . GLY A 1 38 ? -18.275 -6.658  -7.684  1.00 73.21 ? 39  GLY A N   1 
ATOM   295 C CA  . GLY A 1 38 ? -18.300 -5.452  -6.876  1.00 72.24 ? 39  GLY A CA  1 
ATOM   296 C C   . GLY A 1 38 ? -16.938 -4.777  -6.919  1.00 69.23 ? 39  GLY A C   1 
ATOM   297 O O   . GLY A 1 38 ? -16.390 -4.610  -7.982  1.00 70.30 ? 39  GLY A O   1 
ATOM   298 N N   . GLN A 1 39 ? -16.439 -4.261  -5.817  1.00 66.54 ? 40  GLN A N   1 
ATOM   299 C CA  . GLN A 1 39 ? -15.096 -3.732  -5.884  1.00 63.26 ? 40  GLN A CA  1 
ATOM   300 C C   . GLN A 1 39 ? -14.262 -4.282  -4.771  1.00 59.47 ? 40  GLN A C   1 
ATOM   301 O O   . GLN A 1 39 ? -14.158 -5.462  -4.644  1.00 63.46 ? 40  GLN A O   1 
ATOM   302 C CB  . GLN A 1 39 ? -14.986 -2.220  -6.078  1.00 62.97 ? 40  GLN A CB  1 
ATOM   303 C CG  . GLN A 1 39 ? -15.510 -1.644  -7.397  1.00 63.21 ? 40  GLN A CG  1 
ATOM   304 C CD  . GLN A 1 39 ? -14.743 -2.089  -8.638  1.00 67.28 ? 40  GLN A CD  1 
ATOM   305 O OE1 . GLN A 1 39 ? -13.690 -1.560  -8.932  1.00 65.93 ? 40  GLN A OE1 1 
ATOM   306 N NE2 . GLN A 1 39 ? -15.273 -3.055  -9.367  1.00 70.15 ? 40  GLN A NE2 1 
ATOM   307 N N   . HIS A 1 40 ? -13.747 -3.425  -3.927  1.00 55.94 ? 41  HIS A N   1 
ATOM   308 C CA  . HIS A 1 40 ? -12.807 -3.821  -2.911  1.00 48.58 ? 41  HIS A CA  1 
ATOM   309 C C   . HIS A 1 40 ? -13.196 -4.482  -1.638  1.00 38.54 ? 41  HIS A C   1 
ATOM   310 O O   . HIS A 1 40 ? -13.894 -3.921  -0.841  1.00 45.49 ? 41  HIS A O   1 
ATOM   311 C CB  . HIS A 1 40 ? -11.976 -2.620  -2.564  1.00 46.95 ? 41  HIS A CB  1 
ATOM   312 C CG  . HIS A 1 40 ? -11.275 -2.063  -3.733  1.00 47.37 ? 41  HIS A CG  1 
ATOM   313 N ND1 . HIS A 1 40 ? -11.876 -1.949  -4.958  1.00 50.42 ? 41  HIS A ND1 1 
ATOM   314 C CD2 . HIS A 1 40 ? -10.014 -1.633  -3.883  1.00 47.79 ? 41  HIS A CD2 1 
ATOM   315 C CE1 . HIS A 1 40 ? -11.007 -1.477  -5.818  1.00 49.55 ? 41  HIS A CE1 1 
ATOM   316 N NE2 . HIS A 1 40 ? -9.878  -1.259  -5.183  1.00 49.93 ? 41  HIS A NE2 1 
ATOM   317 N N   . LEU A 1 41 ? -12.661 -5.664  -1.428  1.00 41.45 ? 42  LEU A N   1 
ATOM   318 C CA  . LEU A 1 41 ? -12.913 -6.406  -0.184  1.00 42.92 ? 42  LEU A CA  1 
ATOM   319 C C   . LEU A 1 41 ? -11.578 -6.810  0.431   1.00 33.74 ? 42  LEU A C   1 
ATOM   320 O O   . LEU A 1 41 ? -10.670 -7.222  -0.289  1.00 26.59 ? 42  LEU A O   1 
ATOM   321 C CB  . LEU A 1 41 ? -13.764 -7.635  -0.488  1.00 39.47 ? 42  LEU A CB  1 
ATOM   322 C CG  . LEU A 1 41 ? -15.160 -7.337  -1.013  1.00 37.52 ? 42  LEU A CG  1 
ATOM   323 C CD1 . LEU A 1 41 ? -15.909 -8.616  -1.297  1.00 40.41 ? 42  LEU A CD1 1 
ATOM   324 C CD2 . LEU A 1 41 ? -15.939 -6.447  -0.072  1.00 34.09 ? 42  LEU A CD2 1 
ATOM   325 N N   . TYR A 1 42 ? -11.523 -6.694  1.747   1.00 33.75 ? 43  TYR A N   1 
ATOM   326 C CA  . TYR A 1 42 ? -10.330 -7.073  2.526   1.00 29.50 ? 43  TYR A CA  1 
ATOM   327 C C   . TYR A 1 42 ? -10.087 -8.571  2.371   1.00 24.89 ? 43  TYR A C   1 
ATOM   328 O O   . TYR A 1 42 ? -10.980 -9.351  2.581   1.00 23.46 ? 43  TYR A O   1 
ATOM   329 C CB  . TYR A 1 42 ? -10.580 -6.796  3.999   1.00 29.21 ? 43  TYR A CB  1 
ATOM   330 C CG  . TYR A 1 42 ? -9.484  -7.318  4.869   1.00 29.09 ? 43  TYR A CG  1 
ATOM   331 C CD1 . TYR A 1 42 ? -8.259  -6.695  4.881   1.00 28.89 ? 43  TYR A CD1 1 
ATOM   332 C CD2 . TYR A 1 42 ? -9.664  -8.430  5.655   1.00 28.57 ? 43  TYR A CD2 1 
ATOM   333 C CE1 . TYR A 1 42 ? -7.228  -7.157  5.665   1.00 29.60 ? 43  TYR A CE1 1 
ATOM   334 C CE2 . TYR A 1 42 ? -8.650  -8.906  6.451   1.00 28.81 ? 43  TYR A CE2 1 
ATOM   335 C CZ  . TYR A 1 42 ? -7.432  -8.267  6.449   1.00 30.27 ? 43  TYR A CZ  1 
ATOM   336 O OH  . TYR A 1 42 ? -6.419  -8.714  7.212   1.00 34.24 ? 43  TYR A OH  1 
ATOM   337 N N   . CYS A 1 43 ? -8.861  -8.916  2.018   1.00 23.04 ? 44  CYS A N   1 
ATOM   338 C CA  . CYS A 1 43 ? -8.497  -10.329 1.823   1.00 23.34 ? 44  CYS A CA  1 
ATOM   339 C C   . CYS A 1 43 ? -7.723  -10.843 3.029   1.00 20.94 ? 44  CYS A C   1 
ATOM   340 O O   . CYS A 1 43 ? -8.232  -11.718 3.687   1.00 25.03 ? 44  CYS A O   1 
ATOM   341 C CB  . CYS A 1 43 ? -7.633  -10.515 0.580   1.00 25.90 ? 44  CYS A CB  1 
ATOM   342 S SG  . CYS A 1 43 ? -7.449  -12.229 0.036   1.00 33.27 ? 44  CYS A SG  1 
ATOM   343 N N   . ARG A 1 44 ? -6.555  -10.280 3.289   1.00 15.41 ? 45  ARG A N   1 
ATOM   344 C CA  . ARG A 1 44 ? -5.665  -10.806 4.312   1.00 6.81  ? 45  ARG A CA  1 
ATOM   345 C C   . ARG A 1 44 ? -4.526  -9.845  4.625   1.00 13.14 ? 45  ARG A C   1 
ATOM   346 O O   . ARG A 1 44 ? -4.330  -8.850  3.936   1.00 18.12 ? 45  ARG A O   1 
ATOM   347 C CB  . ARG A 1 44 ? -5.108  -12.174 3.870   1.00 8.80  ? 45  ARG A CB  1 
ATOM   348 C CG  . ARG A 1 44 ? -4.518  -12.188 2.464   1.00 17.99 ? 45  ARG A CG  1 
ATOM   349 C CD  . ARG A 1 44 ? -3.804  -13.486 2.131   1.00 28.27 ? 45  ARG A CD  1 
ATOM   350 N NE  . ARG A 1 44 ? -2.376  -13.419 2.452   1.00 35.58 ? 45  ARG A NE  1 
ATOM   351 C CZ  . ARG A 1 44 ? -1.750  -14.140 3.383   1.00 46.00 ? 45  ARG A CZ  1 
ATOM   352 N NH1 . ARG A 1 44 ? -2.401  -15.032 4.134   1.00 54.16 ? 45  ARG A NH1 1 
ATOM   353 N NH2 . ARG A 1 44 ? -0.443  -13.970 3.559   1.00 49.85 ? 45  ARG A NH2 1 
ATOM   354 N N   . THR A 1 45 ? -3.793  -10.150 5.688   1.00 20.74 ? 46  THR A N   1 
ATOM   355 C CA  . THR A 1 45 ? -2.616  -9.393  6.090   1.00 25.78 ? 46  THR A CA  1 
ATOM   356 C C   . THR A 1 45 ? -1.379  -10.192 5.709   1.00 28.25 ? 46  THR A C   1 
ATOM   357 O O   . THR A 1 45 ? -1.325  -11.399 5.955   1.00 31.15 ? 46  THR A O   1 
ATOM   358 C CB  . THR A 1 45 ? -2.606  -9.159  7.618   1.00 30.08 ? 46  THR A CB  1 
ATOM   359 O OG1 . THR A 1 45 ? -3.658  -8.250  7.976   1.00 30.53 ? 46  THR A OG1 1 
ATOM   360 C CG2 . THR A 1 45 ? -1.252  -8.596  8.091   1.00 31.90 ? 46  THR A CG2 1 
ATOM   361 N N   . GLU A 1 46 ? -0.390  -9.511  5.134   1.00 30.57 ? 47  GLU A N   1 
ATOM   362 C CA  . GLU A 1 46 ? 0.888   -10.110 4.744   1.00 35.27 ? 47  GLU A CA  1 
ATOM   363 C C   . GLU A 1 46 ? 1.982   -9.584  5.670   1.00 37.89 ? 47  GLU A C   1 
ATOM   364 O O   . GLU A 1 46 ? 2.147   -8.374  5.794   1.00 43.85 ? 47  GLU A O   1 
ATOM   365 C CB  . GLU A 1 46 ? 1.204   -9.739  3.290   1.00 37.15 ? 47  GLU A CB  1 
ATOM   366 C CG  . GLU A 1 46 ? 2.580   -10.151 2.788   1.00 39.33 ? 47  GLU A CG  1 
ATOM   367 C CD  . GLU A 1 46 ? 2.772   -11.655 2.705   1.00 44.21 ? 47  GLU A CD  1 
ATOM   368 O OE1 . GLU A 1 46 ? 1.769   -12.407 2.731   1.00 48.85 ? 47  GLU A OE1 1 
ATOM   369 O OE2 . GLU A 1 46 ? 3.940   -12.091 2.599   1.00 40.13 ? 47  GLU A OE2 1 
ATOM   370 N N   . TRP A 1 47 ? 2.732   -10.475 6.310   1.00 38.88 ? 48  TRP A N   1 
ATOM   371 C CA  . TRP A 1 47 ? 3.713   -10.063 7.316   1.00 39.20 ? 48  TRP A CA  1 
ATOM   372 C C   . TRP A 1 47 ? 5.096   -9.841  6.727   1.00 36.26 ? 48  TRP A C   1 
ATOM   373 O O   . TRP A 1 47 ? 5.535   -10.575 5.850   1.00 33.11 ? 48  TRP A O   1 
ATOM   374 C CB  . TRP A 1 47 ? 3.813   -11.092 8.438   1.00 42.77 ? 48  TRP A CB  1 
ATOM   375 C CG  . TRP A 1 47 ? 2.561   -11.247 9.230   1.00 43.69 ? 48  TRP A CG  1 
ATOM   376 C CD1 . TRP A 1 47 ? 1.792   -12.365 9.329   1.00 44.72 ? 48  TRP A CD1 1 
ATOM   377 C CD2 . TRP A 1 47 ? 1.926   -10.248 10.038  1.00 44.85 ? 48  TRP A CD2 1 
ATOM   378 N NE1 . TRP A 1 47 ? 0.714   -12.127 10.144  1.00 44.99 ? 48  TRP A NE1 1 
ATOM   379 C CE2 . TRP A 1 47 ? 0.774   -10.835 10.596  1.00 45.55 ? 48  TRP A CE2 1 
ATOM   380 C CE3 . TRP A 1 47 ? 2.222   -8.913  10.344  1.00 46.41 ? 48  TRP A CE3 1 
ATOM   381 C CZ2 . TRP A 1 47 ? -0.091  -10.135 11.443  1.00 48.59 ? 48  TRP A CZ2 1 
ATOM   382 C CZ3 . TRP A 1 47 ? 1.361   -8.214  11.186  1.00 49.29 ? 48  TRP A CZ3 1 
ATOM   383 C CH2 . TRP A 1 47 ? 0.217   -8.828  11.722  1.00 49.60 ? 48  TRP A CH2 1 
ATOM   384 N N   . GLY A 1 48 ? 5.776   -8.822  7.238   1.00 36.81 ? 49  GLY A N   1 
ATOM   385 C CA  . GLY A 1 48 ? 7.141   -8.500  6.845   1.00 37.17 ? 49  GLY A CA  1 
ATOM   386 C C   . GLY A 1 48 ? 8.117   -8.760  7.978   1.00 36.38 ? 49  GLY A C   1 
ATOM   387 O O   . GLY A 1 48 ? 7.877   -9.606  8.849   1.00 33.70 ? 49  GLY A O   1 
ATOM   388 N N   . GLY A 1 49 ? 9.215   -8.014  7.978   1.00 36.06 ? 50  GLY A N   1 
ATOM   389 C CA  . GLY A 1 49 ? 10.279  -8.220  8.955   1.00 35.45 ? 50  GLY A CA  1 
ATOM   390 C C   . GLY A 1 49 ? 9.920   -7.733  10.346  1.00 35.19 ? 50  GLY A C   1 
ATOM   391 O O   . GLY A 1 49 ? 8.823   -7.197  10.561  1.00 34.80 ? 50  GLY A O   1 
ATOM   392 N N   . PRO A 1 50 ? 10.841  -7.921  11.305  1.00 33.41 ? 51  PRO A N   1 
ATOM   393 C CA  . PRO A 1 50 ? 10.620  -7.367  12.626  1.00 34.57 ? 51  PRO A CA  1 
ATOM   394 C C   . PRO A 1 50 ? 10.699  -5.849  12.593  1.00 37.88 ? 51  PRO A C   1 
ATOM   395 O O   . PRO A 1 50 ? 11.213  -5.252  11.639  1.00 37.81 ? 51  PRO A O   1 
ATOM   396 C CB  . PRO A 1 50 ? 11.736  -7.973  13.471  1.00 32.16 ? 51  PRO A CB  1 
ATOM   397 C CG  . PRO A 1 50 ? 12.798  -8.328  12.514  1.00 33.88 ? 51  PRO A CG  1 
ATOM   398 C CD  . PRO A 1 50 ? 12.142  -8.595  11.195  1.00 32.76 ? 51  PRO A CD  1 
ATOM   399 N N   . CYS A 1 51 ? 10.195  -5.240  13.651  1.00 38.74 ? 52  CYS A N   1 
ATOM   400 C CA  . CYS A 1 51 ? 9.800   -3.861  13.582  1.00 39.60 ? 52  CYS A CA  1 
ATOM   401 C C   . CYS A 1 51 ? 10.136  -3.036  14.802  1.00 43.51 ? 52  CYS A C   1 
ATOM   402 O O   . CYS A 1 51 ? 10.116  -3.530  15.930  1.00 44.63 ? 52  CYS A O   1 
ATOM   403 C CB  . CYS A 1 51 ? 8.307   -3.842  13.403  1.00 42.68 ? 52  CYS A CB  1 
ATOM   404 S SG  . CYS A 1 51 ? 7.722   -2.434  12.511  1.00 43.92 ? 52  CYS A SG  1 
ATOM   405 N N   . GLN A 1 52 ? 10.373  -1.754  14.546  1.00 46.38 ? 53  GLN A N   1 
ATOM   406 C CA  . GLN A 1 52 ? 10.824  -0.819  15.553  1.00 53.25 ? 53  GLN A CA  1 
ATOM   407 C C   . GLN A 1 52 ? 9.629   -0.221  16.281  1.00 51.11 ? 53  GLN A C   1 
ATOM   408 O O   . GLN A 1 52 ? 9.456   -0.449  17.477  1.00 54.00 ? 53  GLN A O   1 
ATOM   409 C CB  . GLN A 1 52 ? 11.670  0.287   14.910  1.00 61.87 ? 53  GLN A CB  1 
ATOM   410 C CG  . GLN A 1 52 ? 12.973  -0.201  14.280  1.00 64.72 ? 53  GLN A CG  1 
ATOM   411 C CD  . GLN A 1 52 ? 12.808  -0.739  12.867  1.00 68.69 ? 53  GLN A CD  1 
ATOM   412 O OE1 . GLN A 1 52 ? 12.061  -0.184  12.057  1.00 71.70 ? 53  GLN A OE1 1 
ATOM   413 N NE2 . GLN A 1 52 ? 13.521  -1.820  12.559  1.00 65.97 ? 53  GLN A NE2 1 
ATOM   414 N N   . LEU A 1 53 ? 8.801   0.523   15.551  1.00 46.43 ? 54  LEU A N   1 
ATOM   415 C CA  . LEU A 1 53 ? 7.680   1.259   16.138  1.00 48.55 ? 54  LEU A CA  1 
ATOM   416 C C   . LEU A 1 53 ? 8.220   2.426   16.968  1.00 50.81 ? 54  LEU A C   1 
ATOM   417 O O   . LEU A 1 53 ? 7.485   3.084   17.705  1.00 41.53 ? 54  LEU A O   1 
ATOM   418 C CB  . LEU A 1 53 ? 6.794   0.341   17.004  1.00 52.41 ? 54  LEU A CB  1 
ATOM   419 C CG  . LEU A 1 53 ? 5.341   0.769   17.260  1.00 44.80 ? 54  LEU A CG  1 
ATOM   420 C CD1 . LEU A 1 53 ? 4.442   0.438   16.081  1.00 39.66 ? 54  LEU A CD1 1 
ATOM   421 C CD2 . LEU A 1 53 ? 4.794   0.114   18.517  1.00 45.56 ? 54  LEU A CD2 1 
ATOM   422 N N   . ALA B 1 1  ? 2.679   14.216  -10.457 1.00 61.60 ? 2   ALA B N   1 
ATOM   423 C CA  . ALA B 1 1  ? 4.145   14.365  -10.699 1.00 55.44 ? 2   ALA B CA  1 
ATOM   424 C C   . ALA B 1 1  ? 4.914   13.241  -10.010 1.00 52.19 ? 2   ALA B C   1 
ATOM   425 O O   . ALA B 1 1  ? 4.924   13.158  -8.785  1.00 58.01 ? 2   ALA B O   1 
ATOM   426 C CB  . ALA B 1 1  ? 4.628   15.720  -10.198 1.00 51.79 ? 2   ALA B CB  1 
ATOM   427 N N   . CYS B 1 2  ? 5.546   12.377  -10.802 1.00 53.51 ? 3   CYS B N   1 
ATOM   428 C CA  . CYS B 1 2  ? 6.329   11.262  -10.273 1.00 55.43 ? 3   CYS B CA  1 
ATOM   429 C C   . CYS B 1 2  ? 7.799   11.548  -10.518 1.00 39.88 ? 3   CYS B C   1 
ATOM   430 O O   . CYS B 1 2  ? 8.211   11.776  -11.649 1.00 29.63 ? 3   CYS B O   1 
ATOM   431 C CB  . CYS B 1 2  ? 5.923   9.958   -10.953 1.00 49.42 ? 3   CYS B CB  1 
ATOM   432 S SG  . CYS B 1 2  ? 6.368   8.426   -10.086 1.00 48.82 ? 3   CYS B SG  1 
ATOM   433 N N   . VAL B 1 3  ? 8.589   11.515  -9.454  1.00 51.33 ? 4   VAL B N   1 
ATOM   434 C CA  . VAL B 1 3  ? 9.970   11.969  -9.513  1.00 58.13 ? 4   VAL B CA  1 
ATOM   435 C C   . VAL B 1 3  ? 10.826  11.011  -10.338 1.00 57.75 ? 4   VAL B C   1 
ATOM   436 O O   . VAL B 1 3  ? 11.339  11.382  -11.399 1.00 59.43 ? 4   VAL B O   1 
ATOM   437 C CB  . VAL B 1 3  ? 10.547  12.150  -8.095  1.00 59.59 ? 4   VAL B CB  1 
ATOM   438 C CG1 . VAL B 1 3  ? 12.022  12.523  -8.139  1.00 66.50 ? 4   VAL B CG1 1 
ATOM   439 C CG2 . VAL B 1 3  ? 9.772   13.231  -7.362  1.00 55.50 ? 4   VAL B CG2 1 
ATOM   440 N N   . ASN B 1 4  ? 10.961  9.781   -9.852  1.00 56.75 ? 5   ASN B N   1 
ATOM   441 C CA  . ASN B 1 4  ? 11.763  8.765   -10.525 1.00 55.33 ? 5   ASN B CA  1 
ATOM   442 C C   . ASN B 1 4  ? 10.868  7.917   -11.421 1.00 41.55 ? 5   ASN B C   1 
ATOM   443 O O   . ASN B 1 4  ? 9.881   7.350   -10.964 1.00 55.76 ? 5   ASN B O   1 
ATOM   444 C CB  . ASN B 1 4  ? 12.470  7.860   -9.512  1.00 54.52 ? 5   ASN B CB  1 
ATOM   445 C CG  . ASN B 1 4  ? 13.242  8.640   -8.460  1.00 50.49 ? 5   ASN B CG  1 
ATOM   446 O OD1 . ASN B 1 4  ? 12.665  9.426   -7.713  1.00 42.62 ? 5   ASN B OD1 1 
ATOM   447 N ND2 . ASN B 1 4  ? 14.550  8.403   -8.381  1.00 43.94 ? 5   ASN B ND2 1 
ATOM   448 N N   . GLN B 1 5  ? 11.212  7.847   -12.699 1.00 46.58 ? 6   GLN B N   1 
ATOM   449 C CA  . GLN B 1 5  ? 10.529  6.970   -13.639 1.00 53.40 ? 6   GLN B CA  1 
ATOM   450 C C   . GLN B 1 5  ? 11.347  5.699   -13.733 1.00 52.74 ? 6   GLN B C   1 
ATOM   451 O O   . GLN B 1 5  ? 12.433  5.605   -13.154 1.00 57.63 ? 6   GLN B O   1 
ATOM   452 C CB  . GLN B 1 5  ? 10.412  7.623   -15.025 1.00 57.13 ? 6   GLN B CB  1 
ATOM   453 C CG  . GLN B 1 5  ? 9.681   8.964   -15.040 1.00 63.99 ? 6   GLN B CG  1 
ATOM   454 C CD  . GLN B 1 5  ? 8.179   8.820   -14.902 1.00 70.58 ? 6   GLN B CD  1 
ATOM   455 O OE1 . GLN B 1 5  ? 7.609   9.028   -13.822 1.00 61.25 ? 6   GLN B OE1 1 
ATOM   456 N NE2 . GLN B 1 5  ? 7.528   8.451   -15.999 1.00 69.45 ? 6   GLN B NE2 1 
ATOM   457 N N   . CYS B 1 6  ? 10.810  4.716   -14.449 1.00 51.59 ? 7   CYS B N   1 
ATOM   458 C CA  . CYS B 1 6  ? 11.540  3.498   -14.757 1.00 51.08 ? 7   CYS B CA  1 
ATOM   459 C C   . CYS B 1 6  ? 11.997  3.565   -16.215 1.00 56.00 ? 7   CYS B C   1 
ATOM   460 O O   . CYS B 1 6  ? 11.206  3.909   -17.092 1.00 52.07 ? 7   CYS B O   1 
ATOM   461 C CB  . CYS B 1 6  ? 10.658  2.278   -14.502 1.00 51.90 ? 7   CYS B CB  1 
ATOM   462 S SG  . CYS B 1 6  ? 10.088  2.163   -12.787 1.00 46.28 ? 7   CYS B SG  1 
ATOM   463 N N   . PRO B 1 7  ? 13.282  3.269   -16.476 1.00 61.73 ? 8   PRO B N   1 
ATOM   464 C CA  . PRO B 1 7  ? 13.833  3.314   -17.841 1.00 63.11 ? 8   PRO B CA  1 
ATOM   465 C C   . PRO B 1 7  ? 12.993  2.625   -18.920 1.00 66.10 ? 8   PRO B C   1 
ATOM   466 O O   . PRO B 1 7  ? 12.866  3.157   -20.026 1.00 52.34 ? 8   PRO B O   1 
ATOM   467 C CB  . PRO B 1 7  ? 15.180  2.594   -17.712 1.00 62.62 ? 8   PRO B CB  1 
ATOM   468 C CG  . PRO B 1 7  ? 15.426  2.435   -16.266 1.00 57.34 ? 8   PRO B CG  1 
ATOM   469 C CD  . PRO B 1 7  ? 14.341  3.073   -15.476 1.00 60.08 ? 8   PRO B CD  1 
ATOM   470 N N   . ASP B 1 8  ? 12.441  1.453   -18.609 1.00 69.30 ? 9   ASP B N   1 
ATOM   471 C CA  . ASP B 1 8  ? 11.645  0.702   -19.581 1.00 70.58 ? 9   ASP B CA  1 
ATOM   472 C C   . ASP B 1 8  ? 10.162  0.626   -19.207 1.00 61.38 ? 9   ASP B C   1 
ATOM   473 O O   . ASP B 1 8  ? 9.301   0.897   -20.044 1.00 64.56 ? 9   ASP B O   1 
ATOM   474 C CB  . ASP B 1 8  ? 12.228  -0.701  -19.803 1.00 75.48 ? 9   ASP B CB  1 
ATOM   475 C CG  . ASP B 1 8  ? 11.925  -1.657  -18.666 1.00 80.74 ? 9   ASP B CG  1 
ATOM   476 O OD1 . ASP B 1 8  ? 12.046  -1.247  -17.492 1.00 83.20 ? 9   ASP B OD1 1 
ATOM   477 O OD2 . ASP B 1 8  ? 11.560  -2.819  -18.949 1.00 86.76 ? 9   ASP B OD2 1 
ATOM   478 N N   . ALA B 1 9  ? 9.865   0.272   -17.960 1.00 56.55 ? 10  ALA B N   1 
ATOM   479 C CA  . ALA B 1 9  ? 8.479   0.129   -17.515 1.00 52.86 ? 10  ALA B CA  1 
ATOM   480 C C   . ALA B 1 9  ? 8.357   -0.070  -16.003 1.00 48.22 ? 10  ALA B C   1 
ATOM   481 O O   . ALA B 1 9  ? 9.328   -0.392  -15.314 1.00 41.85 ? 10  ALA B O   1 
ATOM   482 C CB  . ALA B 1 9  ? 7.798   -1.027  -18.241 1.00 54.94 ? 10  ALA B CB  1 
ATOM   483 N N   . ILE B 1 10 ? 7.137   0.118   -15.516 1.00 45.69 ? 11  ILE B N   1 
ATOM   484 C CA  . ILE B 1 10 ? 6.795   -0.060  -14.108 1.00 44.62 ? 11  ILE B CA  1 
ATOM   485 C C   . ILE B 1 10 ? 6.181   -1.432  -13.892 1.00 44.16 ? 11  ILE B C   1 
ATOM   486 O O   . ILE B 1 10 ? 5.283   -1.834  -14.624 1.00 39.21 ? 11  ILE B O   1 
ATOM   487 C CB  . ILE B 1 10 ? 5.771   0.999   -13.653 1.00 45.60 ? 11  ILE B CB  1 
ATOM   488 C CG1 . ILE B 1 10 ? 6.385   2.397   -13.795 1.00 45.24 ? 11  ILE B CG1 1 
ATOM   489 C CG2 . ILE B 1 10 ? 5.295   0.715   -12.227 1.00 47.33 ? 11  ILE B CG2 1 
ATOM   490 C CD1 . ILE B 1 10 ? 5.460   3.532   -13.422 1.00 42.70 ? 11  ILE B CD1 1 
ATOM   491 N N   . ASP B 1 11 ? 6.665   -2.137  -12.876 1.00 45.36 ? 12  ASP B N   1 
ATOM   492 C CA  . ASP B 1 11 ? 6.124   -3.440  -12.517 1.00 49.51 ? 12  ASP B CA  1 
ATOM   493 C C   . ASP B 1 11 ? 4.893   -3.248  -11.638 1.00 44.00 ? 12  ASP B C   1 
ATOM   494 O O   . ASP B 1 11 ? 3.829   -3.809  -11.902 1.00 45.41 ? 12  ASP B O   1 
ATOM   495 C CB  . ASP B 1 11 ? 7.182   -4.267  -11.787 1.00 50.80 ? 12  ASP B CB  1 
ATOM   496 C CG  . ASP B 1 11 ? 6.753   -5.700  -11.554 1.00 51.37 ? 12  ASP B CG  1 
ATOM   497 O OD1 . ASP B 1 11 ? 5.673   -6.105  -12.033 1.00 47.58 ? 12  ASP B OD1 1 
ATOM   498 O OD2 . ASP B 1 11 ? 7.504   -6.427  -10.877 1.00 57.24 ? 12  ASP B OD2 1 
ATOM   499 N N   . ARG B 1 12 ? 5.043   -2.454  -10.588 1.00 38.61 ? 13  ARG B N   1 
ATOM   500 C CA  . ARG B 1 12 ? 3.904   -2.070  -9.763  1.00 37.47 ? 13  ARG B CA  1 
ATOM   501 C C   . ARG B 1 12 ? 4.186   -0.774  -9.025  1.00 33.23 ? 13  ARG B C   1 
ATOM   502 O O   . ARG B 1 12 ? 5.308   -0.258  -9.047  1.00 28.30 ? 13  ARG B O   1 
ATOM   503 C CB  . ARG B 1 12 ? 3.545   -3.189  -8.779  1.00 42.03 ? 13  ARG B CB  1 
ATOM   504 C CG  . ARG B 1 12 ? 4.659   -3.547  -7.810  1.00 43.77 ? 13  ARG B CG  1 
ATOM   505 C CD  . ARG B 1 12 ? 4.678   -5.030  -7.480  1.00 46.39 ? 13  ARG B CD  1 
ATOM   506 N NE  . ARG B 1 12 ? 5.772   -5.356  -6.566  1.00 46.69 ? 13  ARG B NE  1 
ATOM   507 C CZ  . ARG B 1 12 ? 5.691   -5.348  -5.237  1.00 51.16 ? 13  ARG B CZ  1 
ATOM   508 N NH1 . ARG B 1 12 ? 4.556   -5.035  -4.617  1.00 55.14 ? 13  ARG B NH1 1 
ATOM   509 N NH2 . ARG B 1 12 ? 6.761   -5.659  -4.515  1.00 54.34 ? 13  ARG B NH2 1 
ATOM   510 N N   . PHE B 1 13 ? 3.137   -0.236  -8.417  1.00 29.72 ? 14  PHE B N   1 
ATOM   511 C CA  . PHE B 1 13 ? 3.274   0.848   -7.466  1.00 31.27 ? 14  PHE B CA  1 
ATOM   512 C C   . PHE B 1 13 ? 3.208   0.274   -6.061  1.00 31.12 ? 14  PHE B C   1 
ATOM   513 O O   . PHE B 1 13 ? 2.404   -0.614  -5.789  1.00 33.46 ? 14  PHE B O   1 
ATOM   514 C CB  . PHE B 1 13 ? 2.181   1.902   -7.662  1.00 37.22 ? 14  PHE B CB  1 
ATOM   515 C CG  . PHE B 1 13 ? 2.529   2.944   -8.689  1.00 36.81 ? 14  PHE B CG  1 
ATOM   516 C CD1 . PHE B 1 13 ? 3.235   4.084   -8.330  1.00 38.43 ? 14  PHE B CD1 1 
ATOM   517 C CD2 . PHE B 1 13 ? 2.166   2.776   -10.018 1.00 37.30 ? 14  PHE B CD2 1 
ATOM   518 C CE1 . PHE B 1 13 ? 3.567   5.046   -9.273  1.00 35.49 ? 14  PHE B CE1 1 
ATOM   519 C CE2 . PHE B 1 13 ? 2.490   3.733   -10.965 1.00 39.82 ? 14  PHE B CE2 1 
ATOM   520 C CZ  . PHE B 1 13 ? 3.195   4.872   -10.595 1.00 34.74 ? 14  PHE B CZ  1 
ATOM   521 N N   . ILE B 1 14 ? 4.075   0.770   -5.185  1.00 29.89 ? 15  ILE B N   1 
ATOM   522 C CA  . ILE B 1 14 ? 4.024   0.431   -3.765  1.00 31.07 ? 15  ILE B CA  1 
ATOM   523 C C   . ILE B 1 14 ? 3.533   1.636   -2.979  1.00 32.30 ? 15  ILE B C   1 
ATOM   524 O O   . ILE B 1 14 ? 4.239   2.640   -2.868  1.00 31.43 ? 15  ILE B O   1 
ATOM   525 C CB  . ILE B 1 14 ? 5.394   -0.013  -3.221  1.00 34.75 ? 15  ILE B CB  1 
ATOM   526 C CG1 . ILE B 1 14 ? 5.889   -1.242  -3.982  1.00 36.21 ? 15  ILE B CG1 1 
ATOM   527 C CG2 . ILE B 1 14 ? 5.308   -0.331  -1.733  1.00 33.67 ? 15  ILE B CG2 1 
ATOM   528 C CD1 . ILE B 1 14 ? 6.821   -0.900  -5.106  1.00 39.25 ? 15  ILE B CD1 1 
ATOM   529 N N   . VAL B 1 15 ? 2.319   1.515   -2.449  1.00 32.17 ? 16  VAL B N   1 
ATOM   530 C CA  . VAL B 1 15 ? 1.681   2.557   -1.663  1.00 29.17 ? 16  VAL B CA  1 
ATOM   531 C C   . VAL B 1 15 ? 1.858   2.255   -0.178  1.00 29.95 ? 16  VAL B C   1 
ATOM   532 O O   . VAL B 1 15 ? 1.317   1.270   0.327   1.00 31.21 ? 16  VAL B O   1 
ATOM   533 C CB  . VAL B 1 15 ? 0.175   2.639   -1.993  1.00 29.73 ? 16  VAL B CB  1 
ATOM   534 C CG1 . VAL B 1 15 ? -0.491  3.790   -1.241  1.00 28.97 ? 16  VAL B CG1 1 
ATOM   535 C CG2 . VAL B 1 15 ? -0.028  2.795   -3.496  1.00 27.30 ? 16  VAL B CG2 1 
ATOM   536 N N   . LYS B 1 16 ? 2.606   3.103   0.521   1.00 28.48 ? 17  LYS B N   1 
ATOM   537 C CA  . LYS B 1 16 ? 2.832   2.922   1.956   1.00 31.37 ? 17  LYS B CA  1 
ATOM   538 C C   . LYS B 1 16 ? 2.009   3.917   2.768   1.00 30.68 ? 17  LYS B C   1 
ATOM   539 O O   . LYS B 1 16 ? 2.356   5.090   2.849   1.00 28.91 ? 17  LYS B O   1 
ATOM   540 C CB  . LYS B 1 16 ? 4.321   3.060   2.276   1.00 35.46 ? 17  LYS B CB  1 
ATOM   541 C CG  . LYS B 1 16 ? 5.162   2.010   1.580   1.00 37.18 ? 17  LYS B CG  1 
ATOM   542 C CD  . LYS B 1 16 ? 6.656   2.212   1.735   1.00 39.02 ? 17  LYS B CD  1 
ATOM   543 C CE  . LYS B 1 16 ? 7.384   1.628   0.532   1.00 41.31 ? 17  LYS B CE  1 
ATOM   544 N NZ  . LYS B 1 16 ? 8.745   1.099   0.818   1.00 44.04 ? 17  LYS B NZ  1 
ATOM   545 N N   . ASP B 1 17 ? 0.909   3.446   3.353   1.00 33.62 ? 18  ASP B N   1 
ATOM   546 C CA  . ASP B 1 17 ? 0.045   4.292   4.180   1.00 35.48 ? 18  ASP B CA  1 
ATOM   547 C C   . ASP B 1 17 ? 0.765   4.649   5.474   1.00 31.45 ? 18  ASP B C   1 
ATOM   548 O O   . ASP B 1 17 ? 1.336   3.779   6.125   1.00 29.53 ? 18  ASP B O   1 
ATOM   549 C CB  . ASP B 1 17 ? -1.278  3.592   4.512   1.00 40.26 ? 18  ASP B CB  1 
ATOM   550 C CG  . ASP B 1 17 ? -2.231  3.520   3.325   1.00 41.69 ? 18  ASP B CG  1 
ATOM   551 O OD1 . ASP B 1 17 ? -1.990  4.181   2.293   1.00 44.15 ? 18  ASP B OD1 1 
ATOM   552 O OD2 . ASP B 1 17 ? -3.248  2.802   3.431   1.00 45.74 ? 18  ASP B OD2 1 
ATOM   553 N N   . LYS B 1 18 ? 0.727   5.928   5.824   1.00 29.06 ? 19  LYS B N   1 
ATOM   554 C CA  . LYS B 1 18 ? 1.395   6.488   7.025   1.00 29.45 ? 19  LYS B CA  1 
ATOM   555 C C   . LYS B 1 18 ? 0.373   7.175   7.927   1.00 31.23 ? 19  LYS B C   1 
ATOM   556 O O   . LYS B 1 18 ? -0.786  7.227   7.566   1.00 29.01 ? 19  LYS B O   1 
ATOM   557 C CB  . LYS B 1 18 ? 2.471   7.518   6.671   1.00 30.14 ? 19  LYS B CB  1 
ATOM   558 C CG  . LYS B 1 18 ? 3.569   7.027   5.755   1.00 29.46 ? 19  LYS B CG  1 
ATOM   559 C CD  . LYS B 1 18 ? 4.008   5.644   6.077   1.00 29.86 ? 19  LYS B CD  1 
ATOM   560 C CE  . LYS B 1 18 ? 5.125   5.149   5.203   1.00 29.64 ? 19  LYS B CE  1 
ATOM   561 N NZ  . LYS B 1 18 ? 6.388   5.840   5.495   1.00 29.96 ? 19  LYS B NZ  1 
ATOM   562 N N   . GLY B 1 19 ? 0.860   7.677   9.060   1.00 30.40 ? 20  GLY B N   1 
ATOM   563 C CA  . GLY B 1 19 ? 0.126   8.366   10.137  1.00 31.31 ? 20  GLY B CA  1 
ATOM   564 C C   . GLY B 1 19 ? -0.138  9.823   9.828   1.00 29.10 ? 20  GLY B C   1 
ATOM   565 O O   . GLY B 1 19 ? -0.113  10.157  8.678   1.00 27.16 ? 20  GLY B O   1 
ATOM   566 N N   . CYS B 1 20 ? -0.413  10.637  10.841  1.00 30.72 ? 21  CYS B N   1 
ATOM   567 C CA  . CYS B 1 20 ? -0.689  12.054  10.635  1.00 33.68 ? 21  CYS B CA  1 
ATOM   568 C C   . CYS B 1 20 ? 0.595   12.816  10.340  1.00 33.36 ? 21  CYS B C   1 
ATOM   569 O O   . CYS B 1 20 ? 1.533   12.800  11.137  1.00 33.60 ? 21  CYS B O   1 
ATOM   570 C CB  . CYS B 1 20 ? -1.385  12.648  11.860  1.00 36.13 ? 21  CYS B CB  1 
ATOM   571 S SG  . CYS B 1 20 ? -1.916  14.365  11.659  1.00 44.69 ? 21  CYS B SG  1 
ATOM   572 N N   . HIS B 1 21 ? 0.632   13.485  9.193   1.00 30.46 ? 22  HIS B N   1 
ATOM   573 C CA  . HIS B 1 21 ? 1.825   14.257  8.800   1.00 28.02 ? 22  HIS B CA  1 
ATOM   574 C C   . HIS B 1 21 ? 2.039   15.311  9.890   1.00 28.02 ? 22  HIS B C   1 
ATOM   575 O O   . HIS B 1 21 ? 1.088   15.955  10.295  1.00 25.55 ? 22  HIS B O   1 
ATOM   576 C CB  . HIS B 1 21 ? 1.623   14.808  7.394   1.00 28.63 ? 22  HIS B CB  1 
ATOM   577 C CG  . HIS B 1 21 ? 2.890   15.210  6.746   1.00 29.80 ? 22  HIS B CG  1 
ATOM   578 N ND1 . HIS B 1 21 ? 3.420   16.442  6.903   1.00 31.54 ? 22  HIS B ND1 1 
ATOM   579 C CD2 . HIS B 1 21 ? 3.736   14.537  5.954   1.00 29.19 ? 22  HIS B CD2 1 
ATOM   580 C CE1 . HIS B 1 21 ? 4.532   16.527  6.230   1.00 31.37 ? 22  HIS B CE1 1 
ATOM   581 N NE2 . HIS B 1 21 ? 4.746   15.381  5.648   1.00 29.34 ? 22  HIS B NE2 1 
ATOM   582 N N   . GLY B 1 22 ? 3.270   15.435  10.351  1.00 27.88 ? 23  GLY B N   1 
ATOM   583 C CA  . GLY B 1 22 ? 3.627   16.310  11.464  1.00 28.65 ? 23  GLY B CA  1 
ATOM   584 C C   . GLY B 1 22 ? 3.623   17.789  11.125  1.00 30.16 ? 23  GLY B C   1 
ATOM   585 O O   . GLY B 1 22 ? 3.495   18.632  12.016  1.00 32.56 ? 23  GLY B O   1 
ATOM   586 N N   . VAL B 1 23 ? 3.788   18.097  9.844   1.00 31.02 ? 24  VAL B N   1 
ATOM   587 C CA  . VAL B 1 23 ? 3.700   19.469  9.353   1.00 34.54 ? 24  VAL B CA  1 
ATOM   588 C C   . VAL B 1 23 ? 2.299   19.796  8.821   1.00 33.59 ? 24  VAL B C   1 
ATOM   589 O O   . VAL B 1 23 ? 1.721   20.807  9.197   1.00 38.93 ? 24  VAL B O   1 
ATOM   590 C CB  . VAL B 1 23 ? 4.720   19.745  8.228   1.00 36.28 ? 24  VAL B CB  1 
ATOM   591 C CG1 . VAL B 1 23 ? 4.847   21.241  7.986   1.00 35.65 ? 24  VAL B CG1 1 
ATOM   592 C CG2 . VAL B 1 23 ? 6.080   19.166  8.569   1.00 37.25 ? 24  VAL B CG2 1 
ATOM   593 N N   . GLU B 1 24 ? 1.747   18.935  7.971   1.00 31.44 ? 25  GLU B N   1 
ATOM   594 C CA  . GLU B 1 24 ? 0.554   19.261  7.197   1.00 32.98 ? 25  GLU B CA  1 
ATOM   595 C C   . GLU B 1 24 ? -0.736  18.844  7.878   1.00 31.20 ? 25  GLU B C   1 
ATOM   596 O O   . GLU B 1 24 ? -1.815  19.254  7.458   1.00 29.24 ? 25  GLU B O   1 
ATOM   597 C CB  . GLU B 1 24 ? 0.626   18.626  5.800   1.00 35.40 ? 25  GLU B CB  1 
ATOM   598 C CG  . GLU B 1 24 ? 1.633   19.286  4.876   1.00 38.53 ? 25  GLU B CG  1 
ATOM   599 C CD  . GLU B 1 24 ? 1.392   20.782  4.722   1.00 42.25 ? 25  GLU B CD  1 
ATOM   600 O OE1 . GLU B 1 24 ? 2.379   21.528  4.528   1.00 46.72 ? 25  GLU B OE1 1 
ATOM   601 O OE2 . GLU B 1 24 ? 0.214   21.210  4.804   1.00 42.61 ? 25  GLU B OE2 1 
ATOM   602 N N   . LYS B 1 25 ? -0.624  18.044  8.934   1.00 33.14 ? 26  LYS B N   1 
ATOM   603 C CA  . LYS B 1 25 ? -1.790  17.561  9.668   1.00 34.91 ? 26  LYS B CA  1 
ATOM   604 C C   . LYS B 1 25 ? -2.784  16.905  8.728   1.00 34.83 ? 26  LYS B C   1 
ATOM   605 O O   . LYS B 1 25 ? -3.947  17.307  8.652   1.00 31.80 ? 26  LYS B O   1 
ATOM   606 C CB  . LYS B 1 25 ? -2.474  18.691  10.455  1.00 35.40 ? 26  LYS B CB  1 
ATOM   607 C CG  . LYS B 1 25 ? -1.871  18.972  11.820  1.00 38.28 ? 26  LYS B CG  1 
ATOM   608 C CD  . LYS B 1 25 ? -0.673  19.893  11.728  1.00 41.99 ? 26  LYS B CD  1 
ATOM   609 C CE  . LYS B 1 25 ? -0.679  20.867  12.887  1.00 47.97 ? 26  LYS B CE  1 
ATOM   610 N NZ  . LYS B 1 25 ? 0.376   21.905  12.736  1.00 55.46 ? 26  LYS B NZ  1 
ATOM   611 N N   . LYS B 1 26 ? -2.303  15.908  7.995   1.00 35.64 ? 27  LYS B N   1 
ATOM   612 C CA  . LYS B 1 26 ? -3.155  15.063  7.164   1.00 38.13 ? 27  LYS B CA  1 
ATOM   613 C C   . LYS B 1 26 ? -2.545  13.679  7.104   1.00 36.90 ? 27  LYS B C   1 
ATOM   614 O O   . LYS B 1 26 ? -1.326  13.515  7.219   1.00 33.98 ? 27  LYS B O   1 
ATOM   615 C CB  . LYS B 1 26 ? -3.279  15.604  5.740   1.00 39.91 ? 27  LYS B CB  1 
ATOM   616 C CG  . LYS B 1 26 ? -4.233  16.772  5.573   1.00 43.49 ? 27  LYS B CG  1 
ATOM   617 C CD  . LYS B 1 26 ? -4.140  17.373  4.177   1.00 48.07 ? 27  LYS B CD  1 
ATOM   618 C CE  . LYS B 1 26 ? -2.952  18.310  4.030   1.00 49.98 ? 27  LYS B CE  1 
ATOM   619 N NZ  . LYS B 1 26 ? -3.130  19.585  4.779   1.00 50.99 ? 27  LYS B NZ  1 
ATOM   620 N N   . TYR B 1 27 ? -3.404  12.686  6.923   1.00 36.35 ? 28  TYR B N   1 
ATOM   621 C CA  . TYR B 1 27 ? -2.950  11.347  6.609   1.00 36.13 ? 28  TYR B CA  1 
ATOM   622 C C   . TYR B 1 27 ? -2.279  11.416  5.251   1.00 32.72 ? 28  TYR B C   1 
ATOM   623 O O   . TYR B 1 27 ? -2.794  12.062  4.339   1.00 30.01 ? 28  TYR B O   1 
ATOM   624 C CB  . TYR B 1 27 ? -4.124  10.374  6.568   1.00 39.13 ? 28  TYR B CB  1 
ATOM   625 C CG  . TYR B 1 27 ? -4.841  10.276  7.881   1.00 43.84 ? 28  TYR B CG  1 
ATOM   626 C CD1 . TYR B 1 27 ? -4.228  9.692   8.980   1.00 47.93 ? 28  TYR B CD1 1 
ATOM   627 C CD2 . TYR B 1 27 ? -6.124  10.786  8.035   1.00 45.34 ? 28  TYR B CD2 1 
ATOM   628 C CE1 . TYR B 1 27 ? -4.879  9.602   10.200  1.00 54.20 ? 28  TYR B CE1 1 
ATOM   629 C CE2 . TYR B 1 27 ? -6.784  10.704  9.248   1.00 52.22 ? 28  TYR B CE2 1 
ATOM   630 C CZ  . TYR B 1 27 ? -6.157  10.109  10.327  1.00 57.07 ? 28  TYR B CZ  1 
ATOM   631 O OH  . TYR B 1 27 ? -6.811  10.024  11.532  1.00 57.10 ? 28  TYR B OH  1 
ATOM   632 N N   . TYR B 1 28 ? -1.131  10.760  5.129   1.00 31.65 ? 29  TYR B N   1 
ATOM   633 C CA  . TYR B 1 28 ? -0.343  10.799  3.902   1.00 32.46 ? 29  TYR B CA  1 
ATOM   634 C C   . TYR B 1 28 ? 0.157   9.405   3.561   1.00 34.34 ? 29  TYR B C   1 
ATOM   635 O O   . TYR B 1 28 ? 0.247   8.533   4.433   1.00 33.03 ? 29  TYR B O   1 
ATOM   636 C CB  . TYR B 1 28 ? 0.834   11.781  4.016   1.00 32.73 ? 29  TYR B CB  1 
ATOM   637 C CG  . TYR B 1 28 ? 1.920   11.356  4.973   1.00 30.48 ? 29  TYR B CG  1 
ATOM   638 C CD1 . TYR B 1 28 ? 1.678   11.288  6.340   1.00 31.62 ? 29  TYR B CD1 1 
ATOM   639 C CD2 . TYR B 1 28 ? 3.187   11.034  4.522   1.00 28.38 ? 29  TYR B CD2 1 
ATOM   640 C CE1 . TYR B 1 28 ? 2.664   10.901  7.229   1.00 32.44 ? 29  TYR B CE1 1 
ATOM   641 C CE2 . TYR B 1 28 ? 4.183   10.650  5.405   1.00 27.61 ? 29  TYR B CE2 1 
ATOM   642 C CZ  . TYR B 1 28 ? 3.915   10.586  6.758   1.00 30.70 ? 29  TYR B CZ  1 
ATOM   643 O OH  . TYR B 1 28 ? 4.889   10.203  7.650   1.00 32.95 ? 29  TYR B OH  1 
ATOM   644 N N   . LYS B 1 29 ? 0.474   9.215   2.280   1.00 36.24 ? 30  LYS B N   1 
ATOM   645 C CA  . LYS B 1 29 ? 0.941   7.941   1.755   1.00 34.33 ? 30  LYS B CA  1 
ATOM   646 C C   . LYS B 1 29 ? 2.204   8.167   0.951   1.00 29.94 ? 30  LYS B C   1 
ATOM   647 O O   . LYS B 1 29 ? 2.253   9.072   0.128   1.00 29.42 ? 30  LYS B O   1 
ATOM   648 C CB  . LYS B 1 29 ? -0.111  7.318   0.843   1.00 36.45 ? 30  LYS B CB  1 
ATOM   649 C CG  . LYS B 1 29 ? -1.504  7.256   1.437   1.00 37.75 ? 30  LYS B CG  1 
ATOM   650 C CD  . LYS B 1 29 ? -2.557  7.010   0.372   1.00 37.25 ? 30  LYS B CD  1 
ATOM   651 C CE  . LYS B 1 29 ? -3.951  7.008   0.980   1.00 36.70 ? 30  LYS B CE  1 
ATOM   652 N NZ  . LYS B 1 29 ? -4.178  5.779   1.791   1.00 34.94 ? 30  LYS B NZ  1 
ATOM   653 N N   . GLN B 1 30 ? 3.219   7.345   1.190   1.00 30.02 ? 31  GLN B N   1 
ATOM   654 C CA  . GLN B 1 30 ? 4.440   7.378   0.397   1.00 28.84 ? 31  GLN B CA  1 
ATOM   655 C C   . GLN B 1 30 ? 4.319   6.413   -0.775  1.00 27.38 ? 31  GLN B C   1 
ATOM   656 O O   . GLN B 1 30 ? 4.173   5.207   -0.588  1.00 24.97 ? 31  GLN B O   1 
ATOM   657 C CB  . GLN B 1 30 ? 5.645   7.014   1.258   1.00 29.26 ? 31  GLN B CB  1 
ATOM   658 C CG  . GLN B 1 30 ? 5.864   7.940   2.447   1.00 31.09 ? 31  GLN B CG  1 
ATOM   659 C CD  . GLN B 1 30 ? 6.347   9.316   2.029   1.00 32.45 ? 31  GLN B CD  1 
ATOM   660 O OE1 . GLN B 1 30 ? 5.600   10.095  1.442   1.00 34.17 ? 31  GLN B OE1 1 
ATOM   661 N NE2 . GLN B 1 30 ? 7.603   9.616   2.325   1.00 34.29 ? 31  GLN B NE2 1 
ATOM   662 N N   . VAL B 1 31 ? 4.384   6.965   -1.984  1.00 29.62 ? 32  VAL B N   1 
ATOM   663 C CA  . VAL B 1 31 ? 4.195   6.212   -3.230  1.00 28.43 ? 32  VAL B CA  1 
ATOM   664 C C   . VAL B 1 31 ? 5.534   5.894   -3.895  1.00 27.54 ? 32  VAL B C   1 
ATOM   665 O O   . VAL B 1 31 ? 6.334   6.787   -4.182  1.00 26.02 ? 32  VAL B O   1 
ATOM   666 C CB  . VAL B 1 31 ? 3.310   6.989   -4.217  1.00 26.96 ? 32  VAL B CB  1 
ATOM   667 C CG1 . VAL B 1 31 ? 3.052   6.179   -5.482  1.00 27.06 ? 32  VAL B CG1 1 
ATOM   668 C CG2 . VAL B 1 31 ? 1.988   7.357   -3.561  1.00 27.47 ? 32  VAL B CG2 1 
ATOM   669 N N   . TYR B 1 32 ? 5.759   4.610   -4.142  1.00 26.57 ? 33  TYR B N   1 
ATOM   670 C CA  . TYR B 1 32 ? 6.996   4.144   -4.749  1.00 28.18 ? 33  TYR B CA  1 
ATOM   671 C C   . TYR B 1 32 ? 6.695   3.422   -6.038  1.00 27.77 ? 33  TYR B C   1 
ATOM   672 O O   . TYR B 1 32 ? 5.606   2.887   -6.214  1.00 25.15 ? 33  TYR B O   1 
ATOM   673 C CB  . TYR B 1 32 ? 7.734   3.197   -3.799  1.00 30.82 ? 33  TYR B CB  1 
ATOM   674 C CG  . TYR B 1 32 ? 8.483   3.897   -2.688  1.00 34.95 ? 33  TYR B CG  1 
ATOM   675 C CD1 . TYR B 1 32 ? 7.811   4.378   -1.563  1.00 35.99 ? 33  TYR B CD1 1 
ATOM   676 C CD2 . TYR B 1 32 ? 9.859   4.075   -2.761  1.00 38.35 ? 33  TYR B CD2 1 
ATOM   677 C CE1 . TYR B 1 32 ? 8.490   5.016   -0.541  1.00 38.95 ? 33  TYR B CE1 1 
ATOM   678 C CE2 . TYR B 1 32 ? 10.550  4.713   -1.744  1.00 43.09 ? 33  TYR B CE2 1 
ATOM   679 C CZ  . TYR B 1 32 ? 9.860   5.182   -0.639  1.00 44.27 ? 33  TYR B CZ  1 
ATOM   680 O OH  . TYR B 1 32 ? 10.539  5.817   0.372   1.00 47.95 ? 33  TYR B OH  1 
ATOM   681 N N   . VAL B 1 33 ? 7.676   3.410   -6.933  1.00 28.02 ? 34  VAL B N   1 
ATOM   682 C CA  . VAL B 1 33 ? 7.593   2.653   -8.173  1.00 28.89 ? 34  VAL B CA  1 
ATOM   683 C C   . VAL B 1 33 ? 8.550   1.467   -8.103  1.00 30.75 ? 34  VAL B C   1 
ATOM   684 O O   . VAL B 1 33 ? 9.747   1.653   -7.870  1.00 33.44 ? 34  VAL B O   1 
ATOM   685 C CB  . VAL B 1 33 ? 7.986   3.496   -9.401  1.00 29.78 ? 34  VAL B CB  1 
ATOM   686 C CG1 . VAL B 1 33 ? 7.462   2.845   -10.659 1.00 30.75 ? 34  VAL B CG1 1 
ATOM   687 C CG2 . VAL B 1 33 ? 7.434   4.901   -9.308  1.00 30.24 ? 34  VAL B CG2 1 
ATOM   688 N N   . ALA B 1 34 ? 8.028   0.256   -8.283  1.00 30.07 ? 35  ALA B N   1 
ATOM   689 C CA  . ALA B 1 34 ? 8.882   -0.907  -8.500  1.00 33.26 ? 35  ALA B CA  1 
ATOM   690 C C   . ALA B 1 34 ? 9.093   -1.080  -10.001 1.00 34.40 ? 35  ALA B C   1 
ATOM   691 O O   . ALA B 1 34 ? 8.166   -1.425  -10.727 1.00 31.98 ? 35  ALA B O   1 
ATOM   692 C CB  . ALA B 1 34 ? 8.262   -2.161  -7.912  1.00 35.95 ? 35  ALA B CB  1 
ATOM   693 N N   . CYS B 1 35 ? 10.316  -0.833  -10.455 1.00 37.05 ? 36  CYS B N   1 
ATOM   694 C CA  . CYS B 1 35 ? 10.656  -0.941  -11.867 1.00 39.80 ? 36  CYS B CA  1 
ATOM   695 C C   . CYS B 1 35 ? 10.835  -2.395  -12.291 1.00 42.11 ? 36  CYS B C   1 
ATOM   696 O O   . CYS B 1 35 ? 10.939  -3.288  -11.448 1.00 37.83 ? 36  CYS B O   1 
ATOM   697 C CB  . CYS B 1 35 ? 11.928  -0.140  -12.154 1.00 41.87 ? 36  CYS B CB  1 
ATOM   698 S SG  . CYS B 1 35 ? 11.758  1.620   -11.765 1.00 45.12 ? 36  CYS B SG  1 
ATOM   699 N N   . MET B 1 36 ? 10.868  -2.628  -13.604 1.00 44.03 ? 37  MET B N   1 
ATOM   700 C CA  . MET B 1 36 ? 11.048  -3.982  -14.144 1.00 40.27 ? 37  MET B CA  1 
ATOM   701 C C   . MET B 1 36 ? 12.367  -4.580  -13.684 1.00 46.18 ? 37  MET B C   1 
ATOM   702 O O   . MET B 1 36 ? 12.447  -5.781  -13.448 1.00 51.35 ? 37  MET B O   1 
ATOM   703 C CB  . MET B 1 36 ? 10.977  -3.998  -15.680 1.00 31.11 ? 37  MET B CB  1 
ATOM   704 C CG  . MET B 1 36 ? 9.584   -3.769  -16.243 1.00 42.63 ? 37  MET B CG  1 
ATOM   705 S SD  . MET B 1 36 ? 8.318   -4.762  -15.428 1.00 44.08 ? 37  MET B SD  1 
ATOM   706 C CE  . MET B 1 36 ? 8.190   -6.200  -16.489 1.00 43.23 ? 37  MET B CE  1 
ATOM   707 N N   . ASN B 1 37 ? 13.376  -3.726  -13.539 1.00 51.93 ? 38  ASN B N   1 
ATOM   708 C CA  . ASN B 1 37 ? 14.712  -4.120  -13.079 1.00 61.93 ? 38  ASN B CA  1 
ATOM   709 C C   . ASN B 1 37 ? 14.803  -4.578  -11.608 1.00 54.44 ? 38  ASN B C   1 
ATOM   710 O O   . ASN B 1 37 ? 15.857  -5.057  -11.177 1.00 50.52 ? 38  ASN B O   1 
ATOM   711 C CB  . ASN B 1 37 ? 15.693  -2.961  -13.319 1.00 57.02 ? 38  ASN B CB  1 
ATOM   712 C CG  . ASN B 1 37 ? 15.328  -1.700  -12.539 1.00 61.66 ? 38  ASN B CG  1 
ATOM   713 O OD1 . ASN B 1 37 ? 15.166  -1.737  -11.318 1.00 67.08 ? 38  ASN B OD1 1 
ATOM   714 N ND2 . ASN B 1 37 ? 15.191  -0.582  -13.246 1.00 58.82 ? 38  ASN B ND2 1 
ATOM   715 N N   . GLY B 1 38 ? 13.724  -4.406  -10.843 1.00 54.16 ? 39  GLY B N   1 
ATOM   716 C CA  . GLY B 1 38 ? 13.673  -4.831  -9.441  1.00 55.01 ? 39  GLY B CA  1 
ATOM   717 C C   . GLY B 1 38 ? 13.682  -3.671  -8.461  1.00 55.59 ? 39  GLY B C   1 
ATOM   718 O O   . GLY B 1 38 ? 13.069  -3.749  -7.390  1.00 52.04 ? 39  GLY B O   1 
ATOM   719 N N   . GLN B 1 39 ? 14.378  -2.598  -8.835  1.00 56.33 ? 40  GLN B N   1 
ATOM   720 C CA  . GLN B 1 39 ? 14.557  -1.428  -7.968  1.00 58.12 ? 40  GLN B CA  1 
ATOM   721 C C   . GLN B 1 39 ? 13.247  -0.716  -7.641  1.00 57.68 ? 40  GLN B C   1 
ATOM   722 O O   . GLN B 1 39 ? 12.415  -0.504  -8.525  1.00 54.20 ? 40  GLN B O   1 
ATOM   723 C CB  . GLN B 1 39 ? 15.519  -0.418  -8.611  1.00 63.93 ? 40  GLN B CB  1 
ATOM   724 C CG  . GLN B 1 39 ? 16.988  -0.656  -8.305  1.00 59.60 ? 40  GLN B CG  1 
ATOM   725 C CD  . GLN B 1 39 ? 17.390  -0.030  -6.989  1.00 59.37 ? 40  GLN B CD  1 
ATOM   726 O OE1 . GLN B 1 39 ? 16.591  0.032   -6.055  1.00 53.15 ? 40  GLN B OE1 1 
ATOM   727 N NE2 . GLN B 1 39 ? 18.630  0.448   -6.909  1.00 58.08 ? 40  GLN B NE2 1 
ATOM   728 N N   . HIS B 1 40 ? 13.093  -0.350  -6.366  1.00 55.22 ? 41  HIS B N   1 
ATOM   729 C CA  . HIS B 1 40 ? 11.985  0.483   -5.891  1.00 49.90 ? 41  HIS B CA  1 
ATOM   730 C C   . HIS B 1 40 ? 12.455  1.929   -5.783  1.00 45.81 ? 41  HIS B C   1 
ATOM   731 O O   . HIS B 1 40 ? 13.419  2.211   -5.069  1.00 43.87 ? 41  HIS B O   1 
ATOM   732 C CB  . HIS B 1 40 ? 11.514  0.021   -4.513  1.00 53.66 ? 41  HIS B CB  1 
ATOM   733 C CG  . HIS B 1 40 ? 10.983  -1.375  -4.491  1.00 49.71 ? 41  HIS B CG  1 
ATOM   734 N ND1 . HIS B 1 40 ? 11.636  -2.429  -5.093  1.00 55.91 ? 41  HIS B ND1 1 
ATOM   735 C CD2 . HIS B 1 40 ? 9.870   -1.896  -3.923  1.00 43.15 ? 41  HIS B CD2 1 
ATOM   736 C CE1 . HIS B 1 40 ? 10.942  -3.537  -4.908  1.00 57.31 ? 41  HIS B CE1 1 
ATOM   737 N NE2 . HIS B 1 40 ? 9.865   -3.240  -4.201  1.00 53.41 ? 41  HIS B NE2 1 
ATOM   738 N N   . LEU B 1 41 ? 11.779  2.838   -6.482  1.00 39.31 ? 42  LEU B N   1 
ATOM   739 C CA  . LEU B 1 41 ? 12.148  4.258   -6.467  1.00 36.29 ? 42  LEU B CA  1 
ATOM   740 C C   . LEU B 1 41 ? 10.998  5.104   -5.917  1.00 34.28 ? 42  LEU B C   1 
ATOM   741 O O   . LEU B 1 41 ? 9.826   4.758   -6.091  1.00 30.88 ? 42  LEU B O   1 
ATOM   742 C CB  . LEU B 1 41 ? 12.540  4.733   -7.873  1.00 38.41 ? 42  LEU B CB  1 
ATOM   743 C CG  . LEU B 1 41 ? 13.510  3.837   -8.657  1.00 41.73 ? 42  LEU B CG  1 
ATOM   744 C CD1 . LEU B 1 41 ? 13.733  4.353   -10.072 1.00 48.15 ? 42  LEU B CD1 1 
ATOM   745 C CD2 . LEU B 1 41 ? 14.842  3.701   -7.945  1.00 41.83 ? 42  LEU B CD2 1 
ATOM   746 N N   . TYR B 1 42 ? 11.341  6.204   -5.243  1.00 33.58 ? 43  TYR B N   1 
ATOM   747 C CA  . TYR B 1 42 ? 10.337  7.124   -4.702  1.00 31.68 ? 43  TYR B CA  1 
ATOM   748 C C   . TYR B 1 42 ? 9.653   7.897   -5.837  1.00 31.70 ? 43  TYR B C   1 
ATOM   749 O O   . TYR B 1 42 ? 10.303  8.321   -6.791  1.00 30.76 ? 43  TYR B O   1 
ATOM   750 C CB  . TYR B 1 42 ? 10.960  8.095   -3.688  1.00 29.44 ? 43  TYR B CB  1 
ATOM   751 C CG  . TYR B 1 42 ? 10.009  9.192   -3.258  1.00 30.02 ? 43  TYR B CG  1 
ATOM   752 C CD1 . TYR B 1 42 ? 9.038   8.955   -2.292  1.00 28.67 ? 43  TYR B CD1 1 
ATOM   753 C CD2 . TYR B 1 42 ? 10.066  10.463  -3.839  1.00 29.44 ? 43  TYR B CD2 1 
ATOM   754 C CE1 . TYR B 1 42 ? 8.150   9.949   -1.909  1.00 29.67 ? 43  TYR B CE1 1 
ATOM   755 C CE2 . TYR B 1 42 ? 9.185   11.465  -3.460  1.00 29.04 ? 43  TYR B CE2 1 
ATOM   756 C CZ  . TYR B 1 42 ? 8.230   11.203  -2.494  1.00 32.02 ? 43  TYR B CZ  1 
ATOM   757 O OH  . TYR B 1 42 ? 7.352   12.189  -2.115  1.00 25.83 ? 43  TYR B OH  1 
ATOM   758 N N   . CYS B 1 43 ? 8.338   8.062   -5.725  1.00 31.22 ? 44  CYS B N   1 
ATOM   759 C CA  . CYS B 1 43 ? 7.533   8.701   -6.769  1.00 32.85 ? 44  CYS B CA  1 
ATOM   760 C C   . CYS B 1 43 ? 6.987   10.037  -6.290  1.00 32.27 ? 44  CYS B C   1 
ATOM   761 O O   . CYS B 1 43 ? 7.300   11.095  -6.845  1.00 29.66 ? 44  CYS B O   1 
ATOM   762 C CB  . CYS B 1 43 ? 6.371   7.779   -7.168  1.00 36.10 ? 44  CYS B CB  1 
ATOM   763 S SG  . CYS B 1 43 ? 5.242   8.457   -8.399  1.00 31.44 ? 44  CYS B SG  1 
ATOM   764 N N   . ARG B 1 44 ? 6.164   9.978   -5.252  1.00 31.78 ? 45  ARG B N   1 
ATOM   765 C CA  . ARG B 1 44 ? 5.481   11.152  -4.736  1.00 32.43 ? 45  ARG B CA  1 
ATOM   766 C C   . ARG B 1 44 ? 4.802   10.807  -3.418  1.00 33.80 ? 45  ARG B C   1 
ATOM   767 O O   . ARG B 1 44 ? 4.794   9.647   -3.002  1.00 33.16 ? 45  ARG B O   1 
ATOM   768 C CB  . ARG B 1 44 ? 4.438   11.648  -5.739  1.00 33.03 ? 45  ARG B CB  1 
ATOM   769 C CG  . ARG B 1 44 ? 3.341   10.646  -6.034  1.00 31.96 ? 45  ARG B CG  1 
ATOM   770 C CD  . ARG B 1 44 ? 2.455   11.146  -7.152  1.00 31.20 ? 45  ARG B CD  1 
ATOM   771 N NE  . ARG B 1 44 ? 1.551   12.194  -6.690  1.00 33.39 ? 45  ARG B NE  1 
ATOM   772 C CZ  . ARG B 1 44 ? 0.419   11.981  -6.025  1.00 35.72 ? 45  ARG B CZ  1 
ATOM   773 N NH1 . ARG B 1 44 ? 0.027   10.747  -5.721  1.00 40.44 ? 45  ARG B NH1 1 
ATOM   774 N NH2 . ARG B 1 44 ? -0.332  13.008  -5.654  1.00 34.35 ? 45  ARG B NH2 1 
ATOM   775 N N   . THR B 1 45 ? 4.244   11.831  -2.775  1.00 35.06 ? 46  THR B N   1 
ATOM   776 C CA  . THR B 1 45 ? 3.463   11.677  -1.557  1.00 33.41 ? 46  THR B CA  1 
ATOM   777 C C   . THR B 1 45 ? 2.000   11.920  -1.871  1.00 30.50 ? 46  THR B C   1 
ATOM   778 O O   . THR B 1 45 ? 1.660   12.901  -2.525  1.00 30.33 ? 46  THR B O   1 
ATOM   779 C CB  . THR B 1 45 ? 3.920   12.679  -0.480  1.00 34.47 ? 46  THR B CB  1 
ATOM   780 O OG1 . THR B 1 45 ? 5.287   12.415  -0.136  1.00 39.03 ? 46  THR B OG1 1 
ATOM   781 C CG2 . THR B 1 45 ? 3.067   12.576  0.780   1.00 31.83 ? 46  THR B CG2 1 
ATOM   782 N N   . GLU B 1 46 ? 1.143   11.022  -1.394  1.00 31.04 ? 47  GLU B N   1 
ATOM   783 C CA  . GLU B 1 46 ? -0.304  11.133  -1.568  1.00 32.11 ? 47  GLU B CA  1 
ATOM   784 C C   . GLU B 1 46 ? -0.956  11.573  -0.258  1.00 31.81 ? 47  GLU B C   1 
ATOM   785 O O   . GLU B 1 46 ? -0.570  11.121  0.821   1.00 32.13 ? 47  GLU B O   1 
ATOM   786 C CB  . GLU B 1 46 ? -0.883  9.795   -2.034  1.00 32.58 ? 47  GLU B CB  1 
ATOM   787 C CG  . GLU B 1 46 ? -2.404  9.741   -2.153  1.00 31.62 ? 47  GLU B CG  1 
ATOM   788 C CD  . GLU B 1 46 ? -2.965  10.609  -3.263  1.00 34.03 ? 47  GLU B CD  1 
ATOM   789 O OE1 . GLU B 1 46 ? -2.180  11.146  -4.083  1.00 36.28 ? 47  GLU B OE1 1 
ATOM   790 O OE2 . GLU B 1 46 ? -4.211  10.746  -3.317  1.00 34.29 ? 47  GLU B OE2 1 
ATOM   791 N N   . TRP B 1 47 ? -1.958  12.438  -0.366  1.00 31.90 ? 48  TRP B N   1 
ATOM   792 C CA  . TRP B 1 47 ? -2.554  13.073  0.800   1.00 29.42 ? 48  TRP B CA  1 
ATOM   793 C C   . TRP B 1 47 ? -3.981  12.636  1.012   1.00 30.23 ? 48  TRP B C   1 
ATOM   794 O O   . TRP B 1 47 ? -4.771  12.583  0.069   1.00 27.92 ? 48  TRP B O   1 
ATOM   795 C CB  . TRP B 1 47 ? -2.461  14.589  0.666   1.00 29.02 ? 48  TRP B CB  1 
ATOM   796 C CG  . TRP B 1 47 ? -1.039  14.992  0.601   1.00 27.05 ? 48  TRP B CG  1 
ATOM   797 C CD1 . TRP B 1 47 ? -0.288  15.175  -0.524  1.00 26.28 ? 48  TRP B CD1 1 
ATOM   798 C CD2 . TRP B 1 47 ? -0.157  15.172  1.709   1.00 25.57 ? 48  TRP B CD2 1 
ATOM   799 N NE1 . TRP B 1 47 ? 1.002   15.502  -0.185  1.00 25.27 ? 48  TRP B NE1 1 
ATOM   800 C CE2 . TRP B 1 47 ? 1.113   15.503  1.180   1.00 25.25 ? 48  TRP B CE2 1 
ATOM   801 C CE3 . TRP B 1 47 ? -0.315  15.107  3.096   1.00 23.82 ? 48  TRP B CE3 1 
ATOM   802 C CZ2 . TRP B 1 47 ? 2.217   15.767  1.993   1.00 24.70 ? 48  TRP B CZ2 1 
ATOM   803 C CZ3 . TRP B 1 47 ? 0.776   15.371  3.899   1.00 25.38 ? 48  TRP B CZ3 1 
ATOM   804 C CH2 . TRP B 1 47 ? 2.029   15.696  3.346   1.00 24.91 ? 48  TRP B CH2 1 
ATOM   805 N N   . GLY B 1 48 ? -4.281  12.312  2.267   1.00 28.59 ? 49  GLY B N   1 
ATOM   806 C CA  . GLY B 1 48 ? -5.608  11.901  2.703   1.00 28.54 ? 49  GLY B CA  1 
ATOM   807 C C   . GLY B 1 48 ? -6.269  13.032  3.456   1.00 27.93 ? 49  GLY B C   1 
ATOM   808 O O   . GLY B 1 48 ? -5.950  14.195  3.236   1.00 26.20 ? 49  GLY B O   1 
ATOM   809 N N   . GLY B 1 49 ? -7.182  12.688  4.354   1.00 31.84 ? 50  GLY B N   1 
ATOM   810 C CA  . GLY B 1 49 ? -7.949  13.685  5.102   1.00 31.22 ? 50  GLY B CA  1 
ATOM   811 C C   . GLY B 1 49 ? -7.157  14.362  6.204   1.00 31.03 ? 50  GLY B C   1 
ATOM   812 O O   . GLY B 1 49 ? -6.004  14.011  6.453   1.00 34.22 ? 50  GLY B O   1 
ATOM   813 N N   . PRO B 1 50 ? -7.787  15.299  6.895   1.00 22.65 ? 51  PRO B N   1 
ATOM   814 C CA  . PRO B 1 50 ? -7.150  16.000  8.007   1.00 33.47 ? 51  PRO B CA  1 
ATOM   815 C C   . PRO B 1 50 ? -6.969  15.097  9.239   1.00 36.31 ? 51  PRO B C   1 
ATOM   816 O O   . PRO B 1 50 ? -7.794  14.318  9.507   1.00 33.38 ? 51  PRO B O   1 
ATOM   817 C CB  . PRO B 1 50 ? -8.065  17.188  8.265   1.00 32.49 ? 51  PRO B CB  1 
ATOM   818 C CG  . PRO B 1 50 ? -9.388  16.698  7.789   1.00 30.90 ? 51  PRO B CG  1 
ATOM   819 C CD  . PRO B 1 50 ? -9.035  15.926  6.552   1.00 14.80 ? 51  PRO B CD  1 
ATOM   820 N N   . CYS B 1 51 ? -5.850  15.267  9.936   1.00 38.65 ? 52  CYS B N   1 
ATOM   821 C CA  . CYS B 1 51 ? -5.550  14.499  11.135  1.00 45.03 ? 52  CYS B CA  1 
ATOM   822 C C   . CYS B 1 51 ? -5.188  15.470  12.250  1.00 47.99 ? 52  CYS B C   1 
ATOM   823 O O   . CYS B 1 51 ? -4.890  16.636  11.989  1.00 42.15 ? 52  CYS B O   1 
ATOM   824 C CB  . CYS B 1 51 ? -4.396  13.529  10.882  1.00 48.66 ? 52  CYS B CB  1 
ATOM   825 S SG  . CYS B 1 51 ? -3.083  14.191  9.828   1.00 53.42 ? 52  CYS B SG  1 
ATOM   826 N N   . GLN B 1 52 ? -5.213  14.997  13.491  1.00 57.16 ? 53  GLN B N   1 
ATOM   827 C CA  . GLN B 1 52 ? -4.883  15.876  14.649  1.00 62.44 ? 53  GLN B CA  1 
ATOM   828 C C   . GLN B 1 52 ? -3.744  15.199  15.404  1.00 51.90 ? 53  GLN B C   1 
ATOM   829 O O   . GLN B 1 52 ? -3.862  14.019  15.676  1.00 56.95 ? 53  GLN B O   1 
ATOM   830 C CB  . GLN B 1 52 ? -6.091  16.100  15.558  1.00 69.73 ? 53  GLN B CB  1 
ATOM   831 C CG  . GLN B 1 52 ? -5.787  16.876  16.831  1.00 68.27 ? 53  GLN B CG  1 
ATOM   832 C CD  . GLN B 1 52 ? -6.201  18.326  16.831  1.00 70.41 ? 53  GLN B CD  1 
ATOM   833 O OE1 . GLN B 1 52 ? -6.031  19.031  15.851  1.00 73.64 ? 53  GLN B OE1 1 
ATOM   834 N NE2 . GLN B 1 52 ? -6.713  18.797  17.954  1.00 68.60 ? 53  GLN B NE2 1 
ATOM   835 N N   . LEU B 1 53 ? -2.706  15.955  15.723  1.00 59.07 ? 54  LEU B N   1 
ATOM   836 C CA  . LEU B 1 53 ? -1.465  15.485  16.396  1.00 59.51 ? 54  LEU B CA  1 
ATOM   837 C C   . LEU B 1 53 ? -1.727  15.345  17.900  1.00 55.04 ? 54  LEU B C   1 
ATOM   838 O O   . LEU B 1 53 ? -2.015  14.209  18.324  1.00 42.72 ? 54  LEU B O   1 
ATOM   839 C CB  . LEU B 1 53 ? -0.340  16.489  16.123  1.00 63.25 ? 54  LEU B CB  1 
ATOM   840 C CG  . LEU B 1 53 ? 0.821   15.961  15.281  1.00 59.57 ? 54  LEU B CG  1 
ATOM   841 C CD1 . LEU B 1 53 ? 0.323   15.416  13.952  1.00 54.07 ? 54  LEU B CD1 1 
ATOM   842 C CD2 . LEU B 1 53 ? 1.863   17.046  15.056  1.00 59.52 ? 54  LEU B CD2 1 
HETATM 843 O O   . HOH C 2 .  ? -16.892 -10.969 -9.443  1.00 31.93 ? 101 HOH A O   1 
HETATM 844 O O   . HOH C 2 .  ? 1.972   1.566   12.177  1.00 38.22 ? 102 HOH A O   1 
HETATM 845 O O   . HOH C 2 .  ? 0.012   0.961   10.337  1.00 41.10 ? 103 HOH A O   1 
HETATM 846 O O   . HOH C 2 .  ? 2.576   -13.577 13.884  1.00 38.02 ? 104 HOH A O   1 
HETATM 847 O O   . HOH C 2 .  ? 6.709   -2.135  5.246   1.00 41.37 ? 105 HOH A O   1 
HETATM 848 O O   . HOH C 2 .  ? -13.513 -17.722 -0.185  1.00 28.02 ? 106 HOH A O   1 
HETATM 849 O O   . HOH C 2 .  ? -6.618  -0.256  4.011   1.00 48.26 ? 107 HOH A O   1 
HETATM 850 O O   . HOH C 2 .  ? -11.976 -4.439  -10.501 1.00 37.48 ? 108 HOH A O   1 
HETATM 851 O O   . HOH C 2 .  ? 16.174  -1.120  12.295  1.00 39.05 ? 109 HOH A O   1 
HETATM 852 O O   . HOH C 2 .  ? 7.972   -10.920 4.026   1.00 40.96 ? 110 HOH A O   1 
HETATM 853 O O   . HOH D 2 .  ? 13.102  0.282   -15.995 1.00 34.80 ? 101 HOH B O   1 
HETATM 854 O O   . HOH D 2 .  ? -7.985  10.093  4.846   1.00 31.25 ? 102 HOH B O   1 
HETATM 855 O O   . HOH D 2 .  ? -8.854  11.560  12.783  1.00 33.97 ? 103 HOH B O   1 
HETATM 856 O O   . HOH D 2 .  ? 3.712   8.730   10.132  1.00 14.05 ? 104 HOH B O   1 
# 
